data_2LSS
#
_entry.id   2LSS
#
_entity_poly.entity_id   1
_entity_poly.type   'polypeptide(L)'
_entity_poly.pdbx_seq_one_letter_code
;MATNIVGKVKWYNSTKNFGFIEQDNGGKDVFVHKSAVDAAGLHSLEEGQDVIFDLEEKQGKAYAVNLRIK
;
_entity_poly.pdbx_strand_id   A
#
# COMPACT_ATOMS: atom_id res chain seq x y z
N MET A 1 -13.02 2.66 -0.57
CA MET A 1 -13.84 3.13 0.55
C MET A 1 -13.30 2.60 1.89
N ALA A 2 -12.10 3.05 2.24
CA ALA A 2 -11.48 2.72 3.51
C ALA A 2 -10.34 3.71 3.75
N THR A 3 -10.21 4.22 4.94
CA THR A 3 -9.17 5.19 5.24
C THR A 3 -8.36 4.82 6.48
N ASN A 4 -7.10 5.29 6.53
CA ASN A 4 -6.19 5.12 7.69
C ASN A 4 -5.99 3.65 8.01
N ILE A 5 -5.82 2.86 6.98
CA ILE A 5 -5.72 1.42 7.09
C ILE A 5 -4.36 0.99 7.60
N VAL A 6 -4.37 -0.14 8.27
CA VAL A 6 -3.18 -0.76 8.76
C VAL A 6 -2.73 -1.83 7.79
N GLY A 7 -1.47 -1.89 7.57
CA GLY A 7 -0.91 -2.98 6.90
C GLY A 7 0.56 -2.90 6.82
N LYS A 8 1.12 -3.94 6.37
CA LYS A 8 2.53 -4.05 6.17
C LYS A 8 2.79 -4.33 4.72
N VAL A 9 3.87 -3.76 4.19
CA VAL A 9 4.27 -3.98 2.82
C VAL A 9 4.49 -5.48 2.63
N LYS A 10 3.56 -6.08 1.90
CA LYS A 10 3.54 -7.50 1.67
C LYS A 10 4.70 -7.87 0.77
N TRP A 11 4.90 -7.05 -0.23
CA TRP A 11 6.03 -7.10 -1.13
C TRP A 11 6.00 -5.90 -2.00
N TYR A 12 7.13 -5.53 -2.50
CA TYR A 12 7.26 -4.36 -3.35
C TYR A 12 8.53 -4.46 -4.15
N ASN A 13 8.40 -4.42 -5.44
CA ASN A 13 9.56 -4.44 -6.31
C ASN A 13 9.70 -3.11 -6.99
N SER A 14 10.70 -2.37 -6.57
CA SER A 14 10.97 -1.03 -7.05
C SER A 14 11.19 -0.97 -8.56
N THR A 15 11.60 -2.10 -9.14
CA THR A 15 11.83 -2.21 -10.58
C THR A 15 10.56 -1.84 -11.37
N LYS A 16 9.40 -2.19 -10.84
CA LYS A 16 8.16 -1.87 -11.53
C LYS A 16 7.34 -0.88 -10.71
N ASN A 17 7.79 -0.65 -9.47
CA ASN A 17 7.09 0.21 -8.49
C ASN A 17 5.71 -0.35 -8.12
N PHE A 18 5.57 -1.65 -8.25
CA PHE A 18 4.33 -2.32 -7.89
C PHE A 18 4.59 -3.28 -6.76
N GLY A 19 3.55 -3.61 -6.06
CA GLY A 19 3.62 -4.54 -4.98
C GLY A 19 2.28 -4.67 -4.32
N PHE A 20 2.27 -5.29 -3.18
CA PHE A 20 1.06 -5.49 -2.41
C PHE A 20 1.29 -5.18 -0.95
N ILE A 21 0.21 -5.11 -0.23
CA ILE A 21 0.23 -4.78 1.18
C ILE A 21 -0.80 -5.64 1.90
N GLU A 22 -0.46 -6.15 3.06
CA GLU A 22 -1.39 -6.90 3.87
C GLU A 22 -1.10 -6.54 5.31
N GLN A 23 -2.09 -6.41 6.12
CA GLN A 23 -1.79 -6.20 7.51
C GLN A 23 -1.56 -7.52 8.14
N ASP A 24 -0.75 -7.51 9.16
CA ASP A 24 -0.37 -8.71 9.89
C ASP A 24 -1.58 -9.43 10.48
N ASN A 25 -2.67 -8.70 10.63
CA ASN A 25 -3.87 -9.25 11.22
C ASN A 25 -4.74 -9.96 10.20
N GLY A 26 -4.28 -10.01 8.95
CA GLY A 26 -5.05 -10.70 7.95
C GLY A 26 -5.71 -9.77 6.99
N GLY A 27 -4.97 -8.79 6.52
CA GLY A 27 -5.52 -7.87 5.54
C GLY A 27 -5.48 -8.48 4.17
N LYS A 28 -6.35 -8.05 3.31
CA LYS A 28 -6.45 -8.62 1.99
C LYS A 28 -5.45 -8.04 1.01
N ASP A 29 -5.36 -8.68 -0.14
CA ASP A 29 -4.42 -8.29 -1.18
C ASP A 29 -4.79 -6.99 -1.85
N VAL A 30 -4.30 -5.94 -1.31
CA VAL A 30 -4.47 -4.66 -1.90
C VAL A 30 -3.15 -4.26 -2.53
N PHE A 31 -3.18 -3.97 -3.81
CA PHE A 31 -1.97 -3.64 -4.52
C PHE A 31 -1.62 -2.20 -4.36
N VAL A 32 -0.35 -1.95 -4.24
CA VAL A 32 0.12 -0.61 -4.08
C VAL A 32 0.58 -0.07 -5.42
N HIS A 33 0.11 1.10 -5.74
CA HIS A 33 0.46 1.74 -6.98
C HIS A 33 1.36 2.93 -6.67
N LYS A 34 2.28 3.25 -7.59
CA LYS A 34 3.22 4.35 -7.35
C LYS A 34 2.56 5.70 -7.05
N SER A 35 1.37 5.95 -7.61
CA SER A 35 0.62 7.19 -7.29
C SER A 35 0.41 7.34 -5.76
N ALA A 36 0.38 6.21 -5.05
CA ALA A 36 0.24 6.23 -3.60
C ALA A 36 1.53 6.65 -2.97
N VAL A 37 2.63 6.18 -3.55
CA VAL A 37 3.95 6.60 -3.12
C VAL A 37 4.07 8.06 -3.37
N ASP A 38 3.73 8.47 -4.57
CA ASP A 38 3.87 9.85 -5.01
C ASP A 38 2.96 10.76 -4.24
N ALA A 39 1.88 10.22 -3.66
CA ALA A 39 0.97 11.02 -2.86
C ALA A 39 1.70 11.70 -1.70
N ALA A 40 2.67 10.99 -1.16
CA ALA A 40 3.46 11.50 -0.05
C ALA A 40 4.92 11.63 -0.47
N GLY A 41 5.23 11.02 -1.59
CA GLY A 41 6.58 10.90 -2.08
C GLY A 41 7.39 10.07 -1.16
N LEU A 42 6.88 8.88 -0.92
CA LEU A 42 7.47 7.94 -0.02
C LEU A 42 8.83 7.56 -0.61
N HIS A 43 9.86 7.70 0.16
CA HIS A 43 11.20 7.57 -0.38
C HIS A 43 11.61 6.14 -0.69
N SER A 44 11.15 5.19 0.09
CA SER A 44 11.50 3.78 -0.11
C SER A 44 10.53 2.87 0.60
N LEU A 45 10.25 1.76 -0.02
CA LEU A 45 9.43 0.71 0.56
C LEU A 45 10.02 -0.62 0.23
N GLU A 46 9.91 -1.51 1.14
CA GLU A 46 10.28 -2.87 0.95
C GLU A 46 9.53 -3.69 1.98
N GLU A 47 9.60 -4.98 1.86
CA GLU A 47 8.93 -5.89 2.72
C GLU A 47 9.31 -5.63 4.17
N GLY A 48 8.32 -5.59 5.02
CA GLY A 48 8.55 -5.36 6.42
C GLY A 48 7.95 -4.06 6.92
N GLN A 49 7.93 -3.06 6.07
CA GLN A 49 7.42 -1.75 6.45
C GLN A 49 5.95 -1.74 6.78
N ASP A 50 5.65 -1.22 7.95
CA ASP A 50 4.27 -0.95 8.31
C ASP A 50 3.86 0.26 7.52
N VAL A 51 2.73 0.20 6.93
CA VAL A 51 2.29 1.26 6.14
C VAL A 51 0.82 1.52 6.39
N ILE A 52 0.51 2.74 6.39
CA ILE A 52 -0.80 3.22 6.67
C ILE A 52 -1.29 3.87 5.41
N PHE A 53 -2.41 3.44 4.91
CA PHE A 53 -2.88 3.93 3.63
C PHE A 53 -4.37 4.08 3.61
N ASP A 54 -4.87 4.52 2.50
CA ASP A 54 -6.29 4.59 2.28
C ASP A 54 -6.55 3.68 1.13
N LEU A 55 -7.75 3.24 1.01
CA LEU A 55 -8.07 2.30 -0.01
C LEU A 55 -9.31 2.68 -0.77
N GLU A 56 -9.13 2.74 -2.03
CA GLU A 56 -10.17 2.98 -2.99
C GLU A 56 -10.24 1.83 -3.93
N GLU A 57 -11.35 1.67 -4.53
CA GLU A 57 -11.56 0.55 -5.36
C GLU A 57 -11.41 0.86 -6.82
N LYS A 58 -11.08 -0.16 -7.54
CA LYS A 58 -10.93 -0.15 -8.97
C LYS A 58 -11.96 -1.10 -9.51
N GLN A 59 -13.17 -0.60 -9.70
CA GLN A 59 -14.35 -1.40 -10.07
C GLN A 59 -14.70 -2.36 -8.93
N GLY A 60 -13.92 -3.42 -8.78
CA GLY A 60 -14.08 -4.33 -7.69
C GLY A 60 -12.74 -4.66 -7.05
N LYS A 61 -11.65 -4.15 -7.63
CA LYS A 61 -10.30 -4.41 -7.14
C LYS A 61 -9.89 -3.36 -6.11
N ALA A 62 -8.84 -3.64 -5.39
CA ALA A 62 -8.41 -2.77 -4.29
C ALA A 62 -6.98 -2.27 -4.49
N TYR A 63 -6.80 -0.94 -4.49
CA TYR A 63 -5.46 -0.35 -4.59
C TYR A 63 -5.20 0.63 -3.47
N ALA A 64 -4.05 0.49 -2.87
CA ALA A 64 -3.61 1.31 -1.76
C ALA A 64 -3.14 2.65 -2.24
N VAL A 65 -3.57 3.69 -1.56
CA VAL A 65 -3.24 5.07 -1.87
C VAL A 65 -2.95 5.80 -0.59
N ASN A 66 -2.34 6.98 -0.69
CA ASN A 66 -2.02 7.81 0.48
C ASN A 66 -1.16 7.05 1.48
N LEU A 67 0.04 6.69 1.09
CA LEU A 67 0.88 5.91 1.97
C LEU A 67 1.56 6.76 3.01
N ARG A 68 1.67 6.21 4.19
CA ARG A 68 2.36 6.83 5.27
C ARG A 68 3.14 5.71 5.95
N ILE A 69 4.39 5.94 6.22
CA ILE A 69 5.22 4.92 6.80
C ILE A 69 5.27 4.89 8.32
N LYS A 70 4.44 4.03 8.86
CA LYS A 70 4.36 3.70 10.28
C LYS A 70 4.38 4.93 11.21
N MET A 1 -13.18 3.58 -0.80
CA MET A 1 -13.01 4.61 0.21
C MET A 1 -13.01 4.02 1.61
N ALA A 2 -11.83 3.79 2.08
CA ALA A 2 -11.58 3.33 3.42
C ALA A 2 -10.35 4.07 3.88
N THR A 3 -10.44 4.76 4.97
CA THR A 3 -9.35 5.60 5.38
C THR A 3 -8.63 5.06 6.59
N ASN A 4 -7.33 5.37 6.63
CA ASN A 4 -6.40 4.96 7.68
C ASN A 4 -6.44 3.48 7.92
N ILE A 5 -5.82 2.78 7.03
CA ILE A 5 -5.78 1.37 7.08
C ILE A 5 -4.44 0.91 7.58
N VAL A 6 -4.46 -0.13 8.34
CA VAL A 6 -3.27 -0.73 8.83
C VAL A 6 -2.82 -1.79 7.88
N GLY A 7 -1.58 -1.78 7.59
CA GLY A 7 -1.01 -2.83 6.86
C GLY A 7 0.47 -2.84 6.96
N LYS A 8 1.02 -3.85 6.46
CA LYS A 8 2.43 -4.01 6.36
C LYS A 8 2.78 -4.23 4.91
N VAL A 9 3.89 -3.69 4.49
CA VAL A 9 4.36 -3.87 3.16
C VAL A 9 4.68 -5.35 2.98
N LYS A 10 3.88 -5.98 2.17
CA LYS A 10 3.96 -7.40 1.89
C LYS A 10 5.12 -7.64 0.94
N TRP A 11 5.25 -6.76 -0.03
CA TRP A 11 6.37 -6.71 -0.96
C TRP A 11 6.20 -5.55 -1.88
N TYR A 12 7.27 -5.13 -2.50
CA TYR A 12 7.21 -4.04 -3.43
C TYR A 12 8.36 -4.15 -4.41
N ASN A 13 8.04 -3.96 -5.67
CA ASN A 13 9.02 -3.99 -6.72
C ASN A 13 9.01 -2.67 -7.45
N SER A 14 10.03 -1.87 -7.21
CA SER A 14 10.14 -0.53 -7.77
C SER A 14 10.18 -0.55 -9.29
N THR A 15 10.77 -1.60 -9.86
CA THR A 15 10.90 -1.75 -11.30
C THR A 15 9.51 -1.81 -11.97
N LYS A 16 8.52 -2.32 -11.23
CA LYS A 16 7.19 -2.48 -11.80
C LYS A 16 6.22 -1.40 -11.30
N ASN A 17 6.67 -0.61 -10.31
CA ASN A 17 5.80 0.44 -9.68
C ASN A 17 4.59 -0.23 -8.98
N PHE A 18 4.77 -1.49 -8.56
CA PHE A 18 3.74 -2.28 -7.90
C PHE A 18 4.29 -3.06 -6.73
N GLY A 19 3.38 -3.55 -5.94
CA GLY A 19 3.66 -4.36 -4.81
C GLY A 19 2.38 -4.67 -4.10
N PHE A 20 2.45 -5.26 -2.96
CA PHE A 20 1.28 -5.57 -2.16
C PHE A 20 1.47 -5.17 -0.73
N ILE A 21 0.36 -5.02 -0.05
CA ILE A 21 0.33 -4.61 1.32
C ILE A 21 -0.83 -5.33 2.01
N GLU A 22 -0.56 -5.92 3.13
CA GLU A 22 -1.58 -6.53 3.95
C GLU A 22 -1.18 -6.29 5.37
N GLN A 23 -2.09 -6.18 6.26
CA GLN A 23 -1.68 -6.03 7.63
C GLN A 23 -1.22 -7.34 8.12
N ASP A 24 -0.26 -7.27 8.98
CA ASP A 24 0.38 -8.44 9.60
C ASP A 24 -0.66 -9.31 10.33
N ASN A 25 -1.75 -8.69 10.66
CA ASN A 25 -2.85 -9.35 11.35
C ASN A 25 -3.70 -10.20 10.38
N GLY A 26 -3.25 -10.29 9.14
CA GLY A 26 -3.96 -11.08 8.17
C GLY A 26 -4.97 -10.25 7.41
N GLY A 27 -4.52 -9.13 6.90
CA GLY A 27 -5.40 -8.25 6.19
C GLY A 27 -5.64 -8.69 4.78
N LYS A 28 -6.55 -8.01 4.13
CA LYS A 28 -6.92 -8.30 2.78
C LYS A 28 -5.81 -7.89 1.83
N ASP A 29 -5.74 -8.56 0.71
CA ASP A 29 -4.72 -8.26 -0.27
C ASP A 29 -5.10 -7.06 -1.11
N VAL A 30 -4.31 -6.06 -0.99
CA VAL A 30 -4.46 -4.87 -1.76
C VAL A 30 -3.10 -4.48 -2.32
N PHE A 31 -3.06 -4.15 -3.59
CA PHE A 31 -1.81 -3.83 -4.21
C PHE A 31 -1.49 -2.37 -4.08
N VAL A 32 -0.25 -2.07 -4.08
CA VAL A 32 0.20 -0.73 -3.99
C VAL A 32 0.79 -0.30 -5.33
N HIS A 33 0.31 0.79 -5.84
CA HIS A 33 0.81 1.32 -7.07
C HIS A 33 1.60 2.59 -6.77
N LYS A 34 2.51 2.97 -7.66
CA LYS A 34 3.39 4.10 -7.41
C LYS A 34 2.64 5.43 -7.25
N SER A 35 1.43 5.51 -7.78
CA SER A 35 0.58 6.68 -7.56
C SER A 35 0.39 6.93 -6.04
N ALA A 36 0.46 5.87 -5.24
CA ALA A 36 0.36 5.98 -3.81
C ALA A 36 1.66 6.52 -3.23
N VAL A 37 2.76 6.14 -3.86
CA VAL A 37 4.04 6.66 -3.47
C VAL A 37 4.07 8.12 -3.80
N ASP A 38 3.66 8.45 -5.01
CA ASP A 38 3.61 9.84 -5.45
C ASP A 38 2.63 10.66 -4.66
N ALA A 39 1.64 10.00 -4.05
CA ALA A 39 0.66 10.70 -3.25
C ALA A 39 1.29 11.35 -2.00
N ALA A 40 2.39 10.78 -1.51
CA ALA A 40 3.05 11.30 -0.31
C ALA A 40 4.56 11.49 -0.51
N GLY A 41 5.09 10.78 -1.46
CA GLY A 41 6.51 10.75 -1.75
C GLY A 41 7.22 9.85 -0.78
N LEU A 42 6.72 8.64 -0.66
CA LEU A 42 7.24 7.66 0.25
C LEU A 42 8.66 7.29 -0.23
N HIS A 43 9.61 7.34 0.69
CA HIS A 43 11.02 7.18 0.36
C HIS A 43 11.33 5.80 -0.24
N SER A 44 10.71 4.75 0.28
CA SER A 44 10.97 3.40 -0.21
C SER A 44 9.97 2.44 0.40
N LEU A 45 9.76 1.33 -0.26
CA LEU A 45 8.91 0.29 0.24
C LEU A 45 9.57 -1.03 0.02
N GLU A 46 9.56 -1.79 1.03
CA GLU A 46 10.06 -3.13 1.08
C GLU A 46 9.41 -3.79 2.27
N GLU A 47 9.42 -5.10 2.29
CA GLU A 47 8.69 -5.83 3.31
C GLU A 47 9.23 -5.62 4.70
N GLY A 48 8.35 -5.81 5.67
CA GLY A 48 8.72 -5.66 7.06
C GLY A 48 8.25 -4.34 7.63
N GLN A 49 8.00 -3.40 6.76
CA GLN A 49 7.58 -2.09 7.15
C GLN A 49 6.09 -2.01 7.26
N ASP A 50 5.63 -1.44 8.34
CA ASP A 50 4.21 -1.23 8.51
C ASP A 50 3.84 0.08 7.90
N VAL A 51 2.75 0.10 7.24
CA VAL A 51 2.35 1.24 6.52
C VAL A 51 0.87 1.49 6.66
N ILE A 52 0.52 2.72 6.60
CA ILE A 52 -0.82 3.18 6.72
C ILE A 52 -1.21 3.71 5.36
N PHE A 53 -2.38 3.40 4.91
CA PHE A 53 -2.83 3.88 3.63
C PHE A 53 -4.31 4.05 3.63
N ASP A 54 -4.83 4.51 2.53
CA ASP A 54 -6.23 4.63 2.35
C ASP A 54 -6.55 3.77 1.18
N LEU A 55 -7.72 3.29 1.09
CA LEU A 55 -8.04 2.37 0.04
C LEU A 55 -9.16 2.85 -0.85
N GLU A 56 -8.88 2.77 -2.12
CA GLU A 56 -9.78 3.11 -3.18
C GLU A 56 -9.95 1.97 -4.13
N GLU A 57 -11.11 1.90 -4.71
CA GLU A 57 -11.43 0.84 -5.59
C GLU A 57 -11.29 1.29 -7.04
N LYS A 58 -10.54 0.53 -7.78
CA LYS A 58 -10.22 0.79 -9.18
C LYS A 58 -11.25 0.05 -10.07
N GLN A 59 -12.44 -0.13 -9.50
CA GLN A 59 -13.54 -0.87 -10.12
C GLN A 59 -13.11 -2.34 -10.27
N GLY A 60 -13.42 -3.10 -9.26
CA GLY A 60 -13.04 -4.49 -9.22
C GLY A 60 -11.71 -4.71 -8.53
N LYS A 61 -10.75 -3.86 -8.86
CA LYS A 61 -9.43 -3.95 -8.27
C LYS A 61 -9.32 -2.99 -7.09
N ALA A 62 -8.47 -3.31 -6.16
CA ALA A 62 -8.30 -2.50 -4.96
C ALA A 62 -6.83 -2.15 -4.78
N TYR A 63 -6.52 -0.86 -4.73
CA TYR A 63 -5.14 -0.44 -4.59
C TYR A 63 -4.96 0.57 -3.48
N ALA A 64 -3.88 0.40 -2.77
CA ALA A 64 -3.51 1.25 -1.66
C ALA A 64 -3.05 2.58 -2.16
N VAL A 65 -3.50 3.62 -1.51
CA VAL A 65 -3.15 4.99 -1.86
C VAL A 65 -2.85 5.77 -0.60
N ASN A 66 -2.19 6.92 -0.76
CA ASN A 66 -1.86 7.83 0.35
C ASN A 66 -1.06 7.12 1.43
N LEU A 67 0.11 6.66 1.10
CA LEU A 67 0.89 5.89 2.04
C LEU A 67 1.51 6.77 3.11
N ARG A 68 1.67 6.19 4.27
CA ARG A 68 2.30 6.79 5.40
C ARG A 68 2.98 5.69 6.19
N ILE A 69 4.22 5.86 6.55
CA ILE A 69 4.89 4.88 7.35
C ILE A 69 4.42 4.90 8.77
N LYS A 70 4.22 3.73 9.32
CA LYS A 70 3.84 3.58 10.70
C LYS A 70 5.01 3.98 11.61
N MET A 1 -12.05 5.74 0.10
CA MET A 1 -13.11 5.00 0.81
C MET A 1 -12.72 4.76 2.27
N ALA A 2 -11.79 3.84 2.50
CA ALA A 2 -11.36 3.51 3.85
C ALA A 2 -10.10 4.29 4.16
N THR A 3 -10.17 5.10 5.18
CA THR A 3 -9.09 5.99 5.55
C THR A 3 -8.20 5.40 6.66
N ASN A 4 -6.88 5.61 6.53
CA ASN A 4 -5.87 5.15 7.52
C ASN A 4 -6.01 3.70 7.92
N ILE A 5 -5.66 2.86 7.02
CA ILE A 5 -5.68 1.43 7.21
C ILE A 5 -4.34 0.94 7.69
N VAL A 6 -4.36 -0.12 8.43
CA VAL A 6 -3.18 -0.76 8.90
C VAL A 6 -2.74 -1.83 7.94
N GLY A 7 -1.48 -1.90 7.74
CA GLY A 7 -0.91 -2.97 7.04
C GLY A 7 0.55 -2.92 7.04
N LYS A 8 1.11 -3.88 6.44
CA LYS A 8 2.50 -4.00 6.25
C LYS A 8 2.77 -4.35 4.79
N VAL A 9 3.83 -3.80 4.23
CA VAL A 9 4.20 -4.07 2.87
C VAL A 9 4.47 -5.57 2.71
N LYS A 10 3.55 -6.20 2.00
CA LYS A 10 3.52 -7.62 1.76
C LYS A 10 4.69 -8.01 0.88
N TRP A 11 4.94 -7.16 -0.11
CA TRP A 11 6.08 -7.23 -1.01
C TRP A 11 6.01 -6.06 -1.94
N TYR A 12 7.12 -5.72 -2.55
CA TYR A 12 7.17 -4.58 -3.43
C TYR A 12 8.37 -4.67 -4.34
N ASN A 13 8.15 -4.44 -5.61
CA ASN A 13 9.21 -4.43 -6.59
C ASN A 13 9.24 -3.10 -7.28
N SER A 14 10.19 -2.29 -6.91
CA SER A 14 10.35 -0.94 -7.40
C SER A 14 10.46 -0.88 -8.93
N THR A 15 11.07 -1.92 -9.52
CA THR A 15 11.27 -1.96 -10.96
C THR A 15 9.94 -1.91 -11.74
N LYS A 16 8.90 -2.52 -11.21
CA LYS A 16 7.59 -2.48 -11.87
C LYS A 16 6.68 -1.46 -11.24
N ASN A 17 7.15 -0.89 -10.13
CA ASN A 17 6.42 0.12 -9.34
C ASN A 17 5.18 -0.50 -8.68
N PHE A 18 5.18 -1.81 -8.53
CA PHE A 18 4.04 -2.50 -7.94
C PHE A 18 4.44 -3.37 -6.78
N GLY A 19 3.51 -3.55 -5.88
CA GLY A 19 3.66 -4.39 -4.76
C GLY A 19 2.35 -4.60 -4.09
N PHE A 20 2.35 -5.27 -2.99
CA PHE A 20 1.14 -5.53 -2.23
C PHE A 20 1.35 -5.22 -0.78
N ILE A 21 0.26 -5.11 -0.06
CA ILE A 21 0.27 -4.80 1.35
C ILE A 21 -0.78 -5.66 2.06
N GLU A 22 -0.44 -6.16 3.23
CA GLU A 22 -1.38 -6.91 4.03
C GLU A 22 -1.11 -6.54 5.46
N GLN A 23 -2.09 -6.46 6.29
CA GLN A 23 -1.78 -6.23 7.66
C GLN A 23 -1.48 -7.51 8.32
N ASP A 24 -0.67 -7.43 9.33
CA ASP A 24 -0.25 -8.56 10.15
C ASP A 24 -1.45 -9.28 10.77
N ASN A 25 -2.57 -8.59 10.81
CA ASN A 25 -3.77 -9.15 11.38
C ASN A 25 -4.57 -9.93 10.35
N GLY A 26 -4.08 -9.99 9.11
CA GLY A 26 -4.79 -10.73 8.09
C GLY A 26 -5.58 -9.84 7.16
N GLY A 27 -4.92 -8.82 6.62
CA GLY A 27 -5.62 -7.93 5.69
C GLY A 27 -5.63 -8.51 4.28
N LYS A 28 -6.66 -8.18 3.52
CA LYS A 28 -6.82 -8.73 2.17
C LYS A 28 -5.75 -8.24 1.18
N ASP A 29 -5.76 -8.82 -0.02
CA ASP A 29 -4.78 -8.49 -1.05
C ASP A 29 -5.05 -7.13 -1.67
N VAL A 30 -4.33 -6.16 -1.23
CA VAL A 30 -4.40 -4.86 -1.81
C VAL A 30 -3.04 -4.51 -2.39
N PHE A 31 -3.03 -4.08 -3.63
CA PHE A 31 -1.79 -3.72 -4.26
C PHE A 31 -1.49 -2.26 -4.09
N VAL A 32 -0.26 -1.95 -3.90
CA VAL A 32 0.13 -0.60 -3.72
C VAL A 32 0.54 -0.01 -5.06
N HIS A 33 -0.12 1.05 -5.43
CA HIS A 33 0.17 1.72 -6.66
C HIS A 33 1.09 2.89 -6.36
N LYS A 34 2.05 3.12 -7.24
CA LYS A 34 3.11 4.08 -6.95
C LYS A 34 2.67 5.54 -7.09
N SER A 35 1.50 5.78 -7.66
CA SER A 35 0.97 7.14 -7.71
C SER A 35 0.74 7.66 -6.28
N ALA A 36 0.63 6.75 -5.32
CA ALA A 36 0.51 7.13 -3.92
C ALA A 36 1.84 7.65 -3.41
N VAL A 37 2.94 6.99 -3.82
CA VAL A 37 4.26 7.48 -3.48
C VAL A 37 4.48 8.79 -4.21
N ASP A 38 3.95 8.87 -5.39
CA ASP A 38 4.02 10.08 -6.21
C ASP A 38 3.22 11.22 -5.57
N ALA A 39 2.17 10.86 -4.85
CA ALA A 39 1.29 11.84 -4.23
C ALA A 39 1.96 12.58 -3.08
N ALA A 40 2.78 11.88 -2.32
CA ALA A 40 3.39 12.50 -1.12
C ALA A 40 4.91 12.40 -1.10
N GLY A 41 5.45 11.64 -2.01
CA GLY A 41 6.87 11.37 -2.03
C GLY A 41 7.27 10.53 -0.87
N LEU A 42 6.65 9.36 -0.78
CA LEU A 42 6.89 8.42 0.27
C LEU A 42 8.34 7.96 0.15
N HIS A 43 9.04 7.99 1.26
CA HIS A 43 10.48 7.72 1.32
C HIS A 43 10.90 6.41 0.63
N SER A 44 10.35 5.29 1.07
CA SER A 44 10.75 3.99 0.51
C SER A 44 9.84 2.86 1.00
N LEU A 45 9.65 1.87 0.15
CA LEU A 45 8.90 0.69 0.52
C LEU A 45 9.73 -0.55 0.28
N GLU A 46 9.48 -1.53 1.10
CA GLU A 46 10.07 -2.84 1.02
C GLU A 46 9.25 -3.70 1.94
N GLU A 47 9.32 -4.99 1.81
CA GLU A 47 8.56 -5.84 2.68
C GLU A 47 9.08 -5.78 4.09
N GLY A 48 8.19 -5.98 5.02
CA GLY A 48 8.53 -5.85 6.42
C GLY A 48 8.19 -4.47 6.97
N GLN A 49 7.95 -3.52 6.07
CA GLN A 49 7.60 -2.16 6.45
C GLN A 49 6.13 -2.03 6.77
N ASP A 50 5.83 -1.62 7.96
CA ASP A 50 4.45 -1.34 8.35
C ASP A 50 4.02 -0.07 7.65
N VAL A 51 2.86 -0.06 7.10
CA VAL A 51 2.42 1.08 6.37
C VAL A 51 0.93 1.31 6.53
N ILE A 52 0.58 2.54 6.50
CA ILE A 52 -0.76 3.02 6.66
C ILE A 52 -1.21 3.55 5.31
N PHE A 53 -2.39 3.18 4.90
CA PHE A 53 -2.88 3.62 3.60
C PHE A 53 -4.37 3.80 3.60
N ASP A 54 -4.86 4.28 2.52
CA ASP A 54 -6.26 4.41 2.26
C ASP A 54 -6.59 3.46 1.17
N LEU A 55 -7.76 2.92 1.20
CA LEU A 55 -8.15 1.95 0.21
C LEU A 55 -9.47 2.30 -0.40
N GLU A 56 -9.51 2.16 -1.68
CA GLU A 56 -10.66 2.39 -2.48
C GLU A 56 -10.50 1.50 -3.70
N GLU A 57 -11.57 0.96 -4.21
CA GLU A 57 -11.48 -0.01 -5.27
C GLU A 57 -11.40 0.60 -6.65
N LYS A 58 -10.57 -0.01 -7.46
CA LYS A 58 -10.39 0.31 -8.86
C LYS A 58 -11.29 -0.64 -9.62
N GLN A 59 -12.57 -0.29 -9.66
CA GLN A 59 -13.63 -1.12 -10.23
C GLN A 59 -13.80 -2.41 -9.41
N GLY A 60 -12.95 -3.39 -9.67
CA GLY A 60 -12.99 -4.63 -8.95
C GLY A 60 -11.66 -4.90 -8.29
N LYS A 61 -10.65 -4.09 -8.59
CA LYS A 61 -9.32 -4.25 -8.01
C LYS A 61 -9.21 -3.41 -6.76
N ALA A 62 -8.21 -3.67 -5.96
CA ALA A 62 -8.01 -2.94 -4.72
C ALA A 62 -6.60 -2.39 -4.67
N TYR A 63 -6.48 -1.07 -4.59
CA TYR A 63 -5.17 -0.46 -4.56
C TYR A 63 -5.01 0.48 -3.38
N ALA A 64 -3.87 0.38 -2.76
CA ALA A 64 -3.51 1.18 -1.61
C ALA A 64 -2.98 2.53 -2.04
N VAL A 65 -3.49 3.57 -1.40
CA VAL A 65 -3.13 4.95 -1.67
C VAL A 65 -2.94 5.68 -0.37
N ASN A 66 -2.54 6.96 -0.45
CA ASN A 66 -2.35 7.83 0.74
C ASN A 66 -1.47 7.12 1.78
N LEU A 67 -0.25 6.87 1.40
CA LEU A 67 0.66 6.10 2.22
C LEU A 67 1.33 6.94 3.31
N ARG A 68 1.56 6.27 4.41
CA ARG A 68 2.26 6.80 5.55
C ARG A 68 2.93 5.59 6.20
N ILE A 69 4.19 5.66 6.51
CA ILE A 69 4.85 4.52 7.08
C ILE A 69 4.88 4.54 8.59
N LYS A 70 4.81 3.36 9.15
CA LYS A 70 5.00 3.16 10.58
C LYS A 70 6.44 2.70 10.82
N MET A 1 -15.61 -0.01 6.59
CA MET A 1 -15.05 1.26 6.15
C MET A 1 -13.55 1.17 6.21
N ALA A 2 -12.87 1.36 5.10
CA ALA A 2 -11.44 1.19 5.08
C ALA A 2 -10.69 2.40 4.54
N THR A 3 -10.35 3.30 5.44
CA THR A 3 -9.53 4.47 5.19
C THR A 3 -8.60 4.66 6.37
N ASN A 4 -7.34 5.05 6.11
CA ASN A 4 -6.27 5.03 7.13
C ASN A 4 -6.15 3.59 7.60
N ILE A 5 -5.58 2.80 6.75
CA ILE A 5 -5.48 1.38 6.91
C ILE A 5 -4.14 0.96 7.39
N VAL A 6 -4.14 -0.07 8.16
CA VAL A 6 -2.96 -0.66 8.67
C VAL A 6 -2.50 -1.75 7.72
N GLY A 7 -1.23 -1.84 7.53
CA GLY A 7 -0.69 -2.96 6.87
C GLY A 7 0.78 -2.92 6.75
N LYS A 8 1.35 -4.04 6.51
CA LYS A 8 2.74 -4.17 6.28
C LYS A 8 2.96 -4.42 4.82
N VAL A 9 3.99 -3.81 4.27
CA VAL A 9 4.35 -4.02 2.89
C VAL A 9 4.63 -5.49 2.69
N LYS A 10 3.73 -6.11 1.98
CA LYS A 10 3.71 -7.53 1.71
C LYS A 10 4.89 -7.86 0.80
N TRP A 11 5.09 -6.99 -0.18
CA TRP A 11 6.22 -7.03 -1.09
C TRP A 11 6.11 -5.83 -1.97
N TYR A 12 7.20 -5.46 -2.59
CA TYR A 12 7.23 -4.30 -3.44
C TYR A 12 8.43 -4.32 -4.34
N ASN A 13 8.21 -4.07 -5.60
CA ASN A 13 9.28 -3.97 -6.55
C ASN A 13 9.33 -2.55 -7.03
N SER A 14 10.32 -1.82 -6.54
CA SER A 14 10.48 -0.43 -6.89
C SER A 14 10.71 -0.26 -8.38
N THR A 15 11.43 -1.20 -8.97
CA THR A 15 11.74 -1.19 -10.37
C THR A 15 10.46 -1.31 -11.21
N LYS A 16 9.48 -2.06 -10.70
CA LYS A 16 8.23 -2.27 -11.43
C LYS A 16 7.18 -1.25 -11.01
N ASN A 17 7.50 -0.49 -9.98
CA ASN A 17 6.63 0.57 -9.44
C ASN A 17 5.35 0.01 -8.79
N PHE A 18 5.37 -1.26 -8.36
CA PHE A 18 4.21 -1.84 -7.70
C PHE A 18 4.57 -2.96 -6.73
N GLY A 19 3.61 -3.35 -5.95
CA GLY A 19 3.74 -4.42 -4.99
C GLY A 19 2.42 -4.64 -4.29
N PHE A 20 2.46 -5.18 -3.09
CA PHE A 20 1.26 -5.43 -2.29
C PHE A 20 1.49 -5.10 -0.83
N ILE A 21 0.42 -5.09 -0.05
CA ILE A 21 0.45 -4.77 1.37
C ILE A 21 -0.61 -5.62 2.07
N GLU A 22 -0.30 -6.14 3.26
CA GLU A 22 -1.30 -6.84 4.02
C GLU A 22 -1.08 -6.50 5.47
N GLN A 23 -2.11 -6.30 6.21
CA GLN A 23 -1.90 -6.09 7.61
C GLN A 23 -1.81 -7.38 8.27
N ASP A 24 -1.00 -7.42 9.27
CA ASP A 24 -0.77 -8.60 10.09
C ASP A 24 -2.06 -9.05 10.75
N ASN A 25 -3.05 -8.18 10.73
CA ASN A 25 -4.32 -8.47 11.32
C ASN A 25 -5.22 -9.17 10.33
N GLY A 26 -4.77 -9.33 9.08
CA GLY A 26 -5.63 -10.00 8.12
C GLY A 26 -6.21 -9.08 7.07
N GLY A 27 -5.36 -8.32 6.42
CA GLY A 27 -5.85 -7.44 5.36
C GLY A 27 -5.87 -8.18 4.03
N LYS A 28 -6.84 -7.86 3.17
CA LYS A 28 -7.00 -8.55 1.89
C LYS A 28 -6.00 -8.11 0.82
N ASP A 29 -6.17 -8.64 -0.39
CA ASP A 29 -5.30 -8.33 -1.52
C ASP A 29 -5.48 -6.91 -1.99
N VAL A 30 -4.60 -6.06 -1.58
CA VAL A 30 -4.58 -4.72 -2.05
C VAL A 30 -3.17 -4.41 -2.53
N PHE A 31 -3.05 -4.00 -3.77
CA PHE A 31 -1.75 -3.75 -4.31
C PHE A 31 -1.34 -2.32 -4.13
N VAL A 32 -0.09 -2.10 -3.95
CA VAL A 32 0.40 -0.78 -3.82
C VAL A 32 1.09 -0.37 -5.10
N HIS A 33 0.64 0.71 -5.65
CA HIS A 33 1.21 1.22 -6.87
C HIS A 33 1.99 2.48 -6.53
N LYS A 34 3.05 2.77 -7.30
CA LYS A 34 3.92 3.91 -7.01
C LYS A 34 3.19 5.25 -7.02
N SER A 35 2.06 5.34 -7.67
CA SER A 35 1.24 6.54 -7.59
C SER A 35 0.86 6.86 -6.10
N ALA A 36 0.90 5.83 -5.25
CA ALA A 36 0.66 6.01 -3.83
C ALA A 36 1.90 6.56 -3.16
N VAL A 37 3.06 6.12 -3.65
CA VAL A 37 4.33 6.69 -3.23
C VAL A 37 4.33 8.13 -3.62
N ASP A 38 3.99 8.36 -4.86
CA ASP A 38 3.94 9.68 -5.46
C ASP A 38 3.00 10.60 -4.71
N ALA A 39 1.92 10.02 -4.16
CA ALA A 39 0.92 10.80 -3.42
C ALA A 39 1.52 11.52 -2.21
N ALA A 40 2.54 10.94 -1.64
CA ALA A 40 3.14 11.52 -0.45
C ALA A 40 4.64 11.65 -0.59
N GLY A 41 5.16 11.24 -1.73
CA GLY A 41 6.60 11.14 -1.95
C GLY A 41 7.24 10.28 -0.89
N LEU A 42 6.72 9.08 -0.77
CA LEU A 42 7.20 8.12 0.19
C LEU A 42 8.65 7.77 -0.20
N HIS A 43 9.53 7.67 0.78
CA HIS A 43 10.95 7.48 0.50
C HIS A 43 11.22 6.16 -0.25
N SER A 44 10.87 5.05 0.37
CA SER A 44 11.11 3.73 -0.21
C SER A 44 10.21 2.70 0.46
N LEU A 45 9.85 1.65 -0.27
CA LEU A 45 9.07 0.58 0.28
C LEU A 45 9.80 -0.73 0.09
N GLU A 46 9.63 -1.60 1.01
CA GLU A 46 10.21 -2.91 1.01
C GLU A 46 9.41 -3.73 1.96
N GLU A 47 9.49 -5.03 1.87
CA GLU A 47 8.72 -5.86 2.76
C GLU A 47 9.22 -5.73 4.17
N GLY A 48 8.32 -5.86 5.10
CA GLY A 48 8.66 -5.69 6.50
C GLY A 48 8.34 -4.29 7.00
N GLN A 49 8.13 -3.36 6.08
CA GLN A 49 7.78 -2.00 6.43
C GLN A 49 6.31 -1.90 6.70
N ASP A 50 5.98 -1.33 7.83
CA ASP A 50 4.58 -1.10 8.12
C ASP A 50 4.17 0.21 7.56
N VAL A 51 3.02 0.25 7.00
CA VAL A 51 2.56 1.39 6.29
C VAL A 51 1.08 1.62 6.53
N ILE A 52 0.67 2.83 6.39
CA ILE A 52 -0.71 3.22 6.56
C ILE A 52 -1.15 3.81 5.24
N PHE A 53 -2.28 3.39 4.73
CA PHE A 53 -2.74 3.85 3.43
C PHE A 53 -4.23 4.01 3.40
N ASP A 54 -4.74 4.42 2.28
CA ASP A 54 -6.16 4.45 2.06
C ASP A 54 -6.45 3.53 0.93
N LEU A 55 -7.66 3.12 0.84
CA LEU A 55 -8.05 2.19 -0.15
C LEU A 55 -9.36 2.59 -0.77
N GLU A 56 -9.39 2.55 -2.06
CA GLU A 56 -10.57 2.84 -2.82
C GLU A 56 -10.76 1.72 -3.80
N GLU A 57 -11.98 1.40 -4.08
CA GLU A 57 -12.29 0.30 -4.95
C GLU A 57 -12.29 0.71 -6.39
N LYS A 58 -11.33 0.20 -7.12
CA LYS A 58 -11.19 0.43 -8.52
C LYS A 58 -12.08 -0.57 -9.23
N GLN A 59 -13.35 -0.22 -9.39
CA GLN A 59 -14.40 -1.07 -9.96
C GLN A 59 -14.69 -2.26 -9.02
N GLY A 60 -13.76 -3.18 -8.96
CA GLY A 60 -13.85 -4.32 -8.07
C GLY A 60 -12.49 -4.65 -7.50
N LYS A 61 -11.47 -3.97 -8.00
CA LYS A 61 -10.11 -4.18 -7.60
C LYS A 61 -9.74 -3.23 -6.44
N ALA A 62 -8.64 -3.49 -5.78
CA ALA A 62 -8.24 -2.72 -4.63
C ALA A 62 -6.76 -2.35 -4.72
N TYR A 63 -6.46 -1.06 -4.62
CA TYR A 63 -5.08 -0.61 -4.60
C TYR A 63 -4.86 0.44 -3.53
N ALA A 64 -3.74 0.34 -2.87
CA ALA A 64 -3.36 1.22 -1.79
C ALA A 64 -2.89 2.56 -2.30
N VAL A 65 -3.35 3.61 -1.63
CA VAL A 65 -3.01 4.99 -1.98
C VAL A 65 -2.71 5.76 -0.71
N ASN A 66 -2.09 6.94 -0.85
CA ASN A 66 -1.78 7.85 0.28
C ASN A 66 -0.96 7.14 1.36
N LEU A 67 0.23 6.76 1.03
CA LEU A 67 1.02 6.01 1.97
C LEU A 67 1.66 6.88 3.03
N ARG A 68 1.65 6.35 4.23
CA ARG A 68 2.30 6.91 5.35
C ARG A 68 3.17 5.83 5.93
N ILE A 69 4.37 6.12 6.30
CA ILE A 69 5.14 5.16 6.98
C ILE A 69 4.73 5.12 8.43
N LYS A 70 4.53 3.93 8.92
CA LYS A 70 4.21 3.74 10.31
C LYS A 70 5.34 4.28 11.17
N MET A 1 -15.27 3.08 0.76
CA MET A 1 -14.28 3.97 1.39
C MET A 1 -13.69 3.29 2.60
N ALA A 2 -12.39 3.21 2.61
CA ALA A 2 -11.67 2.67 3.72
C ALA A 2 -10.52 3.60 4.01
N THR A 3 -10.60 4.29 5.11
CA THR A 3 -9.60 5.26 5.47
C THR A 3 -8.83 4.80 6.68
N ASN A 4 -7.55 5.17 6.73
CA ASN A 4 -6.65 4.81 7.83
C ASN A 4 -6.53 3.31 7.97
N ILE A 5 -5.79 2.72 7.09
CA ILE A 5 -5.62 1.29 7.08
C ILE A 5 -4.27 0.91 7.63
N VAL A 6 -4.23 -0.20 8.28
CA VAL A 6 -3.03 -0.74 8.83
C VAL A 6 -2.57 -1.90 8.02
N GLY A 7 -1.32 -1.93 7.73
CA GLY A 7 -0.74 -3.10 7.18
C GLY A 7 0.68 -2.96 6.89
N LYS A 8 1.29 -4.05 6.72
CA LYS A 8 2.65 -4.13 6.45
C LYS A 8 2.85 -4.39 4.97
N VAL A 9 3.88 -3.77 4.42
CA VAL A 9 4.23 -3.97 3.05
C VAL A 9 4.49 -5.44 2.82
N LYS A 10 3.57 -6.05 2.11
CA LYS A 10 3.58 -7.47 1.84
C LYS A 10 4.76 -7.78 0.92
N TRP A 11 4.97 -6.86 -0.02
CA TRP A 11 6.11 -6.84 -0.92
C TRP A 11 5.95 -5.68 -1.85
N TYR A 12 7.03 -5.23 -2.41
CA TYR A 12 7.01 -4.14 -3.34
C TYR A 12 8.06 -4.33 -4.41
N ASN A 13 7.63 -4.41 -5.63
CA ASN A 13 8.50 -4.52 -6.77
C ASN A 13 8.84 -3.10 -7.21
N SER A 14 10.06 -2.69 -6.95
CA SER A 14 10.47 -1.33 -7.24
C SER A 14 10.79 -1.14 -8.73
N THR A 15 10.89 -2.23 -9.45
CA THR A 15 11.15 -2.16 -10.87
C THR A 15 9.84 -1.83 -11.61
N LYS A 16 8.77 -2.52 -11.23
CA LYS A 16 7.48 -2.32 -11.88
C LYS A 16 6.58 -1.38 -11.09
N ASN A 17 7.01 -1.02 -9.88
CA ASN A 17 6.28 -0.05 -9.03
C ASN A 17 4.93 -0.60 -8.54
N PHE A 18 4.83 -1.90 -8.45
CA PHE A 18 3.65 -2.57 -7.93
C PHE A 18 4.03 -3.44 -6.75
N GLY A 19 3.08 -3.73 -5.93
CA GLY A 19 3.30 -4.58 -4.79
C GLY A 19 2.02 -4.82 -4.08
N PHE A 20 2.08 -5.29 -2.88
CA PHE A 20 0.90 -5.54 -2.07
C PHE A 20 1.16 -5.16 -0.63
N ILE A 21 0.09 -5.10 0.15
CA ILE A 21 0.15 -4.73 1.57
C ILE A 21 -0.91 -5.53 2.34
N GLU A 22 -0.54 -6.09 3.48
CA GLU A 22 -1.47 -6.82 4.33
C GLU A 22 -1.07 -6.54 5.75
N GLN A 23 -1.97 -6.50 6.70
CA GLN A 23 -1.46 -6.40 8.03
C GLN A 23 -1.29 -7.73 8.60
N ASP A 24 -0.46 -7.80 9.59
CA ASP A 24 -0.10 -9.05 10.26
C ASP A 24 -1.31 -9.79 10.84
N ASN A 25 -2.44 -9.10 10.93
CA ASN A 25 -3.66 -9.71 11.43
C ASN A 25 -4.41 -10.45 10.32
N GLY A 26 -3.88 -10.40 9.09
CA GLY A 26 -4.51 -11.09 7.99
C GLY A 26 -5.16 -10.14 6.99
N GLY A 27 -4.39 -9.14 6.53
CA GLY A 27 -4.92 -8.17 5.59
C GLY A 27 -5.24 -8.77 4.24
N LYS A 28 -6.22 -8.19 3.56
CA LYS A 28 -6.66 -8.65 2.27
C LYS A 28 -5.69 -8.28 1.15
N ASP A 29 -6.02 -8.63 -0.06
CA ASP A 29 -5.17 -8.36 -1.20
C ASP A 29 -5.43 -6.97 -1.73
N VAL A 30 -4.58 -6.06 -1.39
CA VAL A 30 -4.63 -4.73 -1.93
C VAL A 30 -3.26 -4.38 -2.47
N PHE A 31 -3.19 -4.02 -3.74
CA PHE A 31 -1.93 -3.76 -4.36
C PHE A 31 -1.52 -2.32 -4.17
N VAL A 32 -0.26 -2.10 -4.07
CA VAL A 32 0.26 -0.78 -3.90
C VAL A 32 0.97 -0.37 -5.18
N HIS A 33 0.83 0.87 -5.56
CA HIS A 33 1.45 1.36 -6.75
C HIS A 33 2.15 2.68 -6.43
N LYS A 34 3.15 3.03 -7.23
CA LYS A 34 3.96 4.21 -6.97
C LYS A 34 3.16 5.51 -7.05
N SER A 35 2.01 5.47 -7.67
CA SER A 35 1.10 6.61 -7.68
C SER A 35 0.72 7.02 -6.22
N ALA A 36 0.76 6.06 -5.30
CA ALA A 36 0.49 6.35 -3.92
C ALA A 36 1.70 6.97 -3.28
N VAL A 37 2.88 6.51 -3.70
CA VAL A 37 4.13 7.11 -3.28
C VAL A 37 4.14 8.52 -3.77
N ASP A 38 3.80 8.68 -5.01
CA ASP A 38 3.75 9.96 -5.70
C ASP A 38 2.81 10.93 -4.98
N ALA A 39 1.76 10.38 -4.39
CA ALA A 39 0.77 11.20 -3.68
C ALA A 39 1.35 11.86 -2.41
N ALA A 40 2.34 11.25 -1.78
CA ALA A 40 2.89 11.79 -0.53
C ALA A 40 4.43 11.91 -0.56
N GLY A 41 5.01 11.46 -1.63
CA GLY A 41 6.45 11.44 -1.82
C GLY A 41 7.16 10.57 -0.81
N LEU A 42 6.69 9.35 -0.71
CA LEU A 42 7.27 8.37 0.18
C LEU A 42 8.68 8.05 -0.38
N HIS A 43 9.66 7.84 0.48
CA HIS A 43 11.03 7.63 0.01
C HIS A 43 11.19 6.35 -0.83
N SER A 44 10.93 5.21 -0.22
CA SER A 44 11.06 3.89 -0.86
C SER A 44 10.39 2.86 0.03
N LEU A 45 10.09 1.69 -0.51
CA LEU A 45 9.47 0.63 0.28
C LEU A 45 10.01 -0.73 -0.08
N GLU A 46 9.90 -1.60 0.87
CA GLU A 46 10.19 -2.99 0.74
C GLU A 46 9.41 -3.69 1.82
N GLU A 47 9.43 -5.00 1.85
CA GLU A 47 8.65 -5.74 2.81
C GLU A 47 9.13 -5.50 4.25
N GLY A 48 8.24 -5.74 5.19
CA GLY A 48 8.59 -5.55 6.59
C GLY A 48 8.08 -4.24 7.14
N GLN A 49 7.97 -3.25 6.28
CA GLN A 49 7.53 -1.92 6.67
C GLN A 49 6.06 -1.87 6.94
N ASP A 50 5.69 -1.39 8.08
CA ASP A 50 4.30 -1.18 8.38
C ASP A 50 3.92 0.14 7.77
N VAL A 51 2.82 0.16 7.13
CA VAL A 51 2.42 1.31 6.42
C VAL A 51 0.93 1.56 6.62
N ILE A 52 0.59 2.78 6.56
CA ILE A 52 -0.75 3.23 6.71
C ILE A 52 -1.16 3.83 5.40
N PHE A 53 -2.30 3.44 4.92
CA PHE A 53 -2.78 3.95 3.66
C PHE A 53 -4.26 4.07 3.69
N ASP A 54 -4.81 4.48 2.61
CA ASP A 54 -6.24 4.51 2.45
C ASP A 54 -6.55 3.67 1.27
N LEU A 55 -7.74 3.19 1.18
CA LEU A 55 -8.09 2.33 0.11
C LEU A 55 -9.33 2.77 -0.61
N GLU A 56 -9.15 2.95 -1.87
CA GLU A 56 -10.19 3.31 -2.79
C GLU A 56 -10.28 2.21 -3.80
N GLU A 57 -11.47 1.92 -4.24
CA GLU A 57 -11.62 0.88 -5.22
C GLU A 57 -11.50 1.45 -6.60
N LYS A 58 -10.88 0.69 -7.45
CA LYS A 58 -10.68 1.10 -8.81
C LYS A 58 -11.91 0.68 -9.57
N GLN A 59 -12.13 -0.61 -9.56
CA GLN A 59 -13.22 -1.32 -10.20
C GLN A 59 -12.86 -2.77 -10.08
N GLY A 60 -13.21 -3.37 -8.97
CA GLY A 60 -12.82 -4.73 -8.69
C GLY A 60 -11.39 -4.81 -8.19
N LYS A 61 -10.58 -3.86 -8.62
CA LYS A 61 -9.22 -3.77 -8.23
C LYS A 61 -9.13 -2.85 -7.03
N ALA A 62 -8.26 -3.14 -6.13
CA ALA A 62 -8.10 -2.39 -4.91
C ALA A 62 -6.65 -2.00 -4.76
N TYR A 63 -6.37 -0.72 -4.69
CA TYR A 63 -5.00 -0.28 -4.58
C TYR A 63 -4.81 0.71 -3.45
N ALA A 64 -3.72 0.50 -2.74
CA ALA A 64 -3.34 1.32 -1.61
C ALA A 64 -2.91 2.68 -2.08
N VAL A 65 -3.47 3.69 -1.47
CA VAL A 65 -3.20 5.06 -1.79
C VAL A 65 -2.89 5.82 -0.53
N ASN A 66 -2.34 7.02 -0.66
CA ASN A 66 -1.99 7.88 0.47
C ASN A 66 -1.06 7.16 1.44
N LEU A 67 0.11 6.80 0.97
CA LEU A 67 0.99 6.03 1.81
C LEU A 67 1.65 6.85 2.88
N ARG A 68 1.63 6.31 4.04
CA ARG A 68 2.17 6.87 5.21
C ARG A 68 2.87 5.78 5.97
N ILE A 69 4.07 6.00 6.40
CA ILE A 69 4.73 4.97 7.19
C ILE A 69 4.17 4.95 8.61
N LYS A 70 4.10 3.77 9.20
CA LYS A 70 3.67 3.63 10.56
C LYS A 70 4.67 4.33 11.48
N MET A 1 -16.00 2.55 1.97
CA MET A 1 -14.83 3.40 2.23
C MET A 1 -13.94 2.75 3.24
N ALA A 2 -12.65 2.86 3.02
CA ALA A 2 -11.66 2.33 3.94
C ALA A 2 -10.51 3.32 4.04
N THR A 3 -10.54 4.10 5.09
CA THR A 3 -9.59 5.18 5.29
C THR A 3 -8.65 4.90 6.46
N ASN A 4 -7.39 5.32 6.29
CA ASN A 4 -6.30 5.14 7.29
C ASN A 4 -6.24 3.69 7.74
N ILE A 5 -5.72 2.87 6.88
CA ILE A 5 -5.66 1.44 7.08
C ILE A 5 -4.31 1.01 7.56
N VAL A 6 -4.28 -0.02 8.34
CA VAL A 6 -3.06 -0.61 8.78
C VAL A 6 -2.64 -1.67 7.78
N GLY A 7 -1.40 -1.72 7.52
CA GLY A 7 -0.88 -2.76 6.75
C GLY A 7 0.60 -2.85 6.86
N LYS A 8 1.11 -3.89 6.33
CA LYS A 8 2.50 -4.10 6.23
C LYS A 8 2.83 -4.40 4.79
N VAL A 9 3.92 -3.83 4.33
CA VAL A 9 4.37 -4.02 2.98
C VAL A 9 4.78 -5.47 2.80
N LYS A 10 3.97 -6.21 2.08
CA LYS A 10 4.23 -7.59 1.77
C LYS A 10 5.44 -7.69 0.89
N TRP A 11 5.45 -6.85 -0.12
CA TRP A 11 6.54 -6.75 -1.05
C TRP A 11 6.29 -5.58 -1.94
N TYR A 12 7.32 -5.11 -2.54
CA TYR A 12 7.26 -3.99 -3.44
C TYR A 12 8.48 -4.02 -4.30
N ASN A 13 8.27 -4.34 -5.53
CA ASN A 13 9.36 -4.45 -6.44
C ASN A 13 9.67 -3.09 -7.00
N SER A 14 10.75 -2.52 -6.53
CA SER A 14 11.17 -1.18 -6.91
C SER A 14 11.53 -1.08 -8.41
N THR A 15 11.75 -2.21 -9.04
CA THR A 15 12.05 -2.23 -10.44
C THR A 15 10.77 -2.12 -11.28
N LYS A 16 9.73 -2.84 -10.88
CA LYS A 16 8.47 -2.85 -11.65
C LYS A 16 7.45 -1.87 -11.08
N ASN A 17 7.77 -1.30 -9.91
CA ASN A 17 6.92 -0.28 -9.23
C ASN A 17 5.60 -0.88 -8.73
N PHE A 18 5.56 -2.18 -8.49
CA PHE A 18 4.34 -2.83 -8.00
C PHE A 18 4.63 -3.70 -6.82
N GLY A 19 3.63 -3.88 -5.97
CA GLY A 19 3.76 -4.72 -4.82
C GLY A 19 2.44 -4.92 -4.14
N PHE A 20 2.45 -5.48 -2.96
CA PHE A 20 1.25 -5.73 -2.18
C PHE A 20 1.43 -5.34 -0.74
N ILE A 21 0.32 -5.03 -0.11
CA ILE A 21 0.30 -4.65 1.29
C ILE A 21 -0.90 -5.33 1.96
N GLU A 22 -0.66 -5.91 3.12
CA GLU A 22 -1.74 -6.48 3.93
C GLU A 22 -1.39 -6.20 5.35
N GLN A 23 -2.34 -6.06 6.22
CA GLN A 23 -1.97 -5.92 7.60
C GLN A 23 -1.46 -7.20 8.14
N ASP A 24 -0.51 -7.05 9.02
CA ASP A 24 0.28 -8.16 9.60
C ASP A 24 -0.59 -9.32 10.07
N ASN A 25 -1.72 -8.99 10.66
CA ASN A 25 -2.66 -9.97 11.19
C ASN A 25 -3.31 -10.85 10.10
N GLY A 26 -3.10 -10.51 8.84
CA GLY A 26 -3.66 -11.28 7.75
C GLY A 26 -5.00 -10.73 7.33
N GLY A 27 -5.03 -9.44 7.09
CA GLY A 27 -6.26 -8.78 6.75
C GLY A 27 -6.65 -8.95 5.29
N LYS A 28 -6.37 -7.94 4.49
CA LYS A 28 -6.74 -7.96 3.09
C LYS A 28 -5.52 -7.79 2.22
N ASP A 29 -5.51 -8.49 1.12
CA ASP A 29 -4.41 -8.41 0.18
C ASP A 29 -4.72 -7.40 -0.89
N VAL A 30 -4.21 -6.22 -0.71
CA VAL A 30 -4.41 -5.14 -1.66
C VAL A 30 -3.06 -4.75 -2.27
N PHE A 31 -3.04 -4.46 -3.56
CA PHE A 31 -1.79 -4.14 -4.21
C PHE A 31 -1.50 -2.67 -4.13
N VAL A 32 -0.25 -2.35 -4.02
CA VAL A 32 0.15 -0.98 -3.98
C VAL A 32 0.55 -0.52 -5.36
N HIS A 33 0.04 0.59 -5.76
CA HIS A 33 0.35 1.17 -7.03
C HIS A 33 1.23 2.39 -6.76
N LYS A 34 2.16 2.69 -7.66
CA LYS A 34 3.15 3.73 -7.37
C LYS A 34 2.54 5.13 -7.32
N SER A 35 1.33 5.27 -7.86
CA SER A 35 0.56 6.50 -7.71
C SER A 35 0.39 6.85 -6.22
N ALA A 36 0.49 5.85 -5.35
CA ALA A 36 0.38 6.06 -3.94
C ALA A 36 1.59 6.80 -3.40
N VAL A 37 2.77 6.41 -3.87
CA VAL A 37 3.98 7.09 -3.47
C VAL A 37 3.95 8.47 -4.04
N ASP A 38 3.52 8.57 -5.28
CA ASP A 38 3.43 9.86 -5.96
C ASP A 38 2.38 10.76 -5.29
N ALA A 39 1.41 10.15 -4.60
CA ALA A 39 0.35 10.91 -3.94
C ALA A 39 0.79 11.54 -2.61
N ALA A 40 1.82 10.99 -1.98
CA ALA A 40 2.26 11.50 -0.67
C ALA A 40 3.77 11.78 -0.62
N GLY A 41 4.51 11.12 -1.47
CA GLY A 41 5.93 11.22 -1.52
C GLY A 41 6.61 10.41 -0.45
N LEU A 42 6.40 9.12 -0.52
CA LEU A 42 6.98 8.21 0.41
C LEU A 42 8.42 7.99 -0.08
N HIS A 43 9.37 7.86 0.84
CA HIS A 43 10.76 7.66 0.47
C HIS A 43 10.95 6.39 -0.37
N SER A 44 10.57 5.26 0.19
CA SER A 44 10.72 3.99 -0.47
C SER A 44 9.83 2.99 0.20
N LEU A 45 9.55 1.90 -0.48
CA LEU A 45 8.80 0.84 0.11
C LEU A 45 9.62 -0.40 0.00
N GLU A 46 9.67 -1.09 1.04
CA GLU A 46 10.37 -2.32 1.13
C GLU A 46 9.65 -3.22 2.09
N GLU A 47 9.74 -4.51 1.87
CA GLU A 47 8.99 -5.46 2.66
C GLU A 47 9.39 -5.45 4.12
N GLY A 48 8.44 -5.79 4.94
CA GLY A 48 8.62 -5.80 6.38
C GLY A 48 8.14 -4.52 7.05
N GLN A 49 8.07 -3.45 6.27
CA GLN A 49 7.63 -2.15 6.79
C GLN A 49 6.15 -2.08 7.02
N ASP A 50 5.77 -1.52 8.14
CA ASP A 50 4.37 -1.30 8.43
C ASP A 50 3.98 0.01 7.82
N VAL A 51 2.86 0.05 7.18
CA VAL A 51 2.45 1.18 6.44
C VAL A 51 0.95 1.42 6.59
N ILE A 52 0.58 2.65 6.46
CA ILE A 52 -0.78 3.08 6.56
C ILE A 52 -1.18 3.64 5.21
N PHE A 53 -2.34 3.27 4.74
CA PHE A 53 -2.80 3.71 3.45
C PHE A 53 -4.27 3.90 3.47
N ASP A 54 -4.82 4.26 2.36
CA ASP A 54 -6.23 4.37 2.21
C ASP A 54 -6.60 3.49 1.09
N LEU A 55 -7.72 2.89 1.18
CA LEU A 55 -8.15 2.03 0.15
C LEU A 55 -9.38 2.54 -0.48
N GLU A 56 -9.19 2.96 -1.66
CA GLU A 56 -10.24 3.44 -2.48
C GLU A 56 -10.19 2.58 -3.70
N GLU A 57 -11.31 2.15 -4.17
CA GLU A 57 -11.34 1.19 -5.22
C GLU A 57 -11.24 1.78 -6.62
N LYS A 58 -10.43 1.12 -7.40
CA LYS A 58 -10.22 1.41 -8.79
C LYS A 58 -11.35 0.74 -9.53
N GLN A 59 -12.51 1.41 -9.51
CA GLN A 59 -13.75 0.88 -10.04
C GLN A 59 -14.22 -0.30 -9.16
N GLY A 60 -13.64 -1.45 -9.39
CA GLY A 60 -13.95 -2.62 -8.61
C GLY A 60 -12.68 -3.35 -8.22
N LYS A 61 -11.55 -2.74 -8.50
CA LYS A 61 -10.27 -3.31 -8.16
C LYS A 61 -9.78 -2.57 -6.90
N ALA A 62 -8.93 -3.17 -6.13
CA ALA A 62 -8.46 -2.57 -4.88
C ALA A 62 -6.97 -2.32 -4.92
N TYR A 63 -6.59 -1.07 -4.73
CA TYR A 63 -5.18 -0.70 -4.70
C TYR A 63 -4.93 0.26 -3.55
N ALA A 64 -3.80 0.10 -2.94
CA ALA A 64 -3.39 0.88 -1.78
C ALA A 64 -2.83 2.20 -2.23
N VAL A 65 -3.37 3.26 -1.67
CA VAL A 65 -2.99 4.62 -2.00
C VAL A 65 -2.76 5.44 -0.78
N ASN A 66 -2.18 6.64 -0.97
CA ASN A 66 -1.95 7.61 0.11
C ASN A 66 -1.09 6.99 1.21
N LEU A 67 0.11 6.62 0.89
CA LEU A 67 0.92 5.87 1.83
C LEU A 67 1.62 6.72 2.87
N ARG A 68 1.63 6.20 4.06
CA ARG A 68 2.32 6.73 5.18
C ARG A 68 2.90 5.57 5.91
N ILE A 69 4.09 5.66 6.41
CA ILE A 69 4.56 4.53 7.19
C ILE A 69 4.07 4.63 8.62
N LYS A 70 3.84 3.49 9.22
CA LYS A 70 3.37 3.37 10.60
C LYS A 70 4.30 4.13 11.55
N MET A 1 -14.68 4.93 0.07
CA MET A 1 -13.26 4.68 0.26
C MET A 1 -13.00 4.39 1.72
N ALA A 2 -11.80 4.02 2.03
CA ALA A 2 -11.41 3.79 3.40
C ALA A 2 -10.16 4.59 3.67
N THR A 3 -10.11 5.27 4.78
CA THR A 3 -8.99 6.12 5.10
C THR A 3 -8.27 5.64 6.35
N ASN A 4 -6.94 5.73 6.32
CA ASN A 4 -6.07 5.30 7.44
C ASN A 4 -6.22 3.85 7.74
N ILE A 5 -5.65 3.06 6.91
CA ILE A 5 -5.68 1.64 7.02
C ILE A 5 -4.34 1.13 7.48
N VAL A 6 -4.38 0.06 8.19
CA VAL A 6 -3.19 -0.59 8.64
C VAL A 6 -2.77 -1.63 7.64
N GLY A 7 -1.53 -1.69 7.42
CA GLY A 7 -1.00 -2.74 6.66
C GLY A 7 0.47 -2.84 6.78
N LYS A 8 0.99 -3.88 6.25
CA LYS A 8 2.37 -4.11 6.17
C LYS A 8 2.72 -4.34 4.72
N VAL A 9 3.82 -3.74 4.29
CA VAL A 9 4.28 -3.89 2.93
C VAL A 9 4.58 -5.36 2.70
N LYS A 10 3.74 -5.96 1.92
CA LYS A 10 3.77 -7.36 1.63
C LYS A 10 4.88 -7.65 0.65
N TRP A 11 4.97 -6.82 -0.37
CA TRP A 11 6.07 -6.85 -1.33
C TRP A 11 6.04 -5.64 -2.19
N TYR A 12 7.15 -5.32 -2.76
CA TYR A 12 7.28 -4.22 -3.65
C TYR A 12 8.32 -4.53 -4.70
N ASN A 13 7.99 -4.27 -5.92
CA ASN A 13 8.91 -4.47 -6.99
C ASN A 13 9.42 -3.12 -7.46
N SER A 14 10.69 -2.92 -7.34
CA SER A 14 11.31 -1.66 -7.66
C SER A 14 11.27 -1.39 -9.18
N THR A 15 11.36 -2.42 -9.98
CA THR A 15 11.36 -2.27 -11.42
C THR A 15 9.95 -1.91 -11.95
N LYS A 16 8.95 -2.68 -11.53
CA LYS A 16 7.58 -2.46 -11.98
C LYS A 16 6.87 -1.35 -11.20
N ASN A 17 7.52 -0.88 -10.14
CA ASN A 17 7.03 0.24 -9.31
C ASN A 17 5.71 -0.10 -8.58
N PHE A 18 5.42 -1.38 -8.39
CA PHE A 18 4.21 -1.72 -7.66
C PHE A 18 4.45 -2.94 -6.79
N GLY A 19 3.46 -3.27 -6.01
CA GLY A 19 3.53 -4.40 -5.14
C GLY A 19 2.25 -4.58 -4.39
N PHE A 20 2.31 -5.21 -3.26
CA PHE A 20 1.15 -5.46 -2.43
C PHE A 20 1.40 -5.10 -0.99
N ILE A 21 0.32 -4.97 -0.27
CA ILE A 21 0.29 -4.62 1.12
C ILE A 21 -0.88 -5.35 1.74
N GLU A 22 -0.68 -5.89 2.91
CA GLU A 22 -1.75 -6.49 3.66
C GLU A 22 -1.50 -6.19 5.09
N GLN A 23 -2.52 -6.05 5.89
CA GLN A 23 -2.25 -5.93 7.29
C GLN A 23 -1.82 -7.24 7.82
N ASP A 24 -0.97 -7.16 8.80
CA ASP A 24 -0.26 -8.34 9.38
C ASP A 24 -1.21 -9.48 9.72
N ASN A 25 -2.41 -9.13 10.15
CA ASN A 25 -3.44 -10.08 10.52
C ASN A 25 -4.04 -10.84 9.32
N GLY A 26 -3.57 -10.54 8.11
CA GLY A 26 -4.07 -11.25 6.95
C GLY A 26 -5.34 -10.64 6.46
N GLY A 27 -5.33 -9.34 6.26
CA GLY A 27 -6.53 -8.64 5.86
C GLY A 27 -6.91 -8.82 4.40
N LYS A 28 -6.78 -7.78 3.62
CA LYS A 28 -7.20 -7.79 2.23
C LYS A 28 -6.04 -7.92 1.27
N ASP A 29 -6.34 -8.05 -0.01
CA ASP A 29 -5.33 -8.03 -1.04
C ASP A 29 -5.34 -6.70 -1.70
N VAL A 30 -4.54 -5.83 -1.21
CA VAL A 30 -4.49 -4.51 -1.75
C VAL A 30 -3.12 -4.24 -2.35
N PHE A 31 -3.10 -3.87 -3.60
CA PHE A 31 -1.86 -3.61 -4.27
C PHE A 31 -1.49 -2.17 -4.14
N VAL A 32 -0.23 -1.90 -4.11
CA VAL A 32 0.23 -0.57 -4.00
C VAL A 32 0.82 -0.13 -5.33
N HIS A 33 0.43 1.03 -5.76
CA HIS A 33 0.94 1.57 -6.97
C HIS A 33 1.80 2.78 -6.62
N LYS A 34 2.86 2.99 -7.37
CA LYS A 34 3.83 4.01 -7.05
C LYS A 34 3.26 5.42 -7.07
N SER A 35 2.16 5.62 -7.79
CA SER A 35 1.48 6.93 -7.79
C SER A 35 1.13 7.40 -6.36
N ALA A 36 1.01 6.46 -5.42
CA ALA A 36 0.76 6.82 -4.04
C ALA A 36 2.01 7.43 -3.42
N VAL A 37 3.17 6.88 -3.75
CA VAL A 37 4.43 7.44 -3.27
C VAL A 37 4.64 8.77 -3.96
N ASP A 38 4.25 8.82 -5.19
CA ASP A 38 4.35 10.01 -6.01
C ASP A 38 3.44 11.12 -5.45
N ALA A 39 2.34 10.73 -4.81
CA ALA A 39 1.42 11.69 -4.22
C ALA A 39 1.83 12.10 -2.80
N ALA A 40 2.14 11.13 -1.96
CA ALA A 40 2.43 11.40 -0.55
C ALA A 40 3.92 11.52 -0.26
N GLY A 41 4.73 11.17 -1.23
CA GLY A 41 6.19 11.20 -1.09
C GLY A 41 6.65 10.29 0.01
N LEU A 42 6.28 9.05 -0.11
CA LEU A 42 6.61 8.04 0.84
C LEU A 42 8.12 7.76 0.74
N HIS A 43 8.76 7.54 1.89
CA HIS A 43 10.21 7.32 2.01
C HIS A 43 10.70 6.21 1.05
N SER A 44 10.18 5.02 1.23
CA SER A 44 10.55 3.87 0.44
C SER A 44 9.64 2.72 0.78
N LEU A 45 9.59 1.72 -0.06
CA LEU A 45 8.79 0.57 0.25
C LEU A 45 9.64 -0.65 0.18
N GLU A 46 9.68 -1.29 1.26
CA GLU A 46 10.32 -2.55 1.40
C GLU A 46 9.48 -3.42 2.29
N GLU A 47 9.47 -4.68 2.01
CA GLU A 47 8.62 -5.59 2.71
C GLU A 47 9.03 -5.75 4.16
N GLY A 48 8.06 -5.95 4.99
CA GLY A 48 8.28 -6.03 6.42
C GLY A 48 7.98 -4.71 7.12
N GLN A 49 7.90 -3.64 6.35
CA GLN A 49 7.57 -2.32 6.87
C GLN A 49 6.08 -2.19 7.03
N ASP A 50 5.67 -1.60 8.13
CA ASP A 50 4.26 -1.38 8.35
C ASP A 50 3.91 -0.05 7.76
N VAL A 51 2.81 0.02 7.11
CA VAL A 51 2.42 1.20 6.41
C VAL A 51 0.94 1.48 6.60
N ILE A 52 0.63 2.72 6.57
CA ILE A 52 -0.71 3.22 6.71
C ILE A 52 -1.09 3.78 5.37
N PHE A 53 -2.29 3.53 4.92
CA PHE A 53 -2.71 4.04 3.62
C PHE A 53 -4.19 4.25 3.59
N ASP A 54 -4.67 4.71 2.49
CA ASP A 54 -6.07 4.83 2.26
C ASP A 54 -6.35 3.86 1.15
N LEU A 55 -7.56 3.47 0.99
CA LEU A 55 -7.87 2.50 0.00
C LEU A 55 -9.00 2.88 -0.91
N GLU A 56 -8.71 2.80 -2.17
CA GLU A 56 -9.63 3.01 -3.23
C GLU A 56 -9.83 1.70 -3.95
N GLU A 57 -11.04 1.38 -4.23
CA GLU A 57 -11.36 0.12 -4.83
C GLU A 57 -11.43 0.25 -6.34
N LYS A 58 -10.82 -0.69 -7.00
CA LYS A 58 -10.78 -0.74 -8.44
C LYS A 58 -11.79 -1.79 -8.88
N GLN A 59 -13.08 -1.40 -8.82
CA GLN A 59 -14.22 -2.28 -9.10
C GLN A 59 -14.36 -3.36 -8.01
N GLY A 60 -13.44 -4.29 -8.00
CA GLY A 60 -13.40 -5.32 -6.99
C GLY A 60 -12.00 -5.48 -6.43
N LYS A 61 -11.02 -4.92 -7.13
CA LYS A 61 -9.65 -4.97 -6.70
C LYS A 61 -9.39 -3.83 -5.73
N ALA A 62 -8.30 -3.90 -5.02
CA ALA A 62 -8.02 -2.89 -4.04
C ALA A 62 -6.62 -2.32 -4.24
N TYR A 63 -6.50 -0.98 -4.28
CA TYR A 63 -5.18 -0.36 -4.39
C TYR A 63 -4.94 0.71 -3.33
N ALA A 64 -3.81 0.56 -2.68
CA ALA A 64 -3.39 1.42 -1.60
C ALA A 64 -2.93 2.75 -2.13
N VAL A 65 -3.39 3.79 -1.49
CA VAL A 65 -3.09 5.14 -1.87
C VAL A 65 -2.80 5.92 -0.62
N ASN A 66 -2.20 7.09 -0.76
CA ASN A 66 -1.89 7.99 0.37
C ASN A 66 -1.13 7.25 1.46
N LEU A 67 0.05 6.80 1.12
CA LEU A 67 0.84 6.00 2.03
C LEU A 67 1.52 6.85 3.08
N ARG A 68 1.70 6.26 4.22
CA ARG A 68 2.40 6.88 5.32
C ARG A 68 3.03 5.73 6.11
N ILE A 69 4.29 5.79 6.46
CA ILE A 69 4.86 4.69 7.20
C ILE A 69 4.54 4.74 8.68
N LYS A 70 4.26 3.59 9.24
CA LYS A 70 3.98 3.43 10.64
C LYS A 70 5.21 3.80 11.46
N MET A 1 -16.24 4.08 3.69
CA MET A 1 -14.94 4.22 3.02
C MET A 1 -13.90 3.49 3.83
N ALA A 2 -12.73 3.33 3.27
CA ALA A 2 -11.65 2.68 3.96
C ALA A 2 -10.47 3.62 4.04
N THR A 3 -10.41 4.38 5.10
CA THR A 3 -9.38 5.35 5.30
C THR A 3 -8.52 5.00 6.50
N ASN A 4 -7.21 5.26 6.39
CA ASN A 4 -6.22 4.93 7.41
C ASN A 4 -6.27 3.47 7.75
N ILE A 5 -5.69 2.71 6.89
CA ILE A 5 -5.67 1.30 7.01
C ILE A 5 -4.36 0.85 7.56
N VAL A 6 -4.39 -0.20 8.30
CA VAL A 6 -3.21 -0.80 8.81
C VAL A 6 -2.76 -1.85 7.86
N GLY A 7 -1.51 -1.86 7.59
CA GLY A 7 -0.96 -2.90 6.86
C GLY A 7 0.51 -2.96 6.99
N LYS A 8 1.04 -3.97 6.46
CA LYS A 8 2.42 -4.22 6.39
C LYS A 8 2.77 -4.58 4.97
N VAL A 9 3.81 -3.97 4.48
CA VAL A 9 4.26 -4.21 3.13
C VAL A 9 4.66 -5.67 2.95
N LYS A 10 3.94 -6.38 2.09
CA LYS A 10 4.29 -7.76 1.77
C LYS A 10 5.61 -7.75 1.01
N TRP A 11 5.64 -6.89 0.00
CA TRP A 11 6.78 -6.70 -0.87
C TRP A 11 6.48 -5.54 -1.78
N TYR A 12 7.49 -5.04 -2.42
CA TYR A 12 7.32 -3.94 -3.37
C TYR A 12 8.40 -3.96 -4.40
N ASN A 13 8.03 -4.06 -5.65
CA ASN A 13 8.98 -4.02 -6.74
C ASN A 13 9.05 -2.64 -7.29
N SER A 14 10.06 -1.93 -6.87
CA SER A 14 10.29 -0.56 -7.25
C SER A 14 10.45 -0.42 -8.78
N THR A 15 11.06 -1.43 -9.40
CA THR A 15 11.25 -1.44 -10.84
C THR A 15 9.89 -1.52 -11.57
N LYS A 16 8.92 -2.17 -10.94
CA LYS A 16 7.61 -2.34 -11.56
C LYS A 16 6.60 -1.31 -11.07
N ASN A 17 6.99 -0.54 -10.04
CA ASN A 17 6.13 0.51 -9.44
C ASN A 17 4.89 -0.08 -8.75
N PHE A 18 4.96 -1.35 -8.36
CA PHE A 18 3.86 -1.97 -7.65
C PHE A 18 4.33 -3.06 -6.71
N GLY A 19 3.47 -3.39 -5.78
CA GLY A 19 3.69 -4.41 -4.80
C GLY A 19 2.41 -4.72 -4.11
N PHE A 20 2.46 -5.36 -2.97
CA PHE A 20 1.26 -5.70 -2.21
C PHE A 20 1.43 -5.40 -0.74
N ILE A 21 0.32 -5.17 -0.07
CA ILE A 21 0.31 -4.86 1.34
C ILE A 21 -0.79 -5.68 2.03
N GLU A 22 -0.52 -6.18 3.23
CA GLU A 22 -1.50 -6.86 4.05
C GLU A 22 -1.19 -6.47 5.46
N GLN A 23 -2.13 -6.36 6.31
CA GLN A 23 -1.74 -6.11 7.67
C GLN A 23 -1.35 -7.39 8.30
N ASP A 24 -0.48 -7.26 9.25
CA ASP A 24 0.06 -8.38 10.02
C ASP A 24 -1.06 -9.24 10.62
N ASN A 25 -2.18 -8.61 10.90
CA ASN A 25 -3.34 -9.29 11.49
C ASN A 25 -4.08 -10.16 10.46
N GLY A 26 -3.59 -10.18 9.22
CA GLY A 26 -4.22 -10.97 8.19
C GLY A 26 -5.14 -10.13 7.36
N GLY A 27 -4.64 -9.01 6.88
CA GLY A 27 -5.46 -8.11 6.10
C GLY A 27 -5.67 -8.62 4.66
N LYS A 28 -6.54 -7.94 3.94
CA LYS A 28 -6.83 -8.32 2.57
C LYS A 28 -5.68 -8.03 1.63
N ASP A 29 -5.75 -8.66 0.47
CA ASP A 29 -4.72 -8.50 -0.53
C ASP A 29 -5.01 -7.32 -1.40
N VAL A 30 -4.38 -6.24 -1.08
CA VAL A 30 -4.47 -5.03 -1.83
C VAL A 30 -3.10 -4.66 -2.39
N PHE A 31 -3.06 -4.29 -3.65
CA PHE A 31 -1.80 -3.97 -4.25
C PHE A 31 -1.48 -2.51 -4.11
N VAL A 32 -0.24 -2.20 -4.04
CA VAL A 32 0.19 -0.85 -3.92
C VAL A 32 0.85 -0.41 -5.21
N HIS A 33 0.37 0.66 -5.76
CA HIS A 33 0.93 1.22 -6.96
C HIS A 33 1.67 2.51 -6.61
N LYS A 34 2.68 2.88 -7.39
CA LYS A 34 3.50 4.05 -7.09
C LYS A 34 2.70 5.35 -7.08
N SER A 35 1.49 5.33 -7.63
CA SER A 35 0.58 6.49 -7.51
C SER A 35 0.30 6.79 -6.01
N ALA A 36 0.41 5.76 -5.17
CA ALA A 36 0.23 5.92 -3.75
C ALA A 36 1.47 6.54 -3.15
N VAL A 37 2.61 6.16 -3.69
CA VAL A 37 3.87 6.77 -3.33
C VAL A 37 3.81 8.21 -3.73
N ASP A 38 3.40 8.42 -4.97
CA ASP A 38 3.26 9.74 -5.58
C ASP A 38 2.34 10.64 -4.78
N ALA A 39 1.40 10.03 -4.06
CA ALA A 39 0.48 10.78 -3.21
C ALA A 39 1.20 11.48 -2.03
N ALA A 40 2.37 10.98 -1.64
CA ALA A 40 3.12 11.59 -0.52
C ALA A 40 4.61 11.83 -0.86
N GLY A 41 5.12 11.08 -1.81
CA GLY A 41 6.52 11.11 -2.17
C GLY A 41 7.33 10.26 -1.22
N LEU A 42 6.85 9.05 -1.02
CA LEU A 42 7.46 8.09 -0.13
C LEU A 42 8.76 7.60 -0.80
N HIS A 43 9.86 7.61 -0.08
CA HIS A 43 11.16 7.27 -0.68
C HIS A 43 11.27 5.82 -1.15
N SER A 44 10.88 4.89 -0.32
CA SER A 44 11.01 3.49 -0.68
C SER A 44 10.07 2.63 0.13
N LEU A 45 9.80 1.44 -0.34
CA LEU A 45 9.00 0.49 0.38
C LEU A 45 9.69 -0.84 0.34
N GLU A 46 9.60 -1.54 1.41
CA GLU A 46 10.16 -2.86 1.54
C GLU A 46 9.36 -3.63 2.54
N GLU A 47 9.50 -4.93 2.52
CA GLU A 47 8.77 -5.79 3.39
C GLU A 47 9.16 -5.62 4.83
N GLY A 48 8.23 -5.93 5.69
CA GLY A 48 8.43 -5.80 7.11
C GLY A 48 8.01 -4.43 7.62
N GLN A 49 7.84 -3.50 6.73
CA GLN A 49 7.43 -2.16 7.07
C GLN A 49 5.94 -2.08 7.20
N ASP A 50 5.49 -1.61 8.33
CA ASP A 50 4.08 -1.37 8.52
C ASP A 50 3.76 -0.09 7.85
N VAL A 51 2.74 -0.09 7.10
CA VAL A 51 2.40 1.04 6.34
C VAL A 51 0.93 1.34 6.46
N ILE A 52 0.63 2.58 6.40
CA ILE A 52 -0.68 3.11 6.53
C ILE A 52 -1.09 3.62 5.17
N PHE A 53 -2.25 3.27 4.74
CA PHE A 53 -2.73 3.74 3.46
C PHE A 53 -4.22 3.92 3.51
N ASP A 54 -4.78 4.36 2.43
CA ASP A 54 -6.21 4.44 2.31
C ASP A 54 -6.56 3.56 1.16
N LEU A 55 -7.75 3.07 1.11
CA LEU A 55 -8.11 2.17 0.07
C LEU A 55 -9.31 2.62 -0.69
N GLU A 56 -9.04 2.97 -1.88
CA GLU A 56 -10.03 3.35 -2.83
C GLU A 56 -10.07 2.29 -3.89
N GLU A 57 -11.22 1.98 -4.35
CA GLU A 57 -11.36 0.94 -5.29
C GLU A 57 -11.16 1.51 -6.70
N LYS A 58 -10.52 0.76 -7.55
CA LYS A 58 -10.24 1.15 -8.93
C LYS A 58 -11.42 0.65 -9.79
N GLN A 59 -12.55 0.46 -9.11
CA GLN A 59 -13.74 -0.15 -9.66
C GLN A 59 -13.43 -1.59 -10.02
N GLY A 60 -13.59 -2.44 -9.03
CA GLY A 60 -13.27 -3.83 -9.16
C GLY A 60 -11.95 -4.15 -8.50
N LYS A 61 -10.89 -3.49 -8.94
CA LYS A 61 -9.56 -3.73 -8.39
C LYS A 61 -9.34 -2.88 -7.14
N ALA A 62 -8.47 -3.33 -6.28
CA ALA A 62 -8.21 -2.65 -5.01
C ALA A 62 -6.74 -2.30 -4.89
N TYR A 63 -6.44 -1.01 -4.80
CA TYR A 63 -5.07 -0.58 -4.68
C TYR A 63 -4.90 0.43 -3.56
N ALA A 64 -3.83 0.28 -2.86
CA ALA A 64 -3.48 1.13 -1.75
C ALA A 64 -3.06 2.48 -2.25
N VAL A 65 -3.56 3.49 -1.61
CA VAL A 65 -3.25 4.87 -1.97
C VAL A 65 -2.93 5.67 -0.73
N ASN A 66 -2.33 6.85 -0.93
CA ASN A 66 -1.99 7.78 0.17
C ASN A 66 -1.09 7.11 1.21
N LEU A 67 0.10 6.73 0.82
CA LEU A 67 0.96 6.00 1.73
C LEU A 67 1.58 6.86 2.80
N ARG A 68 1.61 6.29 3.96
CA ARG A 68 2.16 6.86 5.13
C ARG A 68 2.82 5.72 5.89
N ILE A 69 4.03 5.88 6.33
CA ILE A 69 4.67 4.80 7.04
C ILE A 69 4.35 4.84 8.53
N LYS A 70 4.31 3.69 9.15
CA LYS A 70 4.03 3.62 10.57
C LYS A 70 5.24 4.15 11.34
N MET A 1 -13.19 3.46 -0.55
CA MET A 1 -13.14 4.51 0.46
C MET A 1 -12.95 3.86 1.80
N ALA A 2 -11.79 4.02 2.35
CA ALA A 2 -11.43 3.51 3.63
C ALA A 2 -10.22 4.27 4.08
N THR A 3 -10.34 4.99 5.16
CA THR A 3 -9.26 5.82 5.63
C THR A 3 -8.50 5.17 6.76
N ASN A 4 -7.19 5.32 6.73
CA ASN A 4 -6.25 4.82 7.73
C ASN A 4 -6.41 3.32 7.91
N ILE A 5 -5.85 2.61 6.99
CA ILE A 5 -5.87 1.18 6.99
C ILE A 5 -4.57 0.67 7.50
N VAL A 6 -4.62 -0.44 8.14
CA VAL A 6 -3.46 -1.10 8.61
C VAL A 6 -2.98 -2.09 7.59
N GLY A 7 -1.73 -2.05 7.34
CA GLY A 7 -1.13 -3.03 6.54
C GLY A 7 0.34 -3.05 6.71
N LYS A 8 0.92 -4.08 6.29
CA LYS A 8 2.33 -4.27 6.29
C LYS A 8 2.77 -4.46 4.85
N VAL A 9 3.85 -3.82 4.48
CA VAL A 9 4.40 -3.91 3.13
C VAL A 9 4.75 -5.36 2.81
N LYS A 10 3.89 -5.97 2.01
CA LYS A 10 3.98 -7.38 1.66
C LYS A 10 5.18 -7.56 0.74
N TRP A 11 5.27 -6.68 -0.25
CA TRP A 11 6.39 -6.61 -1.18
C TRP A 11 6.21 -5.40 -2.06
N TYR A 12 7.25 -5.02 -2.76
CA TYR A 12 7.20 -3.86 -3.64
C TYR A 12 8.36 -3.88 -4.62
N ASN A 13 8.06 -3.66 -5.88
CA ASN A 13 9.08 -3.56 -6.90
C ASN A 13 8.93 -2.26 -7.63
N SER A 14 9.84 -1.35 -7.38
CA SER A 14 9.84 -0.03 -7.99
C SER A 14 9.86 -0.12 -9.53
N THR A 15 10.55 -1.14 -10.02
CA THR A 15 10.65 -1.40 -11.45
C THR A 15 9.26 -1.67 -12.09
N LYS A 16 8.36 -2.28 -11.33
CA LYS A 16 7.04 -2.59 -11.86
C LYS A 16 6.02 -1.54 -11.44
N ASN A 17 6.44 -0.65 -10.54
CA ASN A 17 5.58 0.43 -9.97
C ASN A 17 4.39 -0.17 -9.22
N PHE A 18 4.54 -1.42 -8.81
CA PHE A 18 3.54 -2.14 -8.09
C PHE A 18 4.14 -2.93 -6.96
N GLY A 19 3.30 -3.34 -6.08
CA GLY A 19 3.65 -4.13 -4.97
C GLY A 19 2.40 -4.50 -4.26
N PHE A 20 2.50 -5.09 -3.13
CA PHE A 20 1.33 -5.46 -2.36
C PHE A 20 1.51 -5.14 -0.92
N ILE A 21 0.41 -5.11 -0.24
CA ILE A 21 0.35 -4.82 1.16
C ILE A 21 -0.70 -5.73 1.79
N GLU A 22 -0.36 -6.32 2.90
CA GLU A 22 -1.27 -7.16 3.66
C GLU A 22 -1.08 -6.75 5.08
N GLN A 23 -2.10 -6.69 5.87
CA GLN A 23 -1.83 -6.37 7.24
C GLN A 23 -1.33 -7.57 7.91
N ASP A 24 -0.40 -7.34 8.79
CA ASP A 24 0.27 -8.41 9.55
C ASP A 24 -0.71 -9.31 10.29
N ASN A 25 -1.91 -8.82 10.45
CA ASN A 25 -2.97 -9.55 11.11
C ASN A 25 -3.58 -10.61 10.18
N GLY A 26 -3.07 -10.69 8.95
CA GLY A 26 -3.58 -11.65 7.99
C GLY A 26 -4.92 -11.22 7.46
N GLY A 27 -5.04 -9.94 7.18
CA GLY A 27 -6.29 -9.39 6.74
C GLY A 27 -6.47 -9.45 5.23
N LYS A 28 -6.89 -8.34 4.67
CA LYS A 28 -7.15 -8.24 3.25
C LYS A 28 -5.90 -7.91 2.46
N ASP A 29 -5.88 -8.33 1.21
CA ASP A 29 -4.77 -8.04 0.30
C ASP A 29 -5.13 -6.92 -0.63
N VAL A 30 -4.27 -5.97 -0.71
CA VAL A 30 -4.43 -4.83 -1.59
C VAL A 30 -3.08 -4.51 -2.22
N PHE A 31 -3.08 -4.11 -3.48
CA PHE A 31 -1.84 -3.79 -4.13
C PHE A 31 -1.53 -2.34 -4.02
N VAL A 32 -0.27 -2.04 -3.98
CA VAL A 32 0.17 -0.70 -3.89
C VAL A 32 0.71 -0.27 -5.24
N HIS A 33 0.24 0.84 -5.70
CA HIS A 33 0.70 1.37 -6.95
C HIS A 33 1.52 2.61 -6.68
N LYS A 34 2.49 2.88 -7.54
CA LYS A 34 3.43 3.96 -7.34
C LYS A 34 2.78 5.34 -7.35
N SER A 35 1.58 5.46 -7.88
CA SER A 35 0.85 6.73 -7.82
C SER A 35 0.66 7.18 -6.35
N ALA A 36 0.64 6.20 -5.43
CA ALA A 36 0.56 6.51 -4.02
C ALA A 36 1.90 7.00 -3.51
N VAL A 37 2.98 6.42 -4.05
CA VAL A 37 4.31 6.89 -3.71
C VAL A 37 4.50 8.25 -4.31
N ASP A 38 3.96 8.45 -5.49
CA ASP A 38 4.03 9.72 -6.18
C ASP A 38 3.31 10.80 -5.40
N ALA A 39 2.24 10.40 -4.70
CA ALA A 39 1.44 11.32 -3.89
C ALA A 39 2.28 12.05 -2.83
N ALA A 40 3.31 11.41 -2.32
CA ALA A 40 4.12 12.02 -1.26
C ALA A 40 5.63 11.96 -1.54
N GLY A 41 6.04 11.04 -2.36
CA GLY A 41 7.43 10.79 -2.63
C GLY A 41 8.02 9.93 -1.54
N LEU A 42 7.38 8.82 -1.32
CA LEU A 42 7.76 7.89 -0.28
C LEU A 42 9.01 7.10 -0.66
N HIS A 43 10.00 7.13 0.21
CA HIS A 43 11.25 6.42 0.00
C HIS A 43 11.33 5.17 0.84
N SER A 44 10.32 4.90 1.61
CA SER A 44 10.40 3.78 2.51
C SER A 44 9.29 2.77 2.34
N LEU A 45 9.44 1.99 1.37
CA LEU A 45 8.66 0.78 1.25
C LEU A 45 9.59 -0.36 1.13
N GLU A 46 9.54 -1.16 2.09
CA GLU A 46 10.35 -2.32 2.22
C GLU A 46 9.59 -3.30 3.03
N GLU A 47 9.94 -4.54 2.90
CA GLU A 47 9.21 -5.58 3.55
C GLU A 47 9.29 -5.49 5.06
N GLY A 48 8.24 -5.94 5.68
CA GLY A 48 8.14 -5.89 7.13
C GLY A 48 7.63 -4.56 7.68
N GLN A 49 7.68 -3.50 6.88
CA GLN A 49 7.23 -2.19 7.32
C GLN A 49 5.74 -2.13 7.44
N ASP A 50 5.27 -1.57 8.51
CA ASP A 50 3.85 -1.33 8.68
C ASP A 50 3.53 -0.05 8.01
N VAL A 51 2.48 -0.03 7.27
CA VAL A 51 2.14 1.10 6.53
C VAL A 51 0.67 1.42 6.67
N ILE A 52 0.39 2.67 6.66
CA ILE A 52 -0.93 3.20 6.80
C ILE A 52 -1.32 3.73 5.46
N PHE A 53 -2.47 3.36 4.99
CA PHE A 53 -2.93 3.86 3.71
C PHE A 53 -4.40 4.04 3.70
N ASP A 54 -4.90 4.48 2.59
CA ASP A 54 -6.30 4.59 2.36
C ASP A 54 -6.58 3.72 1.17
N LEU A 55 -7.79 3.30 1.00
CA LEU A 55 -8.07 2.39 -0.07
C LEU A 55 -9.24 2.81 -0.92
N GLU A 56 -8.98 2.80 -2.20
CA GLU A 56 -9.91 3.07 -3.24
C GLU A 56 -9.91 1.94 -4.21
N GLU A 57 -11.06 1.59 -4.65
CA GLU A 57 -11.24 0.46 -5.49
C GLU A 57 -11.41 0.87 -6.93
N LYS A 58 -10.84 0.08 -7.80
CA LYS A 58 -10.86 0.29 -9.23
C LYS A 58 -12.10 -0.43 -9.81
N GLN A 59 -13.16 -0.49 -9.00
CA GLN A 59 -14.41 -1.15 -9.34
C GLN A 59 -14.20 -2.66 -9.57
N GLY A 60 -13.15 -3.18 -9.00
CA GLY A 60 -12.81 -4.57 -9.13
C GLY A 60 -11.50 -4.82 -8.47
N LYS A 61 -10.54 -4.00 -8.79
CA LYS A 61 -9.24 -4.06 -8.16
C LYS A 61 -9.18 -3.12 -6.97
N ALA A 62 -8.20 -3.30 -6.14
CA ALA A 62 -8.04 -2.50 -4.94
C ALA A 62 -6.60 -2.04 -4.84
N TYR A 63 -6.39 -0.74 -4.85
CA TYR A 63 -5.04 -0.21 -4.75
C TYR A 63 -4.89 0.77 -3.59
N ALA A 64 -3.83 0.58 -2.85
CA ALA A 64 -3.50 1.39 -1.69
C ALA A 64 -2.99 2.74 -2.11
N VAL A 65 -3.50 3.75 -1.46
CA VAL A 65 -3.15 5.14 -1.73
C VAL A 65 -2.88 5.86 -0.43
N ASN A 66 -2.34 7.07 -0.50
CA ASN A 66 -2.00 7.87 0.66
C ASN A 66 -1.14 7.11 1.63
N LEU A 67 0.05 6.75 1.18
CA LEU A 67 0.91 5.94 1.98
C LEU A 67 1.67 6.72 2.99
N ARG A 68 1.70 6.18 4.15
CA ARG A 68 2.42 6.68 5.24
C ARG A 68 2.90 5.53 6.06
N ILE A 69 4.15 5.50 6.38
CA ILE A 69 4.69 4.44 7.18
C ILE A 69 4.39 4.68 8.64
N LYS A 70 4.24 3.60 9.36
CA LYS A 70 4.03 3.64 10.78
C LYS A 70 5.27 4.26 11.45
N MET A 1 -14.38 3.25 -0.36
CA MET A 1 -13.11 3.87 0.04
C MET A 1 -12.86 3.57 1.49
N ALA A 2 -11.62 3.47 1.86
CA ALA A 2 -11.25 3.19 3.22
C ALA A 2 -10.09 4.07 3.61
N THR A 3 -10.03 4.46 4.84
CA THR A 3 -8.99 5.35 5.31
C THR A 3 -8.33 4.84 6.59
N ASN A 4 -7.06 5.25 6.78
CA ASN A 4 -6.27 4.97 8.01
C ASN A 4 -6.05 3.47 8.20
N ILE A 5 -5.78 2.79 7.12
CA ILE A 5 -5.63 1.35 7.13
C ILE A 5 -4.28 0.95 7.72
N VAL A 6 -4.25 -0.24 8.27
CA VAL A 6 -3.08 -0.82 8.81
C VAL A 6 -2.59 -1.91 7.89
N GLY A 7 -1.33 -1.95 7.67
CA GLY A 7 -0.79 -3.09 7.04
C GLY A 7 0.68 -3.05 6.92
N LYS A 8 1.21 -4.15 6.57
CA LYS A 8 2.59 -4.33 6.35
C LYS A 8 2.82 -4.63 4.87
N VAL A 9 3.82 -3.99 4.32
CA VAL A 9 4.19 -4.16 2.93
C VAL A 9 4.59 -5.60 2.70
N LYS A 10 3.71 -6.32 2.03
CA LYS A 10 3.90 -7.71 1.70
C LYS A 10 5.09 -7.86 0.78
N TRP A 11 5.08 -7.13 -0.29
CA TRP A 11 6.19 -7.08 -1.20
C TRP A 11 6.07 -5.85 -2.03
N TYR A 12 7.16 -5.45 -2.59
CA TYR A 12 7.20 -4.30 -3.45
C TYR A 12 8.39 -4.39 -4.36
N ASN A 13 8.14 -4.30 -5.61
CA ASN A 13 9.18 -4.32 -6.60
C ASN A 13 9.42 -2.89 -7.02
N SER A 14 10.60 -2.40 -6.76
CA SER A 14 10.93 -1.01 -7.00
C SER A 14 11.08 -0.74 -8.50
N THR A 15 11.42 -1.76 -9.25
CA THR A 15 11.60 -1.61 -10.68
C THR A 15 10.25 -1.34 -11.36
N LYS A 16 9.30 -2.22 -11.14
CA LYS A 16 7.99 -2.12 -11.78
C LYS A 16 7.02 -1.28 -10.96
N ASN A 17 7.43 -0.93 -9.74
CA ASN A 17 6.62 -0.09 -8.83
C ASN A 17 5.31 -0.74 -8.40
N PHE A 18 5.26 -2.05 -8.40
CA PHE A 18 4.07 -2.77 -7.97
C PHE A 18 4.38 -3.56 -6.71
N GLY A 19 3.36 -3.89 -5.97
CA GLY A 19 3.53 -4.69 -4.79
C GLY A 19 2.22 -4.93 -4.10
N PHE A 20 2.26 -5.56 -2.95
CA PHE A 20 1.07 -5.84 -2.15
C PHE A 20 1.29 -5.50 -0.72
N ILE A 21 0.21 -5.33 0.00
CA ILE A 21 0.23 -4.97 1.41
C ILE A 21 -0.92 -5.70 2.14
N GLU A 22 -0.64 -6.26 3.31
CA GLU A 22 -1.69 -6.80 4.18
C GLU A 22 -1.28 -6.53 5.59
N GLN A 23 -2.20 -6.41 6.50
CA GLN A 23 -1.80 -6.23 7.88
C GLN A 23 -1.54 -7.56 8.50
N ASP A 24 -0.71 -7.56 9.50
CA ASP A 24 -0.27 -8.76 10.20
C ASP A 24 -1.41 -9.53 10.82
N ASN A 25 -2.52 -8.86 11.06
CA ASN A 25 -3.68 -9.53 11.63
C ASN A 25 -4.44 -10.34 10.59
N GLY A 26 -3.99 -10.29 9.35
CA GLY A 26 -4.67 -11.00 8.31
C GLY A 26 -5.55 -10.07 7.54
N GLY A 27 -4.97 -8.99 7.09
CA GLY A 27 -5.73 -8.00 6.37
C GLY A 27 -5.97 -8.42 4.94
N LYS A 28 -6.91 -7.75 4.32
CA LYS A 28 -7.26 -8.04 2.96
C LYS A 28 -6.18 -7.65 1.98
N ASP A 29 -6.17 -8.29 0.84
CA ASP A 29 -5.16 -8.03 -0.16
C ASP A 29 -5.49 -6.81 -0.97
N VAL A 30 -4.60 -5.89 -0.93
CA VAL A 30 -4.66 -4.69 -1.71
C VAL A 30 -3.27 -4.43 -2.27
N PHE A 31 -3.19 -4.10 -3.53
CA PHE A 31 -1.91 -3.88 -4.12
C PHE A 31 -1.51 -2.44 -3.99
N VAL A 32 -0.24 -2.22 -3.92
CA VAL A 32 0.24 -0.88 -3.81
C VAL A 32 0.61 -0.36 -5.19
N HIS A 33 0.07 0.77 -5.51
CA HIS A 33 0.29 1.38 -6.79
C HIS A 33 1.08 2.67 -6.58
N LYS A 34 1.92 3.04 -7.54
CA LYS A 34 2.81 4.18 -7.36
C LYS A 34 2.09 5.51 -7.22
N SER A 35 0.87 5.59 -7.70
CA SER A 35 0.07 6.80 -7.48
C SER A 35 -0.03 7.15 -5.98
N ALA A 36 0.20 6.17 -5.12
CA ALA A 36 0.22 6.40 -3.69
C ALA A 36 1.51 7.10 -3.28
N VAL A 37 2.62 6.65 -3.86
CA VAL A 37 3.91 7.26 -3.61
C VAL A 37 3.94 8.63 -4.26
N ASP A 38 3.21 8.77 -5.33
CA ASP A 38 3.10 10.03 -6.01
C ASP A 38 2.22 10.98 -5.21
N ALA A 39 1.19 10.43 -4.58
CA ALA A 39 0.25 11.25 -3.82
C ALA A 39 0.85 11.76 -2.52
N ALA A 40 1.44 10.86 -1.74
CA ALA A 40 1.97 11.24 -0.43
C ALA A 40 3.48 11.45 -0.46
N GLY A 41 4.14 10.85 -1.42
CA GLY A 41 5.58 10.95 -1.53
C GLY A 41 6.28 10.06 -0.55
N LEU A 42 6.07 8.77 -0.70
CA LEU A 42 6.69 7.79 0.14
C LEU A 42 8.15 7.71 -0.28
N HIS A 43 9.06 7.79 0.67
CA HIS A 43 10.50 7.79 0.40
C HIS A 43 10.97 6.52 -0.32
N SER A 44 10.58 5.38 0.21
CA SER A 44 11.02 4.08 -0.30
C SER A 44 10.30 2.94 0.43
N LEU A 45 9.89 1.94 -0.31
CA LEU A 45 9.23 0.78 0.29
C LEU A 45 10.12 -0.42 0.22
N GLU A 46 9.76 -1.40 0.99
CA GLU A 46 10.38 -2.69 1.03
C GLU A 46 9.49 -3.56 1.86
N GLU A 47 9.63 -4.84 1.77
CA GLU A 47 8.78 -5.73 2.50
C GLU A 47 9.14 -5.77 3.97
N GLY A 48 8.15 -6.07 4.78
CA GLY A 48 8.35 -6.08 6.22
C GLY A 48 8.04 -4.74 6.87
N GLN A 49 7.88 -3.72 6.04
CA GLN A 49 7.57 -2.37 6.51
C GLN A 49 6.12 -2.25 6.88
N ASP A 50 5.86 -1.62 7.99
CA ASP A 50 4.50 -1.33 8.37
C ASP A 50 4.13 -0.04 7.72
N VAL A 51 2.99 -0.01 7.15
CA VAL A 51 2.58 1.11 6.39
C VAL A 51 1.14 1.45 6.66
N ILE A 52 0.85 2.70 6.60
CA ILE A 52 -0.45 3.23 6.82
C ILE A 52 -0.89 3.83 5.51
N PHE A 53 -2.06 3.48 5.05
CA PHE A 53 -2.51 4.00 3.78
C PHE A 53 -3.99 4.17 3.78
N ASP A 54 -4.49 4.57 2.66
CA ASP A 54 -5.88 4.69 2.45
C ASP A 54 -6.17 3.86 1.24
N LEU A 55 -7.37 3.51 1.04
CA LEU A 55 -7.70 2.63 -0.05
C LEU A 55 -8.83 3.15 -0.87
N GLU A 56 -8.58 3.15 -2.14
CA GLU A 56 -9.53 3.47 -3.14
C GLU A 56 -9.62 2.31 -4.06
N GLU A 57 -10.79 1.97 -4.44
CA GLU A 57 -10.97 0.87 -5.30
C GLU A 57 -11.24 1.34 -6.69
N LYS A 58 -10.95 0.49 -7.58
CA LYS A 58 -11.04 0.76 -8.97
C LYS A 58 -12.09 -0.19 -9.54
N GLN A 59 -12.99 -0.62 -8.64
CA GLN A 59 -14.10 -1.57 -8.93
C GLN A 59 -13.60 -2.99 -9.18
N GLY A 60 -12.78 -3.13 -10.18
CA GLY A 60 -12.18 -4.41 -10.46
C GLY A 60 -10.89 -4.58 -9.69
N LYS A 61 -10.29 -3.46 -9.33
CA LYS A 61 -9.01 -3.48 -8.63
C LYS A 61 -9.11 -2.74 -7.30
N ALA A 62 -8.13 -2.94 -6.45
CA ALA A 62 -8.04 -2.29 -5.16
C ALA A 62 -6.59 -1.91 -4.92
N TYR A 63 -6.30 -0.63 -4.83
CA TYR A 63 -4.92 -0.19 -4.68
C TYR A 63 -4.75 0.79 -3.54
N ALA A 64 -3.68 0.59 -2.82
CA ALA A 64 -3.32 1.42 -1.68
C ALA A 64 -2.88 2.78 -2.16
N VAL A 65 -3.32 3.79 -1.45
CA VAL A 65 -3.01 5.17 -1.76
C VAL A 65 -2.65 5.92 -0.50
N ASN A 66 -1.99 7.06 -0.67
CA ASN A 66 -1.59 7.93 0.45
C ASN A 66 -0.73 7.14 1.44
N LEU A 67 0.41 6.70 1.00
CA LEU A 67 1.22 5.85 1.85
C LEU A 67 1.99 6.64 2.87
N ARG A 68 2.01 6.11 4.05
CA ARG A 68 2.75 6.61 5.13
C ARG A 68 3.42 5.48 5.85
N ILE A 69 4.66 5.64 6.17
CA ILE A 69 5.32 4.66 6.95
C ILE A 69 4.81 4.72 8.37
N LYS A 70 4.52 3.58 8.93
CA LYS A 70 4.03 3.48 10.28
C LYS A 70 5.10 3.95 11.26
N MET A 1 -14.48 3.25 0.28
CA MET A 1 -13.74 4.34 0.92
C MET A 1 -13.27 3.95 2.30
N ALA A 2 -11.97 3.83 2.46
CA ALA A 2 -11.39 3.55 3.76
C ALA A 2 -10.08 4.32 3.88
N THR A 3 -10.03 5.23 4.82
CA THR A 3 -8.86 6.05 5.02
C THR A 3 -8.12 5.64 6.28
N ASN A 4 -6.79 5.74 6.24
CA ASN A 4 -5.89 5.35 7.34
C ASN A 4 -6.09 3.88 7.68
N ILE A 5 -5.53 3.07 6.86
CA ILE A 5 -5.61 1.64 6.97
C ILE A 5 -4.30 1.08 7.41
N VAL A 6 -4.38 0.00 8.12
CA VAL A 6 -3.22 -0.69 8.56
C VAL A 6 -2.86 -1.77 7.57
N GLY A 7 -1.62 -1.83 7.24
CA GLY A 7 -1.14 -2.91 6.47
C GLY A 7 0.32 -3.08 6.62
N LYS A 8 0.78 -4.19 6.21
CA LYS A 8 2.17 -4.50 6.16
C LYS A 8 2.56 -4.60 4.72
N VAL A 9 3.67 -3.99 4.36
CA VAL A 9 4.16 -4.09 3.00
C VAL A 9 4.50 -5.53 2.74
N LYS A 10 3.69 -6.12 1.90
CA LYS A 10 3.76 -7.51 1.57
C LYS A 10 4.95 -7.75 0.64
N TRP A 11 5.04 -6.95 -0.39
CA TRP A 11 6.16 -6.97 -1.31
C TRP A 11 6.09 -5.76 -2.18
N TYR A 12 7.18 -5.42 -2.78
CA TYR A 12 7.24 -4.27 -3.66
C TYR A 12 8.45 -4.35 -4.56
N ASN A 13 8.23 -4.46 -5.84
CA ASN A 13 9.32 -4.47 -6.79
C ASN A 13 9.57 -3.06 -7.23
N SER A 14 10.63 -2.48 -6.73
CA SER A 14 11.01 -1.10 -6.97
C SER A 14 11.08 -0.79 -8.47
N THR A 15 11.72 -1.68 -9.22
CA THR A 15 11.90 -1.52 -10.64
C THR A 15 10.55 -1.37 -11.38
N LYS A 16 9.54 -2.10 -10.93
CA LYS A 16 8.26 -2.09 -11.60
C LYS A 16 7.26 -1.17 -10.91
N ASN A 17 7.67 -0.63 -9.74
CA ASN A 17 6.84 0.33 -8.98
C ASN A 17 5.52 -0.28 -8.53
N PHE A 18 5.50 -1.58 -8.38
CA PHE A 18 4.29 -2.28 -8.05
C PHE A 18 4.57 -3.27 -6.94
N GLY A 19 3.57 -3.55 -6.17
CA GLY A 19 3.67 -4.47 -5.09
C GLY A 19 2.35 -4.66 -4.42
N PHE A 20 2.36 -5.24 -3.25
CA PHE A 20 1.15 -5.50 -2.48
C PHE A 20 1.34 -5.18 -1.02
N ILE A 21 0.22 -5.09 -0.34
CA ILE A 21 0.17 -4.77 1.06
C ILE A 21 -1.03 -5.51 1.66
N GLU A 22 -0.84 -6.10 2.80
CA GLU A 22 -1.91 -6.72 3.57
C GLU A 22 -1.56 -6.47 5.00
N GLN A 23 -2.51 -6.30 5.90
CA GLN A 23 -2.06 -6.09 7.26
C GLN A 23 -1.66 -7.38 7.85
N ASP A 24 -0.66 -7.30 8.66
CA ASP A 24 -0.04 -8.47 9.32
C ASP A 24 -1.06 -9.32 10.06
N ASN A 25 -2.10 -8.68 10.52
CA ASN A 25 -3.16 -9.34 11.26
C ASN A 25 -3.99 -10.26 10.37
N GLY A 26 -3.81 -10.14 9.07
CA GLY A 26 -4.59 -10.94 8.16
C GLY A 26 -5.60 -10.09 7.43
N GLY A 27 -5.15 -9.00 6.85
CA GLY A 27 -6.03 -8.13 6.10
C GLY A 27 -6.06 -8.54 4.65
N LYS A 28 -6.96 -7.96 3.89
CA LYS A 28 -7.09 -8.32 2.49
C LYS A 28 -6.01 -7.68 1.65
N ASP A 29 -5.62 -8.40 0.62
CA ASP A 29 -4.55 -8.00 -0.28
C ASP A 29 -4.95 -6.78 -1.08
N VAL A 30 -4.18 -5.75 -0.97
CA VAL A 30 -4.37 -4.56 -1.76
C VAL A 30 -3.06 -4.25 -2.47
N PHE A 31 -3.12 -3.83 -3.71
CA PHE A 31 -1.90 -3.56 -4.43
C PHE A 31 -1.46 -2.13 -4.31
N VAL A 32 -0.18 -1.95 -4.23
CA VAL A 32 0.40 -0.65 -4.10
C VAL A 32 1.18 -0.34 -5.37
N HIS A 33 1.13 0.88 -5.80
CA HIS A 33 1.80 1.33 -6.97
C HIS A 33 2.44 2.67 -6.66
N LYS A 34 3.40 3.11 -7.48
CA LYS A 34 4.11 4.37 -7.24
C LYS A 34 3.17 5.56 -7.26
N SER A 35 2.00 5.40 -7.85
CA SER A 35 0.93 6.40 -7.75
C SER A 35 0.65 6.76 -6.26
N ALA A 36 0.87 5.79 -5.37
CA ALA A 36 0.71 5.99 -3.95
C ALA A 36 1.89 6.77 -3.38
N VAL A 37 3.08 6.51 -3.94
CA VAL A 37 4.26 7.26 -3.57
C VAL A 37 4.06 8.68 -4.01
N ASP A 38 3.52 8.84 -5.19
CA ASP A 38 3.19 10.14 -5.75
C ASP A 38 2.16 10.84 -4.88
N ALA A 39 1.23 10.06 -4.36
CA ALA A 39 0.14 10.57 -3.52
C ALA A 39 0.62 11.23 -2.23
N ALA A 40 1.70 10.74 -1.63
CA ALA A 40 2.17 11.30 -0.34
C ALA A 40 3.65 11.65 -0.32
N GLY A 41 4.37 11.24 -1.33
CA GLY A 41 5.81 11.43 -1.39
C GLY A 41 6.52 10.49 -0.47
N LEU A 42 6.23 9.24 -0.65
CA LEU A 42 6.83 8.17 0.10
C LEU A 42 8.30 8.05 -0.37
N HIS A 43 9.18 7.63 0.49
CA HIS A 43 10.60 7.56 0.12
C HIS A 43 10.92 6.27 -0.64
N SER A 44 10.71 5.15 0.01
CA SER A 44 10.98 3.85 -0.56
C SER A 44 10.32 2.76 0.28
N LEU A 45 9.86 1.71 -0.36
CA LEU A 45 9.17 0.64 0.32
C LEU A 45 9.99 -0.63 0.35
N GLU A 46 9.84 -1.34 1.40
CA GLU A 46 10.46 -2.61 1.64
C GLU A 46 9.47 -3.46 2.40
N GLU A 47 9.56 -4.75 2.27
CA GLU A 47 8.59 -5.63 2.91
C GLU A 47 8.85 -5.71 4.41
N GLY A 48 7.81 -6.04 5.15
CA GLY A 48 7.93 -6.15 6.60
C GLY A 48 7.70 -4.82 7.31
N GLN A 49 7.35 -3.82 6.55
CA GLN A 49 7.05 -2.51 7.07
C GLN A 49 5.60 -2.37 7.34
N ASP A 50 5.28 -1.81 8.46
CA ASP A 50 3.89 -1.52 8.77
C ASP A 50 3.58 -0.19 8.17
N VAL A 51 2.64 -0.17 7.30
CA VAL A 51 2.34 0.99 6.55
C VAL A 51 0.87 1.35 6.68
N ILE A 52 0.62 2.60 6.53
CA ILE A 52 -0.69 3.17 6.59
C ILE A 52 -1.01 3.71 5.22
N PHE A 53 -2.19 3.46 4.75
CA PHE A 53 -2.61 3.94 3.44
C PHE A 53 -4.09 4.17 3.42
N ASP A 54 -4.59 4.65 2.31
CA ASP A 54 -6.00 4.78 2.11
C ASP A 54 -6.36 3.86 0.99
N LEU A 55 -7.53 3.33 1.02
CA LEU A 55 -7.96 2.39 0.03
C LEU A 55 -9.34 2.69 -0.46
N GLU A 56 -9.44 2.65 -1.74
CA GLU A 56 -10.65 2.76 -2.44
C GLU A 56 -10.63 1.72 -3.52
N GLU A 57 -11.72 1.06 -3.70
CA GLU A 57 -11.77 0.01 -4.65
C GLU A 57 -12.05 0.51 -6.04
N LYS A 58 -11.36 -0.06 -6.97
CA LYS A 58 -11.45 0.28 -8.36
C LYS A 58 -12.34 -0.75 -9.02
N GLN A 59 -13.64 -0.63 -8.71
CA GLN A 59 -14.71 -1.54 -9.13
C GLN A 59 -14.47 -2.93 -8.48
N GLY A 60 -13.51 -3.67 -9.00
CA GLY A 60 -13.19 -4.96 -8.45
C GLY A 60 -11.76 -5.01 -7.93
N LYS A 61 -10.93 -4.08 -8.37
CA LYS A 61 -9.53 -4.04 -7.95
C LYS A 61 -9.40 -3.21 -6.67
N ALA A 62 -8.29 -3.31 -6.00
CA ALA A 62 -8.05 -2.58 -4.78
C ALA A 62 -6.64 -2.00 -4.80
N TYR A 63 -6.53 -0.68 -4.75
CA TYR A 63 -5.21 -0.04 -4.79
C TYR A 63 -4.97 0.83 -3.56
N ALA A 64 -3.82 0.68 -3.01
CA ALA A 64 -3.39 1.42 -1.84
C ALA A 64 -2.74 2.71 -2.26
N VAL A 65 -3.15 3.79 -1.64
CA VAL A 65 -2.65 5.13 -1.92
C VAL A 65 -2.47 5.89 -0.64
N ASN A 66 -1.79 7.04 -0.71
CA ASN A 66 -1.54 7.92 0.45
C ASN A 66 -0.80 7.14 1.52
N LEU A 67 0.40 6.72 1.19
CA LEU A 67 1.15 5.88 2.08
C LEU A 67 1.85 6.68 3.14
N ARG A 68 1.90 6.12 4.29
CA ARG A 68 2.58 6.67 5.41
C ARG A 68 3.14 5.49 6.17
N ILE A 69 4.38 5.51 6.51
CA ILE A 69 4.97 4.42 7.22
C ILE A 69 4.92 4.64 8.71
N LYS A 70 4.67 3.59 9.42
CA LYS A 70 4.66 3.62 10.86
C LYS A 70 6.09 3.61 11.38
N MET A 1 -12.09 4.91 -0.96
CA MET A 1 -13.16 5.29 -0.04
C MET A 1 -12.77 4.99 1.41
N ALA A 2 -12.04 3.90 1.63
CA ALA A 2 -11.61 3.53 2.98
C ALA A 2 -10.38 4.33 3.37
N THR A 3 -10.37 4.85 4.59
CA THR A 3 -9.28 5.69 5.05
C THR A 3 -8.60 5.12 6.29
N ASN A 4 -7.28 5.34 6.38
CA ASN A 4 -6.42 4.90 7.48
C ASN A 4 -6.44 3.40 7.66
N ILE A 5 -5.71 2.74 6.83
CA ILE A 5 -5.60 1.32 6.87
C ILE A 5 -4.25 0.90 7.40
N VAL A 6 -4.24 -0.20 8.08
CA VAL A 6 -3.03 -0.75 8.63
C VAL A 6 -2.63 -1.98 7.86
N GLY A 7 -1.39 -2.06 7.57
CA GLY A 7 -0.85 -3.25 7.03
C GLY A 7 0.61 -3.16 6.80
N LYS A 8 1.20 -4.26 6.69
CA LYS A 8 2.58 -4.39 6.45
C LYS A 8 2.82 -4.64 4.99
N VAL A 9 3.81 -3.94 4.43
CA VAL A 9 4.19 -4.08 3.05
C VAL A 9 4.54 -5.53 2.79
N LYS A 10 3.68 -6.15 2.04
CA LYS A 10 3.75 -7.57 1.74
C LYS A 10 4.89 -7.81 0.78
N TRP A 11 5.01 -6.93 -0.19
CA TRP A 11 6.11 -6.88 -1.12
C TRP A 11 5.96 -5.68 -1.99
N TYR A 12 7.03 -5.28 -2.60
CA TYR A 12 7.04 -4.15 -3.48
C TYR A 12 8.26 -4.20 -4.35
N ASN A 13 8.06 -4.11 -5.63
CA ASN A 13 9.14 -4.07 -6.55
C ASN A 13 9.38 -2.63 -6.93
N SER A 14 10.55 -2.13 -6.63
CA SER A 14 10.87 -0.72 -6.79
C SER A 14 10.98 -0.31 -8.27
N THR A 15 11.26 -1.27 -9.13
CA THR A 15 11.41 -0.98 -10.52
C THR A 15 10.05 -1.02 -11.25
N LYS A 16 9.26 -2.05 -10.99
CA LYS A 16 7.97 -2.19 -11.64
C LYS A 16 6.88 -1.39 -10.93
N ASN A 17 7.20 -0.85 -9.74
CA ASN A 17 6.27 0.01 -8.97
C ASN A 17 4.98 -0.72 -8.60
N PHE A 18 5.07 -2.02 -8.39
CA PHE A 18 3.94 -2.83 -7.99
C PHE A 18 4.26 -3.58 -6.71
N GLY A 19 3.26 -3.88 -5.96
CA GLY A 19 3.42 -4.66 -4.78
C GLY A 19 2.11 -4.91 -4.11
N PHE A 20 2.16 -5.42 -2.92
CA PHE A 20 0.97 -5.68 -2.12
C PHE A 20 1.22 -5.34 -0.68
N ILE A 21 0.15 -5.27 0.09
CA ILE A 21 0.20 -4.92 1.49
C ILE A 21 -0.87 -5.71 2.25
N GLU A 22 -0.52 -6.30 3.38
CA GLU A 22 -1.48 -6.98 4.22
C GLU A 22 -1.09 -6.74 5.66
N GLN A 23 -2.03 -6.57 6.55
CA GLN A 23 -1.64 -6.40 7.92
C GLN A 23 -1.41 -7.74 8.53
N ASP A 24 -0.63 -7.75 9.56
CA ASP A 24 -0.24 -8.94 10.29
C ASP A 24 -1.43 -9.77 10.78
N ASN A 25 -2.56 -9.13 10.96
CA ASN A 25 -3.76 -9.80 11.41
C ASN A 25 -4.46 -10.57 10.25
N GLY A 26 -3.88 -10.50 9.06
CA GLY A 26 -4.50 -11.16 7.91
C GLY A 26 -5.46 -10.21 7.24
N GLY A 27 -4.96 -9.02 6.94
CA GLY A 27 -5.79 -7.93 6.43
C GLY A 27 -6.40 -8.13 5.06
N LYS A 28 -5.85 -7.45 4.07
CA LYS A 28 -6.44 -7.42 2.77
C LYS A 28 -5.45 -7.80 1.70
N ASP A 29 -5.93 -7.86 0.50
CA ASP A 29 -5.11 -8.05 -0.65
C ASP A 29 -5.24 -6.84 -1.50
N VAL A 30 -4.49 -5.86 -1.17
CA VAL A 30 -4.52 -4.65 -1.89
C VAL A 30 -3.17 -4.37 -2.49
N PHE A 31 -3.15 -4.07 -3.75
CA PHE A 31 -1.91 -3.81 -4.43
C PHE A 31 -1.49 -2.38 -4.29
N VAL A 32 -0.23 -2.20 -4.08
CA VAL A 32 0.32 -0.91 -3.92
C VAL A 32 1.04 -0.50 -5.20
N HIS A 33 0.59 0.56 -5.78
CA HIS A 33 1.20 1.10 -6.97
C HIS A 33 1.88 2.40 -6.60
N LYS A 34 2.80 2.88 -7.42
CA LYS A 34 3.54 4.08 -7.12
C LYS A 34 2.65 5.30 -6.98
N SER A 35 1.45 5.27 -7.56
CA SER A 35 0.47 6.36 -7.38
C SER A 35 0.22 6.64 -5.88
N ALA A 36 0.45 5.64 -5.04
CA ALA A 36 0.34 5.80 -3.62
C ALA A 36 1.51 6.57 -3.07
N VAL A 37 2.69 6.28 -3.61
CA VAL A 37 3.89 7.01 -3.28
C VAL A 37 3.73 8.41 -3.78
N ASP A 38 3.26 8.55 -5.01
CA ASP A 38 3.06 9.85 -5.64
C ASP A 38 2.06 10.67 -4.86
N ALA A 39 1.18 9.99 -4.14
CA ALA A 39 0.15 10.66 -3.36
C ALA A 39 0.71 11.36 -2.13
N ALA A 40 1.78 10.84 -1.56
CA ALA A 40 2.32 11.43 -0.32
C ALA A 40 3.83 11.67 -0.39
N GLY A 41 4.43 11.31 -1.49
CA GLY A 41 5.87 11.42 -1.70
C GLY A 41 6.65 10.57 -0.72
N LEU A 42 6.32 9.32 -0.68
CA LEU A 42 6.98 8.36 0.16
C LEU A 42 8.40 8.16 -0.44
N HIS A 43 9.42 8.00 0.38
CA HIS A 43 10.77 7.89 -0.17
C HIS A 43 10.99 6.55 -0.89
N SER A 44 10.87 5.45 -0.18
CA SER A 44 11.12 4.10 -0.75
C SER A 44 10.52 3.05 0.20
N LEU A 45 10.22 1.86 -0.31
CA LEU A 45 9.63 0.80 0.52
C LEU A 45 10.12 -0.56 0.14
N GLU A 46 10.08 -1.43 1.10
CA GLU A 46 10.37 -2.81 0.93
C GLU A 46 9.50 -3.58 1.90
N GLU A 47 9.49 -4.87 1.80
CA GLU A 47 8.66 -5.69 2.62
C GLU A 47 9.11 -5.73 4.07
N GLY A 48 8.18 -6.02 4.95
CA GLY A 48 8.46 -6.07 6.37
C GLY A 48 8.07 -4.78 7.06
N GLN A 49 7.92 -3.72 6.28
CA GLN A 49 7.57 -2.41 6.80
C GLN A 49 6.10 -2.28 7.03
N ASP A 50 5.73 -1.67 8.10
CA ASP A 50 4.33 -1.40 8.37
C ASP A 50 3.99 -0.08 7.77
N VAL A 51 2.88 -0.04 7.11
CA VAL A 51 2.50 1.13 6.40
C VAL A 51 1.02 1.44 6.62
N ILE A 52 0.72 2.69 6.50
CA ILE A 52 -0.60 3.22 6.66
C ILE A 52 -1.00 3.81 5.32
N PHE A 53 -2.14 3.45 4.82
CA PHE A 53 -2.57 3.95 3.54
C PHE A 53 -4.06 4.13 3.53
N ASP A 54 -4.56 4.57 2.42
CA ASP A 54 -5.96 4.67 2.20
C ASP A 54 -6.25 3.80 1.03
N LEU A 55 -7.44 3.37 0.90
CA LEU A 55 -7.77 2.46 -0.17
C LEU A 55 -8.88 2.99 -0.99
N GLU A 56 -8.64 3.01 -2.26
CA GLU A 56 -9.59 3.47 -3.22
C GLU A 56 -9.82 2.32 -4.19
N GLU A 57 -11.02 2.13 -4.64
CA GLU A 57 -11.29 1.01 -5.51
C GLU A 57 -11.19 1.38 -6.98
N LYS A 58 -10.70 0.45 -7.74
CA LYS A 58 -10.54 0.55 -9.18
C LYS A 58 -11.65 -0.28 -9.83
N GLN A 59 -12.81 -0.25 -9.18
CA GLN A 59 -13.97 -1.05 -9.56
C GLN A 59 -13.64 -2.51 -9.43
N GLY A 60 -13.87 -3.04 -8.26
CA GLY A 60 -13.54 -4.41 -7.99
C GLY A 60 -12.11 -4.57 -7.51
N LYS A 61 -11.17 -3.94 -8.20
CA LYS A 61 -9.78 -4.05 -7.82
C LYS A 61 -9.46 -3.05 -6.72
N ALA A 62 -8.48 -3.34 -5.91
CA ALA A 62 -8.15 -2.51 -4.77
C ALA A 62 -6.70 -2.07 -4.82
N TYR A 63 -6.47 -0.76 -4.80
CA TYR A 63 -5.12 -0.21 -4.82
C TYR A 63 -4.89 0.75 -3.67
N ALA A 64 -3.79 0.57 -3.01
CA ALA A 64 -3.39 1.39 -1.88
C ALA A 64 -2.91 2.72 -2.38
N VAL A 65 -3.26 3.76 -1.66
CA VAL A 65 -2.89 5.12 -1.97
C VAL A 65 -2.54 5.84 -0.69
N ASN A 66 -1.88 6.99 -0.83
CA ASN A 66 -1.52 7.85 0.31
C ASN A 66 -0.66 7.10 1.31
N LEU A 67 0.52 6.70 0.89
CA LEU A 67 1.33 5.92 1.80
C LEU A 67 2.03 6.75 2.84
N ARG A 68 2.02 6.23 4.03
CA ARG A 68 2.68 6.83 5.17
C ARG A 68 3.25 5.65 5.95
N ILE A 69 4.49 5.70 6.35
CA ILE A 69 5.02 4.60 7.12
C ILE A 69 4.57 4.64 8.56
N LYS A 70 4.40 3.48 9.14
CA LYS A 70 4.00 3.36 10.51
C LYS A 70 5.15 3.78 11.42
N MET A 1 -12.72 3.51 -1.34
CA MET A 1 -13.17 4.33 -0.21
C MET A 1 -13.01 3.58 1.09
N ALA A 2 -11.85 3.73 1.69
CA ALA A 2 -11.52 3.14 2.96
C ALA A 2 -10.33 3.88 3.52
N THR A 3 -10.55 4.68 4.52
CA THR A 3 -9.51 5.53 5.06
C THR A 3 -8.88 4.98 6.32
N ASN A 4 -7.57 5.19 6.42
CA ASN A 4 -6.75 4.79 7.58
C ASN A 4 -6.74 3.29 7.77
N ILE A 5 -5.97 2.64 6.96
CA ILE A 5 -5.84 1.21 7.00
C ILE A 5 -4.49 0.80 7.52
N VAL A 6 -4.48 -0.29 8.23
CA VAL A 6 -3.28 -0.86 8.75
C VAL A 6 -2.81 -2.00 7.89
N GLY A 7 -1.55 -2.02 7.66
CA GLY A 7 -0.95 -3.16 7.09
C GLY A 7 0.52 -3.06 7.09
N LYS A 8 1.11 -4.07 6.62
CA LYS A 8 2.52 -4.16 6.47
C LYS A 8 2.84 -4.42 5.03
N VAL A 9 3.90 -3.80 4.55
CA VAL A 9 4.36 -3.98 3.20
C VAL A 9 4.68 -5.44 2.98
N LYS A 10 3.87 -6.05 2.16
CA LYS A 10 3.95 -7.46 1.85
C LYS A 10 5.19 -7.67 0.98
N TRP A 11 5.29 -6.83 -0.03
CA TRP A 11 6.42 -6.76 -0.95
C TRP A 11 6.19 -5.63 -1.91
N TYR A 12 7.23 -5.18 -2.53
CA TYR A 12 7.13 -4.10 -3.48
C TYR A 12 8.21 -4.24 -4.52
N ASN A 13 7.82 -4.24 -5.77
CA ASN A 13 8.76 -4.31 -6.84
C ASN A 13 8.87 -2.93 -7.45
N SER A 14 9.93 -2.24 -7.10
CA SER A 14 10.17 -0.89 -7.59
C SER A 14 10.36 -0.87 -9.11
N THR A 15 10.73 -2.01 -9.66
CA THR A 15 10.91 -2.18 -11.06
C THR A 15 9.59 -2.03 -11.82
N LYS A 16 8.53 -2.51 -11.22
CA LYS A 16 7.23 -2.46 -11.85
C LYS A 16 6.36 -1.37 -11.26
N ASN A 17 6.86 -0.73 -10.19
CA ASN A 17 6.17 0.39 -9.53
C ASN A 17 4.91 -0.06 -8.78
N PHE A 18 4.83 -1.34 -8.43
CA PHE A 18 3.72 -1.85 -7.65
C PHE A 18 4.14 -2.98 -6.74
N GLY A 19 3.30 -3.28 -5.80
CA GLY A 19 3.52 -4.32 -4.85
C GLY A 19 2.26 -4.62 -4.10
N PHE A 20 2.37 -5.18 -2.93
CA PHE A 20 1.21 -5.51 -2.11
C PHE A 20 1.44 -5.18 -0.66
N ILE A 21 0.35 -5.16 0.09
CA ILE A 21 0.34 -4.86 1.50
C ILE A 21 -0.70 -5.74 2.17
N GLU A 22 -0.39 -6.27 3.33
CA GLU A 22 -1.34 -7.02 4.12
C GLU A 22 -1.08 -6.68 5.55
N GLN A 23 -2.08 -6.60 6.36
CA GLN A 23 -1.80 -6.39 7.75
C GLN A 23 -1.58 -7.71 8.38
N ASP A 24 -0.76 -7.72 9.39
CA ASP A 24 -0.38 -8.94 10.11
C ASP A 24 -1.58 -9.65 10.73
N ASN A 25 -2.71 -8.96 10.79
CA ASN A 25 -3.94 -9.54 11.31
C ASN A 25 -4.73 -10.24 10.20
N GLY A 26 -4.16 -10.31 8.99
CA GLY A 26 -4.87 -10.97 7.91
C GLY A 26 -5.69 -10.01 7.09
N GLY A 27 -5.07 -8.93 6.66
CA GLY A 27 -5.78 -7.95 5.85
C GLY A 27 -5.93 -8.43 4.41
N LYS A 28 -6.70 -7.71 3.62
CA LYS A 28 -6.97 -8.10 2.24
C LYS A 28 -5.79 -7.82 1.33
N ASP A 29 -5.80 -8.45 0.15
CA ASP A 29 -4.76 -8.24 -0.84
C ASP A 29 -4.99 -6.96 -1.59
N VAL A 30 -4.35 -5.94 -1.14
CA VAL A 30 -4.41 -4.68 -1.79
C VAL A 30 -3.05 -4.35 -2.38
N PHE A 31 -3.03 -3.97 -3.64
CA PHE A 31 -1.78 -3.68 -4.27
C PHE A 31 -1.42 -2.24 -4.10
N VAL A 32 -0.21 -2.00 -3.79
CA VAL A 32 0.27 -0.67 -3.62
C VAL A 32 0.95 -0.23 -4.90
N HIS A 33 0.55 0.89 -5.41
CA HIS A 33 1.11 1.40 -6.62
C HIS A 33 1.81 2.71 -6.34
N LYS A 34 2.75 3.07 -7.18
CA LYS A 34 3.54 4.28 -7.05
C LYS A 34 2.70 5.56 -6.98
N SER A 35 1.45 5.51 -7.41
CA SER A 35 0.52 6.64 -7.22
C SER A 35 0.32 6.92 -5.72
N ALA A 36 0.57 5.92 -4.89
CA ALA A 36 0.50 6.10 -3.47
C ALA A 36 1.75 6.80 -2.99
N VAL A 37 2.86 6.51 -3.66
CA VAL A 37 4.09 7.21 -3.41
C VAL A 37 3.91 8.64 -3.86
N ASP A 38 3.27 8.79 -5.00
CA ASP A 38 2.94 10.10 -5.57
C ASP A 38 2.17 10.94 -4.56
N ALA A 39 1.32 10.29 -3.77
CA ALA A 39 0.51 10.97 -2.78
C ALA A 39 1.29 11.42 -1.52
N ALA A 40 2.47 10.85 -1.28
CA ALA A 40 3.21 11.18 -0.05
C ALA A 40 4.68 11.54 -0.28
N GLY A 41 5.21 11.14 -1.41
CA GLY A 41 6.60 11.36 -1.73
C GLY A 41 7.49 10.42 -0.97
N LEU A 42 7.04 9.21 -0.85
CA LEU A 42 7.75 8.15 -0.19
C LEU A 42 9.03 7.81 -0.96
N HIS A 43 10.10 7.54 -0.23
CA HIS A 43 11.38 7.17 -0.86
C HIS A 43 11.18 5.91 -1.70
N SER A 44 10.72 4.87 -1.03
CA SER A 44 10.39 3.62 -1.64
C SER A 44 9.80 2.72 -0.55
N LEU A 45 9.34 1.57 -0.93
CA LEU A 45 8.80 0.63 -0.01
C LEU A 45 9.69 -0.58 0.11
N GLU A 46 9.75 -1.11 1.26
CA GLU A 46 10.45 -2.33 1.54
C GLU A 46 9.60 -3.18 2.45
N GLU A 47 9.68 -4.49 2.27
CA GLU A 47 8.82 -5.40 3.01
C GLU A 47 9.15 -5.39 4.50
N GLY A 48 8.18 -5.73 5.29
CA GLY A 48 8.37 -5.73 6.73
C GLY A 48 7.91 -4.44 7.37
N GLN A 49 7.93 -3.36 6.60
CA GLN A 49 7.51 -2.05 7.05
C GLN A 49 6.03 -1.98 7.27
N ASP A 50 5.63 -1.45 8.39
CA ASP A 50 4.23 -1.23 8.65
C ASP A 50 3.83 0.04 7.99
N VAL A 51 2.75 -0.01 7.30
CA VAL A 51 2.34 1.11 6.55
C VAL A 51 0.86 1.33 6.72
N ILE A 52 0.50 2.55 6.66
CA ILE A 52 -0.85 2.97 6.82
C ILE A 52 -1.24 3.64 5.53
N PHE A 53 -2.41 3.36 5.03
CA PHE A 53 -2.82 3.88 3.74
C PHE A 53 -4.30 4.00 3.67
N ASP A 54 -4.78 4.43 2.53
CA ASP A 54 -6.18 4.48 2.27
C ASP A 54 -6.40 3.60 1.08
N LEU A 55 -7.57 3.09 0.93
CA LEU A 55 -7.82 2.15 -0.11
C LEU A 55 -8.88 2.56 -1.09
N GLU A 56 -8.43 2.71 -2.28
CA GLU A 56 -9.23 3.04 -3.41
C GLU A 56 -9.47 1.85 -4.27
N GLU A 57 -10.57 1.87 -4.91
CA GLU A 57 -11.06 0.76 -5.64
C GLU A 57 -10.90 0.97 -7.12
N LYS A 58 -10.36 -0.02 -7.77
CA LYS A 58 -10.13 0.02 -9.19
C LYS A 58 -11.09 -0.95 -9.88
N GLN A 59 -12.33 -0.50 -10.05
CA GLN A 59 -13.38 -1.27 -10.77
C GLN A 59 -13.68 -2.65 -10.07
N GLY A 60 -13.19 -2.80 -8.85
CA GLY A 60 -13.34 -4.04 -8.13
C GLY A 60 -12.04 -4.46 -7.50
N LYS A 61 -10.94 -4.01 -8.07
CA LYS A 61 -9.63 -4.31 -7.53
C LYS A 61 -9.31 -3.31 -6.43
N ALA A 62 -8.32 -3.60 -5.64
CA ALA A 62 -8.01 -2.77 -4.49
C ALA A 62 -6.59 -2.24 -4.56
N TYR A 63 -6.42 -0.92 -4.58
CA TYR A 63 -5.09 -0.34 -4.58
C TYR A 63 -4.87 0.65 -3.44
N ALA A 64 -3.76 0.51 -2.79
CA ALA A 64 -3.38 1.35 -1.66
C ALA A 64 -2.86 2.69 -2.13
N VAL A 65 -3.29 3.72 -1.44
CA VAL A 65 -2.91 5.10 -1.74
C VAL A 65 -2.68 5.86 -0.46
N ASN A 66 -2.12 7.07 -0.58
CA ASN A 66 -1.85 7.97 0.57
C ASN A 66 -1.04 7.26 1.64
N LEU A 67 0.17 6.86 1.30
CA LEU A 67 0.95 6.08 2.23
C LEU A 67 1.51 6.88 3.37
N ARG A 68 1.39 6.30 4.51
CA ARG A 68 1.89 6.79 5.73
C ARG A 68 2.81 5.71 6.27
N ILE A 69 3.98 6.07 6.67
CA ILE A 69 4.92 5.07 7.16
C ILE A 69 5.13 5.07 8.65
N LYS A 70 5.04 3.90 9.23
CA LYS A 70 5.33 3.72 10.63
C LYS A 70 6.85 3.81 10.83
N MET A 1 -15.88 3.59 1.79
CA MET A 1 -14.54 4.15 1.99
C MET A 1 -13.83 3.37 3.07
N ALA A 2 -12.55 3.20 2.91
CA ALA A 2 -11.72 2.52 3.88
C ALA A 2 -10.45 3.31 4.03
N THR A 3 -10.27 3.93 5.15
CA THR A 3 -9.15 4.82 5.34
C THR A 3 -8.36 4.48 6.59
N ASN A 4 -7.11 5.00 6.65
CA ASN A 4 -6.20 4.87 7.83
C ASN A 4 -5.90 3.40 8.13
N ILE A 5 -5.72 2.64 7.08
CA ILE A 5 -5.54 1.21 7.16
C ILE A 5 -4.14 0.86 7.62
N VAL A 6 -4.05 -0.23 8.34
CA VAL A 6 -2.81 -0.78 8.82
C VAL A 6 -2.40 -1.95 7.97
N GLY A 7 -1.15 -1.99 7.65
CA GLY A 7 -0.60 -3.14 7.05
C GLY A 7 0.86 -3.04 6.80
N LYS A 8 1.47 -4.14 6.64
CA LYS A 8 2.85 -4.24 6.34
C LYS A 8 3.02 -4.43 4.86
N VAL A 9 4.05 -3.84 4.30
CA VAL A 9 4.38 -4.02 2.92
C VAL A 9 4.61 -5.51 2.67
N LYS A 10 3.65 -6.10 2.00
CA LYS A 10 3.61 -7.53 1.74
C LYS A 10 4.74 -7.89 0.79
N TRP A 11 4.85 -7.14 -0.26
CA TRP A 11 5.94 -7.23 -1.20
C TRP A 11 5.91 -6.04 -2.08
N TYR A 12 7.04 -5.70 -2.62
CA TYR A 12 7.15 -4.52 -3.44
C TYR A 12 8.37 -4.63 -4.29
N ASN A 13 8.17 -4.83 -5.56
CA ASN A 13 9.28 -4.89 -6.48
C ASN A 13 9.58 -3.48 -6.87
N SER A 14 10.67 -2.95 -6.37
CA SER A 14 11.02 -1.55 -6.57
C SER A 14 11.26 -1.19 -8.03
N THR A 15 11.65 -2.17 -8.83
CA THR A 15 11.87 -1.95 -10.25
C THR A 15 10.50 -1.75 -10.97
N LYS A 16 9.46 -2.41 -10.46
CA LYS A 16 8.13 -2.30 -11.05
C LYS A 16 7.31 -1.24 -10.30
N ASN A 17 7.85 -0.79 -9.16
CA ASN A 17 7.17 0.16 -8.26
C ASN A 17 5.77 -0.36 -7.90
N PHE A 18 5.64 -1.67 -7.80
CA PHE A 18 4.36 -2.30 -7.57
C PHE A 18 4.51 -3.43 -6.58
N GLY A 19 3.44 -3.76 -5.92
CA GLY A 19 3.44 -4.83 -4.96
C GLY A 19 2.12 -4.92 -4.24
N PHE A 20 2.14 -5.44 -3.04
CA PHE A 20 0.96 -5.58 -2.19
C PHE A 20 1.26 -5.19 -0.77
N ILE A 21 0.21 -5.06 0.02
CA ILE A 21 0.30 -4.67 1.43
C ILE A 21 -0.78 -5.40 2.23
N GLU A 22 -0.41 -6.03 3.34
CA GLU A 22 -1.39 -6.64 4.23
C GLU A 22 -0.91 -6.46 5.65
N GLN A 23 -1.81 -6.31 6.58
CA GLN A 23 -1.38 -6.25 7.95
C GLN A 23 -1.13 -7.64 8.43
N ASP A 24 -0.19 -7.75 9.32
CA ASP A 24 0.21 -9.02 9.91
C ASP A 24 -0.97 -9.77 10.52
N ASN A 25 -2.00 -9.02 10.88
CA ASN A 25 -3.18 -9.58 11.51
C ASN A 25 -4.09 -10.27 10.49
N GLY A 26 -3.74 -10.20 9.23
CA GLY A 26 -4.58 -10.82 8.24
C GLY A 26 -5.34 -9.83 7.41
N GLY A 27 -4.64 -8.86 6.87
CA GLY A 27 -5.30 -7.89 6.02
C GLY A 27 -5.49 -8.45 4.62
N LYS A 28 -6.52 -8.01 3.92
CA LYS A 28 -6.84 -8.54 2.58
C LYS A 28 -5.81 -8.09 1.54
N ASP A 29 -5.81 -8.77 0.39
CA ASP A 29 -4.93 -8.44 -0.71
C ASP A 29 -5.29 -7.09 -1.31
N VAL A 30 -4.51 -6.12 -1.03
CA VAL A 30 -4.62 -4.84 -1.64
C VAL A 30 -3.27 -4.46 -2.22
N PHE A 31 -3.25 -4.18 -3.50
CA PHE A 31 -2.02 -3.90 -4.18
C PHE A 31 -1.62 -2.46 -4.10
N VAL A 32 -0.36 -2.22 -4.11
CA VAL A 32 0.14 -0.89 -4.07
C VAL A 32 0.67 -0.49 -5.44
N HIS A 33 0.20 0.61 -5.92
CA HIS A 33 0.60 1.16 -7.19
C HIS A 33 1.37 2.44 -6.91
N LYS A 34 2.22 2.90 -7.81
CA LYS A 34 3.08 4.04 -7.49
C LYS A 34 2.28 5.34 -7.43
N SER A 35 1.06 5.31 -7.94
CA SER A 35 0.14 6.44 -7.77
C SER A 35 -0.10 6.70 -6.25
N ALA A 36 0.15 5.68 -5.42
CA ALA A 36 0.05 5.82 -3.99
C ALA A 36 1.26 6.57 -3.49
N VAL A 37 2.41 6.26 -4.07
CA VAL A 37 3.63 6.97 -3.75
C VAL A 37 3.45 8.40 -4.19
N ASP A 38 2.90 8.59 -5.37
CA ASP A 38 2.60 9.91 -5.90
C ASP A 38 1.69 10.71 -4.97
N ALA A 39 0.77 10.01 -4.33
CA ALA A 39 -0.20 10.66 -3.45
C ALA A 39 0.45 11.31 -2.22
N ALA A 40 1.60 10.82 -1.78
CA ALA A 40 2.25 11.38 -0.59
C ALA A 40 3.76 11.67 -0.78
N GLY A 41 4.31 11.12 -1.82
CA GLY A 41 5.74 11.20 -2.05
C GLY A 41 6.46 10.29 -1.11
N LEU A 42 5.96 9.06 -1.02
CA LEU A 42 6.44 8.06 -0.12
C LEU A 42 7.89 7.71 -0.50
N HIS A 43 8.79 7.74 0.49
CA HIS A 43 10.24 7.48 0.27
C HIS A 43 10.50 6.25 -0.59
N SER A 44 10.07 5.11 -0.11
CA SER A 44 10.24 3.84 -0.76
C SER A 44 9.59 2.76 0.08
N LEU A 45 9.34 1.63 -0.49
CA LEU A 45 8.71 0.55 0.22
C LEU A 45 9.60 -0.65 0.17
N GLU A 46 9.51 -1.43 1.19
CA GLU A 46 10.27 -2.65 1.30
C GLU A 46 9.51 -3.59 2.22
N GLU A 47 9.66 -4.87 1.99
CA GLU A 47 9.02 -5.86 2.76
C GLU A 47 9.49 -5.73 4.20
N GLY A 48 8.57 -5.62 5.09
CA GLY A 48 8.88 -5.43 6.49
C GLY A 48 8.49 -4.05 6.99
N GLN A 49 8.20 -3.14 6.10
CA GLN A 49 7.76 -1.82 6.49
C GLN A 49 6.28 -1.81 6.79
N ASP A 50 5.93 -1.26 7.93
CA ASP A 50 4.53 -1.08 8.26
C ASP A 50 4.10 0.21 7.63
N VAL A 51 3.02 0.17 6.96
CA VAL A 51 2.57 1.30 6.26
C VAL A 51 1.09 1.52 6.47
N ILE A 52 0.73 2.74 6.50
CA ILE A 52 -0.62 3.14 6.72
C ILE A 52 -1.11 3.77 5.44
N PHE A 53 -2.27 3.41 4.99
CA PHE A 53 -2.76 3.88 3.72
C PHE A 53 -4.24 4.03 3.74
N ASP A 54 -4.79 4.40 2.63
CA ASP A 54 -6.18 4.48 2.47
C ASP A 54 -6.51 3.61 1.30
N LEU A 55 -7.64 3.03 1.31
CA LEU A 55 -7.99 2.14 0.26
C LEU A 55 -9.12 2.66 -0.54
N GLU A 56 -8.84 2.84 -1.76
CA GLU A 56 -9.77 3.30 -2.72
C GLU A 56 -9.80 2.32 -3.85
N GLU A 57 -10.84 2.32 -4.60
CA GLU A 57 -11.00 1.33 -5.62
C GLU A 57 -10.50 1.82 -6.96
N LYS A 58 -9.91 0.91 -7.68
CA LYS A 58 -9.46 1.12 -9.03
C LYS A 58 -10.51 0.51 -9.92
N GLN A 59 -11.58 1.27 -10.15
CA GLN A 59 -12.76 0.83 -10.88
C GLN A 59 -13.50 -0.28 -10.11
N GLY A 60 -12.89 -1.45 -10.01
CA GLY A 60 -13.43 -2.54 -9.24
C GLY A 60 -12.34 -3.27 -8.46
N LYS A 61 -11.11 -2.82 -8.63
CA LYS A 61 -9.97 -3.43 -7.97
C LYS A 61 -9.65 -2.62 -6.72
N ALA A 62 -8.85 -3.17 -5.83
CA ALA A 62 -8.52 -2.51 -4.58
C ALA A 62 -7.03 -2.20 -4.53
N TYR A 63 -6.67 -0.93 -4.49
CA TYR A 63 -5.28 -0.54 -4.42
C TYR A 63 -5.02 0.45 -3.31
N ALA A 64 -3.91 0.26 -2.66
CA ALA A 64 -3.48 1.10 -1.57
C ALA A 64 -3.04 2.43 -2.12
N VAL A 65 -3.49 3.47 -1.48
CA VAL A 65 -3.16 4.83 -1.89
C VAL A 65 -2.89 5.64 -0.68
N ASN A 66 -2.22 6.78 -0.89
CA ASN A 66 -1.94 7.75 0.17
C ASN A 66 -1.12 7.08 1.27
N LEU A 67 0.07 6.65 0.94
CA LEU A 67 0.84 5.89 1.88
C LEU A 67 1.54 6.76 2.91
N ARG A 68 1.61 6.26 4.10
CA ARG A 68 2.33 6.83 5.20
C ARG A 68 3.11 5.73 5.87
N ILE A 69 4.37 5.95 6.17
CA ILE A 69 5.11 4.89 6.83
C ILE A 69 4.79 4.97 8.31
N LYS A 70 4.63 3.84 8.93
CA LYS A 70 4.43 3.80 10.36
C LYS A 70 5.70 4.33 11.03
N MET A 1 -12.75 3.91 -0.30
CA MET A 1 -13.85 3.92 0.67
C MET A 1 -13.37 3.59 2.09
N ALA A 2 -12.08 3.42 2.27
CA ALA A 2 -11.56 3.11 3.59
C ALA A 2 -10.33 3.93 3.88
N THR A 3 -10.40 4.76 4.89
CA THR A 3 -9.31 5.63 5.27
C THR A 3 -8.56 5.09 6.49
N ASN A 4 -7.25 5.35 6.51
CA ASN A 4 -6.33 4.91 7.59
C ASN A 4 -6.41 3.43 7.88
N ILE A 5 -5.81 2.67 7.03
CA ILE A 5 -5.79 1.24 7.14
C ILE A 5 -4.45 0.77 7.64
N VAL A 6 -4.47 -0.31 8.37
CA VAL A 6 -3.28 -0.93 8.86
C VAL A 6 -2.83 -1.97 7.87
N GLY A 7 -1.59 -1.94 7.58
CA GLY A 7 -1.03 -2.95 6.80
C GLY A 7 0.44 -2.96 6.89
N LYS A 8 1.00 -3.99 6.42
CA LYS A 8 2.39 -4.12 6.30
C LYS A 8 2.70 -4.42 4.86
N VAL A 9 3.71 -3.75 4.34
CA VAL A 9 4.12 -3.95 2.98
C VAL A 9 4.48 -5.41 2.78
N LYS A 10 3.71 -6.03 1.94
CA LYS A 10 3.84 -7.42 1.66
C LYS A 10 5.04 -7.64 0.74
N TRP A 11 5.16 -6.77 -0.25
CA TRP A 11 6.32 -6.72 -1.15
C TRP A 11 6.17 -5.55 -2.07
N TYR A 12 7.27 -5.12 -2.63
CA TYR A 12 7.27 -4.04 -3.59
C TYR A 12 8.57 -4.06 -4.35
N ASN A 13 8.49 -4.06 -5.65
CA ASN A 13 9.67 -4.01 -6.48
C ASN A 13 9.65 -2.74 -7.26
N SER A 14 10.68 -1.93 -7.12
CA SER A 14 10.80 -0.67 -7.84
C SER A 14 10.93 -0.94 -9.35
N THR A 15 11.30 -2.17 -9.69
CA THR A 15 11.41 -2.62 -11.06
C THR A 15 10.03 -2.57 -11.75
N LYS A 16 8.95 -2.83 -11.00
CA LYS A 16 7.62 -2.84 -11.59
C LYS A 16 6.72 -1.76 -11.00
N ASN A 17 7.19 -1.12 -9.93
CA ASN A 17 6.41 -0.10 -9.21
C ASN A 17 5.03 -0.59 -8.78
N PHE A 18 4.95 -1.88 -8.53
CA PHE A 18 3.80 -2.52 -7.99
C PHE A 18 4.21 -3.36 -6.83
N GLY A 19 3.30 -3.62 -5.98
CA GLY A 19 3.53 -4.44 -4.86
C GLY A 19 2.24 -4.68 -4.18
N PHE A 20 2.30 -5.30 -3.05
CA PHE A 20 1.12 -5.58 -2.28
C PHE A 20 1.34 -5.25 -0.84
N ILE A 21 0.25 -5.20 -0.12
CA ILE A 21 0.22 -4.85 1.29
C ILE A 21 -0.90 -5.63 1.95
N GLU A 22 -0.63 -6.17 3.10
CA GLU A 22 -1.63 -6.83 3.91
C GLU A 22 -1.26 -6.52 5.34
N GLN A 23 -2.20 -6.42 6.24
CA GLN A 23 -1.76 -6.21 7.60
C GLN A 23 -1.25 -7.48 8.12
N ASP A 24 -0.22 -7.36 8.90
CA ASP A 24 0.48 -8.48 9.51
C ASP A 24 -0.48 -9.42 10.21
N ASN A 25 -1.55 -8.86 10.74
CA ASN A 25 -2.49 -9.64 11.55
C ASN A 25 -3.58 -10.31 10.71
N GLY A 26 -3.43 -10.31 9.40
CA GLY A 26 -4.40 -10.99 8.57
C GLY A 26 -5.27 -10.05 7.76
N GLY A 27 -4.64 -9.14 7.05
CA GLY A 27 -5.40 -8.22 6.23
C GLY A 27 -5.47 -8.72 4.80
N LYS A 28 -6.46 -8.27 4.07
CA LYS A 28 -6.64 -8.68 2.69
C LYS A 28 -5.58 -8.06 1.80
N ASP A 29 -5.26 -8.72 0.71
CA ASP A 29 -4.21 -8.23 -0.17
C ASP A 29 -4.71 -7.13 -1.07
N VAL A 30 -4.08 -6.01 -0.95
CA VAL A 30 -4.35 -4.86 -1.76
C VAL A 30 -3.06 -4.46 -2.47
N PHE A 31 -3.14 -4.09 -3.73
CA PHE A 31 -1.95 -3.76 -4.45
C PHE A 31 -1.59 -2.31 -4.28
N VAL A 32 -0.35 -2.05 -4.19
CA VAL A 32 0.14 -0.72 -4.05
C VAL A 32 0.86 -0.33 -5.33
N HIS A 33 0.73 0.92 -5.70
CA HIS A 33 1.35 1.41 -6.89
C HIS A 33 2.08 2.71 -6.56
N LYS A 34 3.05 3.08 -7.38
CA LYS A 34 3.90 4.22 -7.07
C LYS A 34 3.16 5.54 -7.13
N SER A 35 1.99 5.54 -7.75
CA SER A 35 1.11 6.72 -7.72
C SER A 35 0.78 7.12 -6.26
N ALA A 36 0.84 6.14 -5.36
CA ALA A 36 0.62 6.39 -3.96
C ALA A 36 1.85 7.02 -3.35
N VAL A 37 3.02 6.56 -3.80
CA VAL A 37 4.27 7.15 -3.38
C VAL A 37 4.33 8.55 -3.92
N ASP A 38 3.89 8.71 -5.14
CA ASP A 38 3.84 9.98 -5.82
C ASP A 38 2.94 10.95 -5.08
N ALA A 39 1.89 10.41 -4.46
CA ALA A 39 0.94 11.22 -3.71
C ALA A 39 1.58 11.95 -2.53
N ALA A 40 2.54 11.32 -1.85
CA ALA A 40 3.13 11.92 -0.63
C ALA A 40 4.67 11.99 -0.68
N GLY A 41 5.26 11.36 -1.66
CA GLY A 41 6.69 11.26 -1.76
C GLY A 41 7.23 10.39 -0.66
N LEU A 42 6.75 9.16 -0.61
CA LEU A 42 7.15 8.21 0.38
C LEU A 42 8.61 7.81 0.09
N HIS A 43 9.38 7.55 1.13
CA HIS A 43 10.80 7.20 1.00
C HIS A 43 10.98 6.01 0.05
N SER A 44 10.41 4.88 0.43
CA SER A 44 10.51 3.65 -0.34
C SER A 44 9.66 2.58 0.30
N LEU A 45 9.15 1.67 -0.49
CA LEU A 45 8.38 0.58 0.04
C LEU A 45 9.17 -0.68 -0.05
N GLU A 46 9.02 -1.52 0.93
CA GLU A 46 9.71 -2.77 1.03
C GLU A 46 9.02 -3.59 2.10
N GLU A 47 9.23 -4.89 2.06
CA GLU A 47 8.56 -5.77 3.01
C GLU A 47 8.98 -5.51 4.44
N GLY A 48 8.07 -5.77 5.33
CA GLY A 48 8.31 -5.57 6.74
C GLY A 48 7.90 -4.17 7.21
N GLN A 49 7.68 -3.28 6.27
CA GLN A 49 7.28 -1.94 6.58
C GLN A 49 5.82 -1.87 6.89
N ASP A 50 5.53 -1.50 8.09
CA ASP A 50 4.17 -1.27 8.46
C ASP A 50 3.76 0.04 7.86
N VAL A 51 2.67 0.04 7.20
CA VAL A 51 2.26 1.17 6.48
C VAL A 51 0.78 1.43 6.68
N ILE A 52 0.45 2.66 6.63
CA ILE A 52 -0.88 3.14 6.80
C ILE A 52 -1.31 3.65 5.45
N PHE A 53 -2.44 3.21 4.97
CA PHE A 53 -2.88 3.64 3.67
C PHE A 53 -4.36 3.83 3.64
N ASP A 54 -4.82 4.28 2.53
CA ASP A 54 -6.20 4.47 2.28
C ASP A 54 -6.53 3.62 1.09
N LEU A 55 -7.65 2.99 1.12
CA LEU A 55 -8.02 2.07 0.09
C LEU A 55 -9.28 2.47 -0.59
N GLU A 56 -9.17 2.64 -1.86
CA GLU A 56 -10.25 3.00 -2.71
C GLU A 56 -10.63 1.84 -3.58
N GLU A 57 -11.76 1.96 -4.18
CA GLU A 57 -12.31 0.91 -4.99
C GLU A 57 -12.18 1.32 -6.46
N LYS A 58 -11.58 0.49 -7.27
CA LYS A 58 -11.34 0.85 -8.66
C LYS A 58 -11.90 -0.20 -9.63
N GLN A 59 -13.21 -0.22 -9.81
CA GLN A 59 -13.90 -1.09 -10.80
C GLN A 59 -13.58 -2.60 -10.52
N GLY A 60 -13.41 -2.95 -9.28
CA GLY A 60 -13.08 -4.32 -8.94
C GLY A 60 -11.66 -4.44 -8.45
N LYS A 61 -10.92 -3.38 -8.56
CA LYS A 61 -9.57 -3.36 -8.11
C LYS A 61 -9.50 -2.74 -6.72
N ALA A 62 -8.43 -2.98 -6.06
CA ALA A 62 -8.17 -2.48 -4.74
C ALA A 62 -6.74 -2.02 -4.69
N TYR A 63 -6.55 -0.73 -4.57
CA TYR A 63 -5.23 -0.16 -4.60
C TYR A 63 -4.96 0.68 -3.36
N ALA A 64 -3.81 0.48 -2.82
CA ALA A 64 -3.37 1.16 -1.61
C ALA A 64 -2.73 2.47 -1.98
N VAL A 65 -3.25 3.53 -1.41
CA VAL A 65 -2.77 4.88 -1.69
C VAL A 65 -2.67 5.71 -0.43
N ASN A 66 -2.16 6.95 -0.59
CA ASN A 66 -2.02 7.93 0.51
C ASN A 66 -1.16 7.31 1.61
N LEU A 67 -0.14 6.61 1.17
CA LEU A 67 0.71 5.84 2.05
C LEU A 67 1.43 6.69 3.06
N ARG A 68 1.53 6.16 4.22
CA ARG A 68 2.25 6.75 5.29
C ARG A 68 2.89 5.61 6.04
N ILE A 69 4.15 5.71 6.31
CA ILE A 69 4.80 4.69 7.07
C ILE A 69 4.45 4.80 8.54
N LYS A 70 4.25 3.68 9.18
CA LYS A 70 3.94 3.60 10.59
C LYS A 70 5.04 4.23 11.43
N MET A 1 -13.71 5.69 -0.49
CA MET A 1 -12.31 5.49 -0.14
C MET A 1 -12.14 5.54 1.35
N ALA A 2 -11.73 4.44 1.91
CA ALA A 2 -11.51 4.36 3.31
C ALA A 2 -10.14 4.91 3.60
N THR A 3 -10.06 5.81 4.53
CA THR A 3 -8.83 6.44 4.86
C THR A 3 -8.23 5.86 6.13
N ASN A 4 -6.91 5.88 6.20
CA ASN A 4 -6.15 5.39 7.34
C ASN A 4 -6.38 3.90 7.57
N ILE A 5 -5.76 3.12 6.75
CA ILE A 5 -5.86 1.69 6.80
C ILE A 5 -4.57 1.09 7.31
N VAL A 6 -4.69 -0.04 7.94
CA VAL A 6 -3.55 -0.74 8.45
C VAL A 6 -3.13 -1.81 7.47
N GLY A 7 -1.88 -1.84 7.21
CA GLY A 7 -1.32 -2.89 6.48
C GLY A 7 0.16 -2.94 6.64
N LYS A 8 0.71 -3.96 6.15
CA LYS A 8 2.11 -4.17 6.10
C LYS A 8 2.50 -4.52 4.67
N VAL A 9 3.54 -3.89 4.18
CA VAL A 9 4.01 -4.10 2.83
C VAL A 9 4.47 -5.54 2.65
N LYS A 10 3.76 -6.27 1.81
CA LYS A 10 4.12 -7.63 1.47
C LYS A 10 5.46 -7.63 0.78
N TRP A 11 5.57 -6.76 -0.21
CA TRP A 11 6.75 -6.58 -1.03
C TRP A 11 6.52 -5.42 -1.97
N TYR A 12 7.57 -4.95 -2.58
CA TYR A 12 7.50 -3.89 -3.55
C TYR A 12 8.54 -4.12 -4.64
N ASN A 13 8.17 -3.83 -5.87
CA ASN A 13 9.07 -3.95 -7.00
C ASN A 13 9.34 -2.55 -7.54
N SER A 14 10.59 -2.16 -7.55
CA SER A 14 10.98 -0.82 -7.97
C SER A 14 10.92 -0.64 -9.49
N THR A 15 11.12 -1.72 -10.21
CA THR A 15 11.11 -1.68 -11.66
C THR A 15 9.69 -1.40 -12.20
N LYS A 16 8.71 -2.14 -11.70
CA LYS A 16 7.35 -2.01 -12.19
C LYS A 16 6.50 -1.06 -11.34
N ASN A 17 7.04 -0.64 -10.20
CA ASN A 17 6.33 0.28 -9.29
C ASN A 17 5.05 -0.34 -8.73
N PHE A 18 5.06 -1.65 -8.60
CA PHE A 18 3.95 -2.37 -8.02
C PHE A 18 4.41 -3.18 -6.84
N GLY A 19 3.49 -3.60 -6.06
CA GLY A 19 3.75 -4.41 -4.92
C GLY A 19 2.46 -4.72 -4.26
N PHE A 20 2.48 -5.32 -3.12
CA PHE A 20 1.26 -5.63 -2.41
C PHE A 20 1.38 -5.33 -0.95
N ILE A 21 0.26 -5.10 -0.32
CA ILE A 21 0.19 -4.81 1.10
C ILE A 21 -0.94 -5.63 1.71
N GLU A 22 -0.72 -6.15 2.90
CA GLU A 22 -1.72 -6.88 3.66
C GLU A 22 -1.50 -6.49 5.09
N GLN A 23 -2.49 -6.42 5.92
CA GLN A 23 -2.13 -6.15 7.29
C GLN A 23 -1.67 -7.40 7.93
N ASP A 24 -0.71 -7.23 8.78
CA ASP A 24 -0.04 -8.31 9.53
C ASP A 24 -1.06 -9.24 10.22
N ASN A 25 -2.19 -8.66 10.56
CA ASN A 25 -3.24 -9.37 11.28
C ASN A 25 -4.20 -10.12 10.36
N GLY A 26 -3.96 -10.13 9.05
CA GLY A 26 -4.91 -10.83 8.19
C GLY A 26 -5.83 -9.89 7.45
N GLY A 27 -5.26 -8.93 6.76
CA GLY A 27 -6.08 -7.93 6.08
C GLY A 27 -6.59 -8.37 4.72
N LYS A 28 -6.25 -7.61 3.71
CA LYS A 28 -6.70 -7.86 2.36
C LYS A 28 -5.55 -7.88 1.41
N ASP A 29 -5.79 -8.32 0.20
CA ASP A 29 -4.77 -8.28 -0.83
C ASP A 29 -4.96 -7.03 -1.65
N VAL A 30 -4.28 -6.00 -1.27
CA VAL A 30 -4.34 -4.74 -1.96
C VAL A 30 -2.98 -4.43 -2.54
N PHE A 31 -2.93 -4.03 -3.80
CA PHE A 31 -1.64 -3.77 -4.40
C PHE A 31 -1.24 -2.34 -4.21
N VAL A 32 0.02 -2.11 -4.12
CA VAL A 32 0.53 -0.78 -3.97
C VAL A 32 1.15 -0.34 -5.28
N HIS A 33 0.89 0.86 -5.66
CA HIS A 33 1.44 1.41 -6.84
C HIS A 33 2.14 2.70 -6.47
N LYS A 34 3.09 3.14 -7.28
CA LYS A 34 3.89 4.30 -6.95
C LYS A 34 3.08 5.57 -6.83
N SER A 35 1.92 5.62 -7.48
CA SER A 35 0.99 6.75 -7.31
C SER A 35 0.66 7.01 -5.81
N ALA A 36 0.78 5.97 -4.99
CA ALA A 36 0.59 6.08 -3.56
C ALA A 36 1.78 6.76 -2.94
N VAL A 37 2.95 6.41 -3.43
CA VAL A 37 4.17 7.02 -3.03
C VAL A 37 4.15 8.46 -3.48
N ASP A 38 3.76 8.67 -4.72
CA ASP A 38 3.68 10.01 -5.28
C ASP A 38 2.69 10.87 -4.52
N ALA A 39 1.75 10.22 -3.84
CA ALA A 39 0.79 10.95 -3.05
C ALA A 39 1.42 11.61 -1.80
N ALA A 40 2.47 11.01 -1.25
CA ALA A 40 3.08 11.55 -0.02
C ALA A 40 4.62 11.69 -0.12
N GLY A 41 5.17 11.23 -1.21
CA GLY A 41 6.60 11.22 -1.42
C GLY A 41 7.29 10.31 -0.43
N LEU A 42 6.81 9.09 -0.35
CA LEU A 42 7.36 8.11 0.53
C LEU A 42 8.72 7.73 -0.04
N HIS A 43 9.75 7.83 0.74
CA HIS A 43 11.08 7.67 0.21
C HIS A 43 11.47 6.23 -0.12
N SER A 44 11.06 5.27 0.70
CA SER A 44 11.47 3.89 0.47
C SER A 44 10.48 2.89 1.08
N LEU A 45 10.21 1.85 0.33
CA LEU A 45 9.40 0.75 0.80
C LEU A 45 10.19 -0.53 0.74
N GLU A 46 9.90 -1.41 1.62
CA GLU A 46 10.48 -2.73 1.69
C GLU A 46 9.45 -3.62 2.34
N GLU A 47 9.67 -4.90 2.33
CA GLU A 47 8.73 -5.81 2.93
C GLU A 47 8.84 -5.78 4.44
N GLY A 48 7.77 -6.14 5.09
CA GLY A 48 7.76 -6.17 6.54
C GLY A 48 7.46 -4.82 7.15
N GLN A 49 7.23 -3.83 6.32
CA GLN A 49 6.94 -2.48 6.77
C GLN A 49 5.50 -2.29 7.05
N ASP A 50 5.17 -1.92 8.26
CA ASP A 50 3.79 -1.53 8.55
C ASP A 50 3.55 -0.20 7.91
N VAL A 51 2.52 -0.14 7.16
CA VAL A 51 2.22 1.00 6.40
C VAL A 51 0.73 1.34 6.49
N ILE A 52 0.47 2.59 6.42
CA ILE A 52 -0.85 3.12 6.51
C ILE A 52 -1.18 3.71 5.16
N PHE A 53 -2.36 3.45 4.66
CA PHE A 53 -2.74 3.95 3.36
C PHE A 53 -4.23 4.17 3.31
N ASP A 54 -4.70 4.65 2.18
CA ASP A 54 -6.11 4.79 1.94
C ASP A 54 -6.44 3.83 0.83
N LEU A 55 -7.66 3.39 0.77
CA LEU A 55 -8.03 2.42 -0.24
C LEU A 55 -9.40 2.68 -0.82
N GLU A 56 -9.45 2.55 -2.11
CA GLU A 56 -10.65 2.64 -2.86
C GLU A 56 -10.68 1.43 -3.78
N GLU A 57 -11.79 0.75 -3.82
CA GLU A 57 -11.89 -0.45 -4.61
C GLU A 57 -12.22 -0.12 -6.06
N LYS A 58 -11.28 -0.45 -6.91
CA LYS A 58 -11.35 -0.20 -8.32
C LYS A 58 -12.20 -1.27 -8.99
N GLN A 59 -13.52 -1.12 -8.88
CA GLN A 59 -14.51 -2.04 -9.48
C GLN A 59 -14.33 -3.49 -9.00
N GLY A 60 -13.67 -3.65 -7.88
CA GLY A 60 -13.42 -4.98 -7.35
C GLY A 60 -11.97 -5.17 -7.00
N LYS A 61 -11.11 -4.49 -7.72
CA LYS A 61 -9.69 -4.55 -7.49
C LYS A 61 -9.36 -3.55 -6.37
N ALA A 62 -8.21 -3.65 -5.77
CA ALA A 62 -7.88 -2.79 -4.66
C ALA A 62 -6.45 -2.30 -4.76
N TYR A 63 -6.26 -0.99 -4.66
CA TYR A 63 -4.93 -0.43 -4.71
C TYR A 63 -4.72 0.59 -3.61
N ALA A 64 -3.61 0.47 -2.97
CA ALA A 64 -3.24 1.33 -1.86
C ALA A 64 -2.72 2.64 -2.37
N VAL A 65 -3.20 3.69 -1.76
CA VAL A 65 -2.82 5.06 -2.10
C VAL A 65 -2.57 5.82 -0.82
N ASN A 66 -1.86 6.94 -0.92
CA ASN A 66 -1.58 7.81 0.24
C ASN A 66 -0.82 7.05 1.32
N LEU A 67 0.38 6.64 1.00
CA LEU A 67 1.13 5.87 1.96
C LEU A 67 1.72 6.73 3.04
N ARG A 68 1.66 6.21 4.22
CA ARG A 68 2.25 6.81 5.37
C ARG A 68 2.89 5.65 6.10
N ILE A 69 4.12 5.76 6.49
CA ILE A 69 4.74 4.65 7.17
C ILE A 69 4.67 4.74 8.67
N LYS A 70 4.49 3.59 9.31
CA LYS A 70 4.53 3.46 10.75
C LYS A 70 5.88 3.99 11.26
N MET A 1 -14.25 3.67 -0.71
CA MET A 1 -12.99 4.13 -0.13
C MET A 1 -12.96 3.87 1.37
N ALA A 2 -11.85 3.37 1.84
CA ALA A 2 -11.60 3.14 3.23
C ALA A 2 -10.47 4.05 3.64
N THR A 3 -10.51 4.55 4.85
CA THR A 3 -9.52 5.52 5.31
C THR A 3 -8.74 5.02 6.52
N ASN A 4 -7.43 5.32 6.53
CA ASN A 4 -6.51 4.95 7.61
C ASN A 4 -6.49 3.47 7.86
N ILE A 5 -5.87 2.78 6.96
CA ILE A 5 -5.79 1.35 7.00
C ILE A 5 -4.48 0.90 7.57
N VAL A 6 -4.51 -0.26 8.15
CA VAL A 6 -3.33 -0.85 8.68
C VAL A 6 -2.86 -1.93 7.75
N GLY A 7 -1.61 -1.94 7.52
CA GLY A 7 -1.00 -3.02 6.88
C GLY A 7 0.45 -2.89 6.83
N LYS A 8 1.05 -3.87 6.34
CA LYS A 8 2.45 -3.94 6.16
C LYS A 8 2.73 -4.23 4.72
N VAL A 9 3.79 -3.62 4.20
CA VAL A 9 4.20 -3.85 2.85
C VAL A 9 4.47 -5.33 2.64
N LYS A 10 3.58 -5.95 1.89
CA LYS A 10 3.62 -7.36 1.62
C LYS A 10 4.83 -7.60 0.73
N TRP A 11 4.93 -6.80 -0.31
CA TRP A 11 6.08 -6.77 -1.18
C TRP A 11 5.98 -5.58 -2.07
N TYR A 12 7.09 -5.14 -2.56
CA TYR A 12 7.15 -4.01 -3.45
C TYR A 12 8.40 -4.07 -4.28
N ASN A 13 8.24 -4.30 -5.54
CA ASN A 13 9.37 -4.37 -6.43
C ASN A 13 9.51 -3.07 -7.16
N SER A 14 10.63 -2.44 -6.94
CA SER A 14 10.95 -1.16 -7.53
C SER A 14 11.03 -1.28 -9.05
N THR A 15 11.29 -2.51 -9.51
CA THR A 15 11.37 -2.82 -10.92
C THR A 15 10.09 -2.40 -11.66
N LYS A 16 8.94 -2.70 -11.08
CA LYS A 16 7.67 -2.41 -11.73
C LYS A 16 6.96 -1.23 -11.10
N ASN A 17 7.50 -0.73 -9.99
CA ASN A 17 6.94 0.43 -9.26
C ASN A 17 5.61 0.06 -8.59
N PHE A 18 5.40 -1.23 -8.33
CA PHE A 18 4.21 -1.67 -7.64
C PHE A 18 4.46 -2.91 -6.82
N GLY A 19 3.52 -3.20 -5.96
CA GLY A 19 3.59 -4.33 -5.09
C GLY A 19 2.28 -4.52 -4.40
N PHE A 20 2.29 -5.11 -3.24
CA PHE A 20 1.10 -5.35 -2.46
C PHE A 20 1.32 -5.04 -1.00
N ILE A 21 0.23 -4.99 -0.25
CA ILE A 21 0.23 -4.68 1.17
C ILE A 21 -0.81 -5.55 1.86
N GLU A 22 -0.48 -6.08 3.01
CA GLU A 22 -1.42 -6.83 3.82
C GLU A 22 -1.11 -6.51 5.25
N GLN A 23 -2.08 -6.48 6.10
CA GLN A 23 -1.75 -6.28 7.48
C GLN A 23 -1.45 -7.60 8.09
N ASP A 24 -0.70 -7.57 9.16
CA ASP A 24 -0.26 -8.76 9.86
C ASP A 24 -1.42 -9.66 10.26
N ASN A 25 -2.59 -9.07 10.43
CA ASN A 25 -3.77 -9.81 10.84
C ASN A 25 -4.44 -10.50 9.65
N GLY A 26 -3.83 -10.44 8.48
CA GLY A 26 -4.42 -11.09 7.33
C GLY A 26 -5.46 -10.21 6.70
N GLY A 27 -5.07 -8.99 6.42
CA GLY A 27 -6.00 -8.04 5.83
C GLY A 27 -6.18 -8.26 4.34
N LYS A 28 -6.80 -7.30 3.70
CA LYS A 28 -7.08 -7.38 2.28
C LYS A 28 -5.78 -7.31 1.51
N ASP A 29 -5.74 -8.02 0.42
CA ASP A 29 -4.56 -8.01 -0.43
C ASP A 29 -4.71 -6.93 -1.44
N VAL A 30 -4.29 -5.78 -1.05
CA VAL A 30 -4.40 -4.60 -1.84
C VAL A 30 -3.08 -4.29 -2.52
N PHE A 31 -3.12 -3.89 -3.79
CA PHE A 31 -1.88 -3.61 -4.47
C PHE A 31 -1.51 -2.16 -4.26
N VAL A 32 -0.26 -1.92 -4.17
CA VAL A 32 0.24 -0.60 -3.99
C VAL A 32 1.06 -0.21 -5.20
N HIS A 33 0.88 0.98 -5.66
CA HIS A 33 1.61 1.45 -6.79
C HIS A 33 2.33 2.75 -6.42
N LYS A 34 3.35 3.10 -7.18
CA LYS A 34 4.16 4.26 -6.89
C LYS A 34 3.38 5.57 -6.98
N SER A 35 2.22 5.52 -7.59
CA SER A 35 1.33 6.68 -7.60
C SER A 35 0.91 7.04 -6.16
N ALA A 36 0.90 6.05 -5.27
CA ALA A 36 0.62 6.29 -3.87
C ALA A 36 1.82 6.94 -3.22
N VAL A 37 3.01 6.54 -3.66
CA VAL A 37 4.23 7.18 -3.23
C VAL A 37 4.20 8.60 -3.73
N ASP A 38 3.85 8.75 -4.98
CA ASP A 38 3.73 10.04 -5.65
C ASP A 38 2.75 10.96 -4.90
N ALA A 39 1.76 10.37 -4.27
CA ALA A 39 0.78 11.13 -3.52
C ALA A 39 1.34 11.74 -2.23
N ALA A 40 2.37 11.12 -1.64
CA ALA A 40 2.90 11.60 -0.34
C ALA A 40 4.43 11.77 -0.33
N GLY A 41 5.07 11.37 -1.40
CA GLY A 41 6.52 11.38 -1.49
C GLY A 41 7.13 10.48 -0.45
N LEU A 42 6.62 9.27 -0.40
CA LEU A 42 7.07 8.25 0.52
C LEU A 42 8.51 7.87 0.13
N HIS A 43 9.38 7.71 1.11
CA HIS A 43 10.80 7.45 0.82
C HIS A 43 11.07 6.13 0.11
N SER A 44 10.59 5.04 0.65
CA SER A 44 10.84 3.74 0.04
C SER A 44 9.93 2.70 0.62
N LEU A 45 9.67 1.68 -0.16
CA LEU A 45 8.86 0.58 0.30
C LEU A 45 9.63 -0.70 0.15
N GLU A 46 9.43 -1.56 1.07
CA GLU A 46 10.07 -2.84 1.11
C GLU A 46 9.31 -3.68 2.11
N GLU A 47 9.49 -4.96 2.06
CA GLU A 47 8.74 -5.85 2.91
C GLU A 47 9.15 -5.69 4.37
N GLY A 48 8.23 -6.01 5.24
CA GLY A 48 8.49 -5.89 6.66
C GLY A 48 8.17 -4.51 7.20
N GLN A 49 7.83 -3.59 6.31
CA GLN A 49 7.51 -2.22 6.69
C GLN A 49 6.04 -2.02 6.90
N ASP A 50 5.67 -1.63 8.10
CA ASP A 50 4.28 -1.29 8.37
C ASP A 50 3.95 0.02 7.71
N VAL A 51 2.81 0.07 7.09
CA VAL A 51 2.44 1.22 6.35
C VAL A 51 0.97 1.54 6.57
N ILE A 52 0.66 2.76 6.41
CA ILE A 52 -0.65 3.29 6.56
C ILE A 52 -1.08 3.80 5.20
N PHE A 53 -2.28 3.51 4.81
CA PHE A 53 -2.75 3.98 3.52
C PHE A 53 -4.24 4.13 3.52
N ASP A 54 -4.75 4.60 2.42
CA ASP A 54 -6.16 4.66 2.21
C ASP A 54 -6.44 3.80 1.01
N LEU A 55 -7.63 3.34 0.88
CA LEU A 55 -7.95 2.40 -0.17
C LEU A 55 -9.23 2.76 -0.86
N GLU A 56 -9.22 2.63 -2.15
CA GLU A 56 -10.40 2.83 -2.95
C GLU A 56 -10.55 1.60 -3.82
N GLU A 57 -11.75 1.31 -4.17
CA GLU A 57 -12.06 0.13 -4.91
C GLU A 57 -12.00 0.40 -6.42
N LYS A 58 -11.15 -0.33 -7.08
CA LYS A 58 -10.98 -0.24 -8.52
C LYS A 58 -11.91 -1.24 -9.19
N GLN A 59 -13.20 -0.89 -9.18
CA GLN A 59 -14.28 -1.69 -9.78
C GLN A 59 -14.43 -3.10 -9.15
N GLY A 60 -13.71 -3.34 -8.06
CA GLY A 60 -13.74 -4.64 -7.41
C GLY A 60 -12.36 -5.01 -6.91
N LYS A 61 -11.35 -4.43 -7.54
CA LYS A 61 -9.97 -4.63 -7.18
C LYS A 61 -9.58 -3.59 -6.11
N ALA A 62 -8.52 -3.79 -5.40
CA ALA A 62 -8.14 -2.88 -4.33
C ALA A 62 -6.74 -2.29 -4.57
N TYR A 63 -6.63 -0.95 -4.52
CA TYR A 63 -5.33 -0.27 -4.67
C TYR A 63 -5.08 0.71 -3.53
N ALA A 64 -3.91 0.63 -2.99
CA ALA A 64 -3.49 1.46 -1.86
C ALA A 64 -2.98 2.79 -2.34
N VAL A 65 -3.38 3.83 -1.64
CA VAL A 65 -3.00 5.20 -1.95
C VAL A 65 -2.72 5.94 -0.66
N ASN A 66 -2.12 7.12 -0.78
CA ASN A 66 -1.80 8.01 0.36
C ASN A 66 -0.94 7.26 1.37
N LEU A 67 0.24 6.88 0.97
CA LEU A 67 1.05 6.07 1.85
C LEU A 67 1.74 6.89 2.90
N ARG A 68 1.78 6.32 4.05
CA ARG A 68 2.47 6.86 5.17
C ARG A 68 3.10 5.69 5.88
N ILE A 69 4.35 5.77 6.19
CA ILE A 69 4.95 4.66 6.89
C ILE A 69 4.85 4.81 8.37
N LYS A 70 4.77 3.69 9.05
CA LYS A 70 4.77 3.65 10.50
C LYS A 70 6.01 4.35 11.08
N MET A 1 -14.99 4.53 1.36
CA MET A 1 -13.55 4.41 1.14
C MET A 1 -12.89 4.05 2.42
N ALA A 2 -12.15 2.97 2.43
CA ALA A 2 -11.44 2.55 3.61
C ALA A 2 -10.24 3.46 3.82
N THR A 3 -10.37 4.36 4.76
CA THR A 3 -9.35 5.32 5.04
C THR A 3 -8.53 4.92 6.26
N ASN A 4 -7.24 5.25 6.22
CA ASN A 4 -6.24 4.93 7.27
C ASN A 4 -6.22 3.43 7.54
N ILE A 5 -5.60 2.72 6.67
CA ILE A 5 -5.51 1.30 6.76
C ILE A 5 -4.15 0.90 7.24
N VAL A 6 -4.13 -0.11 8.03
CA VAL A 6 -2.91 -0.67 8.51
C VAL A 6 -2.52 -1.84 7.66
N GLY A 7 -1.26 -1.97 7.40
CA GLY A 7 -0.78 -3.16 6.80
C GLY A 7 0.70 -3.17 6.64
N LYS A 8 1.21 -4.33 6.45
CA LYS A 8 2.59 -4.53 6.24
C LYS A 8 2.84 -4.62 4.74
N VAL A 9 3.89 -3.99 4.29
CA VAL A 9 4.28 -4.08 2.91
C VAL A 9 4.76 -5.49 2.66
N LYS A 10 3.90 -6.26 2.05
CA LYS A 10 4.17 -7.64 1.70
C LYS A 10 5.39 -7.74 0.80
N TRP A 11 5.43 -6.88 -0.19
CA TRP A 11 6.58 -6.72 -1.10
C TRP A 11 6.34 -5.54 -1.97
N TYR A 12 7.38 -5.05 -2.58
CA TYR A 12 7.29 -3.95 -3.50
C TYR A 12 8.50 -3.90 -4.39
N ASN A 13 8.29 -4.08 -5.66
CA ASN A 13 9.37 -3.99 -6.61
C ASN A 13 9.41 -2.60 -7.14
N SER A 14 10.40 -1.84 -6.70
CA SER A 14 10.54 -0.44 -7.03
C SER A 14 10.67 -0.19 -8.54
N THR A 15 11.27 -1.11 -9.24
CA THR A 15 11.44 -0.97 -10.66
C THR A 15 10.11 -1.26 -11.40
N LYS A 16 9.21 -2.00 -10.76
CA LYS A 16 7.94 -2.32 -11.40
C LYS A 16 6.83 -1.44 -10.86
N ASN A 17 7.15 -0.68 -9.80
CA ASN A 17 6.19 0.22 -9.15
C ASN A 17 4.90 -0.49 -8.71
N PHE A 18 5.03 -1.77 -8.40
CA PHE A 18 3.93 -2.58 -7.89
C PHE A 18 4.38 -3.41 -6.72
N GLY A 19 3.44 -3.75 -5.89
CA GLY A 19 3.68 -4.58 -4.76
C GLY A 19 2.40 -4.90 -4.07
N PHE A 20 2.47 -5.51 -2.92
CA PHE A 20 1.29 -5.84 -2.14
C PHE A 20 1.46 -5.45 -0.71
N ILE A 21 0.34 -5.27 -0.04
CA ILE A 21 0.30 -4.83 1.34
C ILE A 21 -0.90 -5.47 2.03
N GLU A 22 -0.68 -6.10 3.16
CA GLU A 22 -1.77 -6.56 3.99
C GLU A 22 -1.37 -6.42 5.43
N GLN A 23 -2.31 -6.17 6.29
CA GLN A 23 -1.98 -6.12 7.70
C GLN A 23 -1.90 -7.49 8.25
N ASP A 24 -1.10 -7.62 9.27
CA ASP A 24 -0.89 -8.86 10.00
C ASP A 24 -2.19 -9.36 10.60
N ASN A 25 -3.17 -8.49 10.65
CA ASN A 25 -4.45 -8.81 11.22
C ASN A 25 -5.37 -9.41 10.15
N GLY A 26 -4.81 -9.66 8.95
CA GLY A 26 -5.60 -10.30 7.92
C GLY A 26 -6.29 -9.32 7.01
N GLY A 27 -5.56 -8.36 6.48
CA GLY A 27 -6.17 -7.39 5.57
C GLY A 27 -6.25 -7.95 4.15
N LYS A 28 -7.06 -7.33 3.30
CA LYS A 28 -7.22 -7.79 1.90
C LYS A 28 -5.94 -7.63 1.10
N ASP A 29 -5.83 -8.41 0.03
CA ASP A 29 -4.69 -8.29 -0.87
C ASP A 29 -4.87 -7.09 -1.77
N VAL A 30 -4.37 -6.00 -1.33
CA VAL A 30 -4.42 -4.78 -2.07
C VAL A 30 -3.03 -4.48 -2.62
N PHE A 31 -2.95 -4.09 -3.87
CA PHE A 31 -1.67 -3.84 -4.45
C PHE A 31 -1.28 -2.40 -4.29
N VAL A 32 -0.03 -2.18 -4.05
CA VAL A 32 0.48 -0.84 -3.92
C VAL A 32 1.13 -0.44 -5.24
N HIS A 33 1.01 0.81 -5.57
CA HIS A 33 1.54 1.32 -6.80
C HIS A 33 2.26 2.63 -6.51
N LYS A 34 3.12 3.09 -7.41
CA LYS A 34 3.93 4.28 -7.14
C LYS A 34 3.08 5.56 -7.08
N SER A 35 1.88 5.50 -7.63
CA SER A 35 0.90 6.59 -7.46
C SER A 35 0.64 6.85 -5.96
N ALA A 36 0.92 5.84 -5.13
CA ALA A 36 0.81 5.96 -3.71
C ALA A 36 2.04 6.64 -3.14
N VAL A 37 3.19 6.36 -3.75
CA VAL A 37 4.42 7.03 -3.39
C VAL A 37 4.27 8.48 -3.71
N ASP A 38 3.88 8.78 -4.93
CA ASP A 38 3.68 10.16 -5.39
C ASP A 38 2.61 10.85 -4.58
N ALA A 39 1.72 10.08 -3.97
CA ALA A 39 0.70 10.66 -3.12
C ALA A 39 1.31 11.35 -1.88
N ALA A 40 2.42 10.81 -1.38
CA ALA A 40 3.03 11.37 -0.15
C ALA A 40 4.53 11.61 -0.29
N GLY A 41 5.06 11.32 -1.45
CA GLY A 41 6.49 11.39 -1.72
C GLY A 41 7.25 10.52 -0.76
N LEU A 42 6.80 9.29 -0.65
CA LEU A 42 7.39 8.29 0.22
C LEU A 42 8.81 8.01 -0.32
N HIS A 43 9.80 7.87 0.55
CA HIS A 43 11.17 7.67 0.09
C HIS A 43 11.34 6.37 -0.68
N SER A 44 10.97 5.27 -0.06
CA SER A 44 11.14 3.96 -0.65
C SER A 44 10.37 2.92 0.14
N LEU A 45 9.96 1.87 -0.52
CA LEU A 45 9.26 0.80 0.15
C LEU A 45 10.09 -0.46 0.10
N GLU A 46 9.89 -1.29 1.07
CA GLU A 46 10.53 -2.57 1.16
C GLU A 46 9.63 -3.45 1.98
N GLU A 47 9.85 -4.72 1.93
CA GLU A 47 9.03 -5.61 2.69
C GLU A 47 9.40 -5.54 4.15
N GLY A 48 8.45 -5.79 5.00
CA GLY A 48 8.68 -5.69 6.43
C GLY A 48 8.28 -4.34 7.00
N GLN A 49 7.98 -3.40 6.12
CA GLN A 49 7.53 -2.09 6.52
C GLN A 49 6.08 -2.10 6.89
N ASP A 50 5.75 -1.48 7.96
CA ASP A 50 4.38 -1.31 8.32
C ASP A 50 3.95 -0.01 7.76
N VAL A 51 2.88 -0.02 7.05
CA VAL A 51 2.46 1.14 6.35
C VAL A 51 0.97 1.38 6.55
N ILE A 52 0.61 2.60 6.43
CA ILE A 52 -0.73 3.04 6.52
C ILE A 52 -1.09 3.65 5.18
N PHE A 53 -2.22 3.29 4.65
CA PHE A 53 -2.64 3.79 3.36
C PHE A 53 -4.13 3.99 3.35
N ASP A 54 -4.64 4.41 2.24
CA ASP A 54 -6.05 4.56 2.07
C ASP A 54 -6.45 3.75 0.88
N LEU A 55 -7.58 3.15 0.93
CA LEU A 55 -7.98 2.28 -0.12
C LEU A 55 -9.22 2.75 -0.81
N GLU A 56 -9.04 3.04 -2.04
CA GLU A 56 -10.07 3.42 -2.94
C GLU A 56 -10.29 2.22 -3.83
N GLU A 57 -11.49 1.74 -3.87
CA GLU A 57 -11.74 0.52 -4.58
C GLU A 57 -12.15 0.78 -6.01
N LYS A 58 -11.53 0.05 -6.89
CA LYS A 58 -11.71 0.15 -8.30
C LYS A 58 -12.62 -0.98 -8.77
N GLN A 59 -13.93 -0.79 -8.59
CA GLN A 59 -14.97 -1.79 -8.91
C GLN A 59 -14.83 -3.06 -8.03
N GLY A 60 -13.89 -3.91 -8.38
CA GLY A 60 -13.62 -5.10 -7.61
C GLY A 60 -12.15 -5.26 -7.38
N LYS A 61 -11.39 -4.24 -7.74
CA LYS A 61 -9.98 -4.23 -7.57
C LYS A 61 -9.62 -3.21 -6.49
N ALA A 62 -8.51 -3.40 -5.85
CA ALA A 62 -8.11 -2.58 -4.75
C ALA A 62 -6.66 -2.16 -4.90
N TYR A 63 -6.39 -0.88 -4.80
CA TYR A 63 -5.03 -0.39 -4.88
C TYR A 63 -4.74 0.59 -3.75
N ALA A 64 -3.61 0.40 -3.14
CA ALA A 64 -3.17 1.18 -1.99
C ALA A 64 -2.59 2.50 -2.43
N VAL A 65 -3.05 3.56 -1.81
CA VAL A 65 -2.59 4.91 -2.09
C VAL A 65 -2.45 5.69 -0.80
N ASN A 66 -1.80 6.85 -0.91
CA ASN A 66 -1.58 7.76 0.22
C ASN A 66 -0.79 7.06 1.33
N LEU A 67 0.43 6.68 1.01
CA LEU A 67 1.20 5.90 1.94
C LEU A 67 1.84 6.73 3.02
N ARG A 68 1.79 6.18 4.18
CA ARG A 68 2.34 6.71 5.36
C ARG A 68 2.97 5.56 6.12
N ILE A 69 4.16 5.69 6.58
CA ILE A 69 4.75 4.58 7.31
C ILE A 69 4.22 4.60 8.74
N LYS A 70 3.92 3.42 9.24
CA LYS A 70 3.35 3.24 10.55
C LYS A 70 4.36 3.65 11.62
N MET A 1 -14.21 4.98 0.26
CA MET A 1 -12.94 5.38 0.87
C MET A 1 -12.76 4.72 2.22
N ALA A 2 -11.91 3.74 2.30
CA ALA A 2 -11.54 3.17 3.57
C ALA A 2 -10.28 3.90 4.00
N THR A 3 -10.41 4.79 4.95
CA THR A 3 -9.31 5.65 5.32
C THR A 3 -8.53 5.15 6.53
N ASN A 4 -7.22 5.33 6.43
CA ASN A 4 -6.23 5.00 7.46
C ASN A 4 -6.28 3.52 7.82
N ILE A 5 -5.73 2.74 6.96
CA ILE A 5 -5.70 1.31 7.08
C ILE A 5 -4.34 0.84 7.56
N VAL A 6 -4.35 -0.25 8.26
CA VAL A 6 -3.15 -0.87 8.74
C VAL A 6 -2.76 -2.01 7.84
N GLY A 7 -1.51 -2.09 7.53
CA GLY A 7 -0.99 -3.24 6.89
C GLY A 7 0.48 -3.19 6.71
N LYS A 8 1.06 -4.32 6.57
CA LYS A 8 2.46 -4.46 6.40
C LYS A 8 2.79 -4.66 4.94
N VAL A 9 3.86 -4.04 4.51
CA VAL A 9 4.32 -4.15 3.15
C VAL A 9 4.72 -5.58 2.88
N LYS A 10 3.92 -6.26 2.10
CA LYS A 10 4.17 -7.62 1.69
C LYS A 10 5.41 -7.66 0.79
N TRP A 11 5.45 -6.76 -0.15
CA TRP A 11 6.62 -6.52 -1.01
C TRP A 11 6.38 -5.33 -1.88
N TYR A 12 7.43 -4.78 -2.43
CA TYR A 12 7.32 -3.64 -3.33
C TYR A 12 8.49 -3.59 -4.28
N ASN A 13 8.20 -3.62 -5.55
CA ASN A 13 9.20 -3.47 -6.57
C ASN A 13 8.92 -2.27 -7.38
N SER A 14 9.72 -1.26 -7.15
CA SER A 14 9.65 0.00 -7.84
C SER A 14 9.74 -0.18 -9.35
N THR A 15 10.45 -1.22 -9.76
CA THR A 15 10.64 -1.60 -11.14
C THR A 15 9.29 -1.93 -11.81
N LYS A 16 8.38 -2.51 -11.04
CA LYS A 16 7.07 -2.86 -11.56
C LYS A 16 6.07 -1.78 -11.22
N ASN A 17 6.52 -0.82 -10.43
CA ASN A 17 5.73 0.32 -9.96
C ASN A 17 4.58 -0.13 -9.06
N PHE A 18 4.71 -1.32 -8.46
CA PHE A 18 3.68 -1.81 -7.55
C PHE A 18 4.25 -2.85 -6.59
N GLY A 19 3.42 -3.25 -5.68
CA GLY A 19 3.74 -4.24 -4.71
C GLY A 19 2.48 -4.65 -4.03
N PHE A 20 2.60 -5.33 -2.91
CA PHE A 20 1.45 -5.76 -2.16
C PHE A 20 1.60 -5.43 -0.71
N ILE A 21 0.48 -5.26 -0.05
CA ILE A 21 0.42 -4.91 1.36
C ILE A 21 -0.75 -5.64 2.01
N GLU A 22 -0.54 -6.24 3.17
CA GLU A 22 -1.64 -6.78 3.95
C GLU A 22 -1.29 -6.59 5.39
N GLN A 23 -2.26 -6.46 6.25
CA GLN A 23 -1.91 -6.36 7.64
C GLN A 23 -1.77 -7.73 8.20
N ASP A 24 -0.94 -7.83 9.21
CA ASP A 24 -0.67 -9.09 9.89
C ASP A 24 -1.93 -9.72 10.42
N ASN A 25 -2.92 -8.89 10.72
CA ASN A 25 -4.20 -9.37 11.26
C ASN A 25 -5.06 -10.00 10.17
N GLY A 26 -4.54 -10.06 8.95
CA GLY A 26 -5.28 -10.67 7.88
C GLY A 26 -6.01 -9.66 7.05
N GLY A 27 -5.29 -8.66 6.60
CA GLY A 27 -5.91 -7.65 5.77
C GLY A 27 -6.04 -8.13 4.34
N LYS A 28 -6.77 -7.38 3.53
CA LYS A 28 -6.98 -7.75 2.13
C LYS A 28 -5.70 -7.71 1.34
N ASP A 29 -5.65 -8.48 0.28
CA ASP A 29 -4.51 -8.42 -0.62
C ASP A 29 -4.65 -7.23 -1.50
N VAL A 30 -4.13 -6.14 -1.04
CA VAL A 30 -4.20 -4.93 -1.77
C VAL A 30 -2.84 -4.62 -2.38
N PHE A 31 -2.84 -4.21 -3.63
CA PHE A 31 -1.62 -3.88 -4.27
C PHE A 31 -1.35 -2.41 -4.14
N VAL A 32 -0.14 -2.07 -3.91
CA VAL A 32 0.21 -0.69 -3.76
C VAL A 32 0.67 -0.14 -5.10
N HIS A 33 0.01 0.90 -5.55
CA HIS A 33 0.34 1.50 -6.81
C HIS A 33 1.23 2.71 -6.60
N LYS A 34 2.23 2.86 -7.45
CA LYS A 34 3.26 3.88 -7.32
C LYS A 34 2.75 5.32 -7.28
N SER A 35 1.62 5.60 -7.89
CA SER A 35 1.03 6.95 -7.81
C SER A 35 0.86 7.39 -6.34
N ALA A 36 0.72 6.42 -5.43
CA ALA A 36 0.61 6.72 -4.02
C ALA A 36 1.95 7.13 -3.45
N VAL A 37 3.02 6.47 -3.91
CA VAL A 37 4.37 6.84 -3.53
C VAL A 37 4.60 8.24 -3.95
N ASP A 38 4.36 8.51 -5.21
CA ASP A 38 4.58 9.83 -5.78
C ASP A 38 3.65 10.89 -5.24
N ALA A 39 2.51 10.47 -4.70
CA ALA A 39 1.56 11.43 -4.12
C ALA A 39 2.18 12.17 -2.94
N ALA A 40 3.08 11.50 -2.26
CA ALA A 40 3.77 12.08 -1.10
C ALA A 40 5.28 12.04 -1.32
N GLY A 41 5.68 11.37 -2.37
CA GLY A 41 7.07 11.08 -2.63
C GLY A 41 7.66 10.32 -1.48
N LEU A 42 7.04 9.20 -1.18
CA LEU A 42 7.42 8.35 -0.09
C LEU A 42 8.82 7.83 -0.39
N HIS A 43 9.71 7.94 0.57
CA HIS A 43 11.13 7.63 0.37
C HIS A 43 11.37 6.22 -0.21
N SER A 44 10.88 5.20 0.47
CA SER A 44 11.12 3.82 0.06
C SER A 44 10.14 2.89 0.76
N LEU A 45 9.84 1.79 0.11
CA LEU A 45 9.00 0.76 0.69
C LEU A 45 9.77 -0.53 0.67
N GLU A 46 9.62 -1.29 1.70
CA GLU A 46 10.30 -2.55 1.83
C GLU A 46 9.50 -3.49 2.69
N GLU A 47 9.68 -4.77 2.47
CA GLU A 47 9.05 -5.79 3.20
C GLU A 47 9.47 -5.67 4.66
N GLY A 48 8.53 -5.77 5.54
CA GLY A 48 8.80 -5.65 6.95
C GLY A 48 8.35 -4.31 7.49
N GLN A 49 8.06 -3.37 6.61
CA GLN A 49 7.55 -2.09 7.01
C GLN A 49 6.06 -2.13 7.17
N ASP A 50 5.59 -1.59 8.25
CA ASP A 50 4.18 -1.45 8.43
C ASP A 50 3.78 -0.15 7.85
N VAL A 51 2.71 -0.13 7.14
CA VAL A 51 2.31 1.04 6.45
C VAL A 51 0.83 1.31 6.62
N ILE A 52 0.50 2.55 6.54
CA ILE A 52 -0.82 3.04 6.67
C ILE A 52 -1.22 3.59 5.32
N PHE A 53 -2.38 3.25 4.85
CA PHE A 53 -2.85 3.70 3.56
C PHE A 53 -4.33 3.83 3.55
N ASP A 54 -4.87 4.28 2.46
CA ASP A 54 -6.28 4.32 2.27
C ASP A 54 -6.59 3.38 1.15
N LEU A 55 -7.77 2.89 1.11
CA LEU A 55 -8.14 1.96 0.10
C LEU A 55 -9.54 2.21 -0.39
N GLU A 56 -9.68 2.14 -1.65
CA GLU A 56 -10.92 2.22 -2.31
C GLU A 56 -10.79 1.37 -3.54
N GLU A 57 -11.83 0.73 -3.92
CA GLU A 57 -11.75 -0.24 -4.96
C GLU A 57 -11.86 0.34 -6.36
N LYS A 58 -10.90 -0.03 -7.17
CA LYS A 58 -10.78 0.42 -8.53
C LYS A 58 -11.66 -0.46 -9.42
N GLN A 59 -12.98 -0.28 -9.27
CA GLN A 59 -14.00 -0.96 -10.07
C GLN A 59 -13.84 -2.51 -9.98
N GLY A 60 -13.24 -2.97 -8.90
CA GLY A 60 -13.00 -4.38 -8.72
C GLY A 60 -11.63 -4.64 -8.15
N LYS A 61 -10.67 -3.82 -8.57
CA LYS A 61 -9.30 -3.95 -8.09
C LYS A 61 -9.14 -3.23 -6.77
N ALA A 62 -8.08 -3.49 -6.06
CA ALA A 62 -7.83 -2.85 -4.79
C ALA A 62 -6.41 -2.36 -4.73
N TYR A 63 -6.23 -1.05 -4.70
CA TYR A 63 -4.90 -0.50 -4.63
C TYR A 63 -4.75 0.47 -3.47
N ALA A 64 -3.63 0.35 -2.81
CA ALA A 64 -3.31 1.15 -1.65
C ALA A 64 -2.81 2.51 -2.07
N VAL A 65 -3.35 3.53 -1.45
CA VAL A 65 -3.01 4.91 -1.72
C VAL A 65 -2.83 5.67 -0.43
N ASN A 66 -2.29 6.88 -0.51
CA ASN A 66 -2.05 7.76 0.66
C ASN A 66 -1.23 7.03 1.72
N LEU A 67 -0.01 6.71 1.35
CA LEU A 67 0.83 5.92 2.20
C LEU A 67 1.50 6.75 3.25
N ARG A 68 1.69 6.15 4.37
CA ARG A 68 2.40 6.71 5.47
C ARG A 68 2.99 5.53 6.21
N ILE A 69 4.25 5.56 6.52
CA ILE A 69 4.85 4.42 7.18
C ILE A 69 4.59 4.51 8.68
N LYS A 70 4.42 3.38 9.27
CA LYS A 70 4.29 3.25 10.69
C LYS A 70 5.70 3.41 11.30
N MET A 1 -14.68 4.31 -0.75
CA MET A 1 -13.31 4.50 -0.27
C MET A 1 -13.19 4.04 1.17
N ALA A 2 -11.97 3.86 1.61
CA ALA A 2 -11.67 3.52 2.99
C ALA A 2 -10.43 4.30 3.38
N THR A 3 -10.44 4.94 4.53
CA THR A 3 -9.33 5.78 4.93
C THR A 3 -8.68 5.27 6.22
N ASN A 4 -7.36 5.51 6.34
CA ASN A 4 -6.55 5.12 7.51
C ASN A 4 -6.63 3.63 7.75
N ILE A 5 -5.92 2.91 6.95
CA ILE A 5 -5.91 1.48 7.00
C ILE A 5 -4.60 0.98 7.57
N VAL A 6 -4.63 -0.19 8.14
CA VAL A 6 -3.46 -0.85 8.63
C VAL A 6 -3.06 -1.93 7.69
N GLY A 7 -1.83 -1.90 7.34
CA GLY A 7 -1.29 -2.96 6.60
C GLY A 7 0.18 -2.99 6.74
N LYS A 8 0.77 -4.00 6.25
CA LYS A 8 2.19 -4.12 6.18
C LYS A 8 2.58 -4.40 4.75
N VAL A 9 3.65 -3.80 4.30
CA VAL A 9 4.15 -4.00 2.97
C VAL A 9 4.41 -5.48 2.72
N LYS A 10 3.62 -6.04 1.85
CA LYS A 10 3.65 -7.44 1.54
C LYS A 10 4.81 -7.70 0.58
N TRP A 11 4.94 -6.83 -0.39
CA TRP A 11 6.07 -6.79 -1.32
C TRP A 11 5.93 -5.60 -2.22
N TYR A 12 7.01 -5.19 -2.81
CA TYR A 12 7.01 -4.09 -3.73
C TYR A 12 8.17 -4.20 -4.69
N ASN A 13 7.87 -4.23 -5.96
CA ASN A 13 8.89 -4.26 -6.98
C ASN A 13 8.98 -2.91 -7.62
N SER A 14 10.00 -2.18 -7.26
CA SER A 14 10.20 -0.82 -7.72
C SER A 14 10.42 -0.74 -9.23
N THR A 15 10.85 -1.83 -9.81
CA THR A 15 11.08 -1.90 -11.24
C THR A 15 9.73 -1.81 -11.99
N LYS A 16 8.65 -2.27 -11.36
CA LYS A 16 7.33 -2.21 -11.98
C LYS A 16 6.45 -1.19 -11.26
N ASN A 17 6.95 -0.69 -10.12
CA ASN A 17 6.23 0.25 -9.26
C ASN A 17 4.90 -0.31 -8.75
N PHE A 18 4.83 -1.62 -8.67
CA PHE A 18 3.68 -2.30 -8.12
C PHE A 18 4.11 -3.21 -6.99
N GLY A 19 3.21 -3.45 -6.11
CA GLY A 19 3.44 -4.32 -5.02
C GLY A 19 2.15 -4.59 -4.31
N PHE A 20 2.22 -5.20 -3.17
CA PHE A 20 1.05 -5.48 -2.37
C PHE A 20 1.27 -5.14 -0.93
N ILE A 21 0.19 -5.07 -0.22
CA ILE A 21 0.16 -4.75 1.17
C ILE A 21 -0.96 -5.55 1.83
N GLU A 22 -0.68 -6.13 2.96
CA GLU A 22 -1.69 -6.79 3.77
C GLU A 22 -1.31 -6.52 5.18
N GLN A 23 -2.25 -6.37 6.06
CA GLN A 23 -1.86 -6.15 7.41
C GLN A 23 -1.32 -7.41 7.98
N ASP A 24 -0.35 -7.24 8.82
CA ASP A 24 0.35 -8.35 9.48
C ASP A 24 -0.64 -9.28 10.19
N ASN A 25 -1.78 -8.72 10.56
CA ASN A 25 -2.85 -9.46 11.26
C ASN A 25 -3.65 -10.36 10.31
N GLY A 26 -3.26 -10.42 9.05
CA GLY A 26 -3.95 -11.28 8.11
C GLY A 26 -5.16 -10.62 7.50
N GLY A 27 -4.97 -9.43 6.97
CA GLY A 27 -6.09 -8.69 6.40
C GLY A 27 -6.32 -9.00 4.93
N LYS A 28 -6.70 -8.00 4.18
CA LYS A 28 -6.98 -8.14 2.77
C LYS A 28 -5.75 -7.82 1.95
N ASP A 29 -5.75 -8.22 0.70
CA ASP A 29 -4.62 -7.97 -0.17
C ASP A 29 -4.95 -6.79 -1.05
N VAL A 30 -4.26 -5.73 -0.85
CA VAL A 30 -4.42 -4.54 -1.64
C VAL A 30 -3.11 -4.23 -2.32
N PHE A 31 -3.15 -3.82 -3.60
CA PHE A 31 -1.91 -3.57 -4.29
C PHE A 31 -1.51 -2.13 -4.13
N VAL A 32 -0.24 -1.90 -4.11
CA VAL A 32 0.27 -0.58 -3.96
C VAL A 32 0.98 -0.18 -5.25
N HIS A 33 0.85 1.05 -5.61
CA HIS A 33 1.47 1.57 -6.79
C HIS A 33 2.20 2.85 -6.42
N LYS A 34 3.15 3.24 -7.25
CA LYS A 34 3.95 4.42 -6.97
C LYS A 34 3.11 5.69 -7.01
N SER A 35 1.92 5.61 -7.56
CA SER A 35 0.96 6.72 -7.54
C SER A 35 0.75 7.22 -6.10
N ALA A 36 0.81 6.31 -5.14
CA ALA A 36 0.67 6.69 -3.75
C ALA A 36 1.92 7.38 -3.25
N VAL A 37 3.08 6.89 -3.70
CA VAL A 37 4.35 7.50 -3.35
C VAL A 37 4.42 8.86 -4.02
N ASP A 38 3.86 8.93 -5.19
CA ASP A 38 3.80 10.16 -5.96
C ASP A 38 2.94 11.19 -5.27
N ALA A 39 1.89 10.72 -4.60
CA ALA A 39 1.01 11.62 -3.88
C ALA A 39 1.58 12.04 -2.52
N ALA A 40 2.04 11.06 -1.74
CA ALA A 40 2.50 11.34 -0.37
C ALA A 40 4.00 11.62 -0.29
N GLY A 41 4.75 11.16 -1.25
CA GLY A 41 6.21 11.30 -1.25
C GLY A 41 6.85 10.42 -0.21
N LEU A 42 6.66 9.15 -0.39
CA LEU A 42 7.14 8.15 0.53
C LEU A 42 8.59 7.80 0.09
N HIS A 43 9.45 7.45 1.02
CA HIS A 43 10.84 7.12 0.67
C HIS A 43 10.93 5.82 -0.14
N SER A 44 10.50 4.74 0.46
CA SER A 44 10.61 3.44 -0.19
C SER A 44 9.68 2.46 0.50
N LEU A 45 9.45 1.35 -0.14
CA LEU A 45 8.64 0.31 0.44
C LEU A 45 9.39 -0.97 0.40
N GLU A 46 9.32 -1.68 1.45
CA GLU A 46 9.95 -2.95 1.59
C GLU A 46 9.20 -3.78 2.63
N GLU A 47 9.17 -5.10 2.39
CA GLU A 47 8.47 -6.04 3.23
C GLU A 47 8.96 -5.91 4.66
N GLY A 48 8.02 -5.84 5.56
CA GLY A 48 8.34 -5.67 6.95
C GLY A 48 7.79 -4.36 7.49
N GLN A 49 7.63 -3.40 6.62
CA GLN A 49 7.11 -2.11 7.00
C GLN A 49 5.62 -2.07 7.14
N ASP A 50 5.17 -1.79 8.35
CA ASP A 50 3.77 -1.53 8.58
C ASP A 50 3.48 -0.20 7.95
N VAL A 51 2.45 -0.13 7.21
CA VAL A 51 2.16 1.04 6.47
C VAL A 51 0.70 1.43 6.64
N ILE A 52 0.49 2.69 6.62
CA ILE A 52 -0.80 3.29 6.80
C ILE A 52 -1.18 3.91 5.47
N PHE A 53 -2.34 3.57 4.98
CA PHE A 53 -2.75 4.08 3.69
C PHE A 53 -4.25 4.26 3.64
N ASP A 54 -4.72 4.74 2.52
CA ASP A 54 -6.12 4.82 2.26
C ASP A 54 -6.36 3.89 1.11
N LEU A 55 -7.57 3.52 0.90
CA LEU A 55 -7.86 2.58 -0.14
C LEU A 55 -8.98 3.03 -1.02
N GLU A 56 -8.69 2.99 -2.28
CA GLU A 56 -9.62 3.29 -3.33
C GLU A 56 -9.82 2.04 -4.17
N GLU A 57 -11.00 1.88 -4.68
CA GLU A 57 -11.39 0.68 -5.38
C GLU A 57 -11.18 0.80 -6.87
N LYS A 58 -10.66 -0.24 -7.46
CA LYS A 58 -10.50 -0.32 -8.88
C LYS A 58 -11.35 -1.45 -9.41
N GLN A 59 -12.67 -1.20 -9.44
CA GLN A 59 -13.70 -2.15 -9.89
C GLN A 59 -13.80 -3.38 -8.95
N GLY A 60 -12.82 -4.24 -9.01
CA GLY A 60 -12.77 -5.38 -8.15
C GLY A 60 -11.42 -5.52 -7.51
N LYS A 61 -10.54 -4.62 -7.85
CA LYS A 61 -9.21 -4.60 -7.30
C LYS A 61 -9.12 -3.49 -6.28
N ALA A 62 -8.10 -3.53 -5.50
CA ALA A 62 -7.92 -2.58 -4.45
C ALA A 62 -6.53 -2.00 -4.52
N TYR A 63 -6.42 -0.67 -4.54
CA TYR A 63 -5.11 -0.02 -4.59
C TYR A 63 -4.88 0.93 -3.43
N ALA A 64 -3.77 0.74 -2.78
CA ALA A 64 -3.35 1.51 -1.64
C ALA A 64 -2.81 2.84 -2.08
N VAL A 65 -3.30 3.87 -1.45
CA VAL A 65 -2.93 5.23 -1.76
C VAL A 65 -2.68 5.97 -0.46
N ASN A 66 -2.12 7.17 -0.55
CA ASN A 66 -1.82 8.00 0.64
C ASN A 66 -0.99 7.21 1.65
N LEU A 67 0.20 6.84 1.27
CA LEU A 67 1.00 6.01 2.12
C LEU A 67 1.74 6.81 3.17
N ARG A 68 1.90 6.17 4.30
CA ARG A 68 2.67 6.69 5.39
C ARG A 68 3.24 5.47 6.08
N ILE A 69 4.50 5.44 6.34
CA ILE A 69 5.07 4.26 6.95
C ILE A 69 5.24 4.38 8.44
N LYS A 70 5.12 3.27 9.11
CA LYS A 70 5.40 3.18 10.51
C LYS A 70 6.92 3.22 10.74
#